data_4Q42
#
_entry.id   4Q42
#
_cell.length_a   178.447
_cell.length_b   178.447
_cell.length_c   178.447
_cell.angle_alpha   90.00
_cell.angle_beta   90.00
_cell.angle_gamma   90.00
#
_symmetry.space_group_name_H-M   'P 21 3'
#
loop_
_entity.id
_entity.type
_entity.pdbx_description
1 polymer Arginase
2 non-polymer 'MANGANESE (II) ION'
3 non-polymer L-ornithine
4 non-polymer GLYCEROL
5 water water
#
_entity_poly.entity_id   1
_entity_poly.type   'polypeptide(L)'
_entity_poly.pdbx_seq_one_letter_code
;MGSSHHHHHHSSGLVPRGSHMMLKSVATPYYPIQDEKPKLLYTSANFLGIPTNRGQPKIGTYQGPELIRKSNFFQLVAED
GIQLTDCGDIIPVELNEAEDPQRFGMKWSRSFSLTTLRIAERVEELMKQSNKHTVELSGSKSTPLVIVGGDHSMATGTIL
GHAEAKPDLCVLWIDAHGDINTPLNSASGNMHGMPLSFLVKELQDQIPWLDDFEGIKPCLNASNIAYIGLRDLDAHETHD
IRKHGIAYFTMLDVDRMGIEAVIKEALLAVNPRLEKAIHLSFDIDALDPLVAPSTGTAVPGGLTLREGLRICEEVSATGK
LSVVELAELNPLLGSQEDVLKTQSSAVHILRACLGHCRSGHLPFKVRNLTDQGIMSRAAHMQTKQ
;
_entity_poly.pdbx_strand_id   A,B,C,D
#
# COMPACT_ATOMS: atom_id res chain seq x y z
N LYS A 39 -23.65 -19.40 12.27
CA LYS A 39 -25.05 -19.71 11.97
C LYS A 39 -25.97 -18.64 12.55
N LEU A 40 -25.46 -17.91 13.53
CA LEU A 40 -26.16 -16.73 14.03
C LEU A 40 -25.26 -15.53 13.86
N LEU A 41 -25.83 -14.43 13.39
CA LEU A 41 -25.08 -13.18 13.27
C LEU A 41 -24.74 -12.62 14.64
N TYR A 42 -25.68 -12.73 15.58
CA TYR A 42 -25.49 -12.27 16.95
C TYR A 42 -25.82 -13.41 17.89
N THR A 43 -24.85 -13.86 18.68
CA THR A 43 -25.07 -14.97 19.60
C THR A 43 -25.38 -14.50 21.02
N SER A 44 -25.09 -13.25 21.31
CA SER A 44 -25.51 -12.68 22.59
C SER A 44 -25.99 -11.24 22.40
N ALA A 45 -26.76 -10.76 23.37
CA ALA A 45 -27.27 -9.39 23.35
C ALA A 45 -27.45 -8.92 24.77
N ASN A 46 -27.49 -7.61 24.96
CA ASN A 46 -27.84 -7.03 26.26
C ASN A 46 -29.22 -6.38 26.18
N PHE A 47 -29.91 -6.31 27.32
CA PHE A 47 -31.23 -5.70 27.42
C PHE A 47 -31.20 -4.65 28.53
N LEU A 48 -31.78 -3.48 28.25
CA LEU A 48 -31.75 -2.36 29.17
C LEU A 48 -33.09 -1.63 29.10
N GLY A 49 -33.67 -1.34 30.26
CA GLY A 49 -34.89 -0.55 30.33
C GLY A 49 -34.56 0.90 30.62
N ILE A 50 -35.32 1.81 30.03
CA ILE A 50 -35.18 3.22 30.33
C ILE A 50 -36.58 3.82 30.44
N PRO A 51 -37.10 3.92 31.68
CA PRO A 51 -38.50 4.31 31.86
C PRO A 51 -38.75 5.83 31.84
N THR A 52 -38.22 6.54 30.87
CA THR A 52 -38.48 7.97 30.74
C THR A 52 -39.98 8.27 30.60
N ASN A 53 -40.43 9.32 31.28
CA ASN A 53 -41.83 9.75 31.22
C ASN A 53 -41.92 11.27 31.39
N ARG A 54 -40.78 11.94 31.52
CA ARG A 54 -40.76 13.41 31.57
C ARG A 54 -40.58 14.08 30.22
N GLY A 55 -40.59 13.29 29.15
CA GLY A 55 -40.48 13.81 27.80
C GLY A 55 -41.83 14.15 27.19
N GLN A 56 -42.90 13.70 27.83
CA GLN A 56 -44.25 13.96 27.31
C GLN A 56 -45.24 13.82 28.46
N PRO A 57 -46.44 14.40 28.31
CA PRO A 57 -47.37 14.59 29.45
C PRO A 57 -48.14 13.36 29.91
N LYS A 58 -48.26 12.32 29.08
CA LYS A 58 -49.11 11.19 29.43
C LYS A 58 -48.38 10.17 30.31
N ILE A 59 -48.88 9.98 31.53
CA ILE A 59 -48.29 9.01 32.44
C ILE A 59 -48.43 7.58 31.87
N GLY A 60 -47.36 6.81 31.93
CA GLY A 60 -47.42 5.42 31.53
C GLY A 60 -46.27 4.89 30.70
N THR A 61 -45.50 5.77 30.07
CA THR A 61 -44.35 5.29 29.31
C THR A 61 -43.32 4.67 30.25
N TYR A 62 -43.38 5.01 31.53
CA TYR A 62 -42.43 4.44 32.50
C TYR A 62 -42.68 2.94 32.68
N GLN A 63 -43.84 2.47 32.22
CA GLN A 63 -44.17 1.05 32.33
C GLN A 63 -43.78 0.25 31.08
N GLY A 64 -43.17 0.91 30.10
CA GLY A 64 -42.77 0.26 28.87
C GLY A 64 -41.83 -0.92 29.10
N PRO A 65 -40.74 -0.70 29.84
CA PRO A 65 -39.80 -1.81 30.02
C PRO A 65 -40.46 -3.05 30.63
N GLU A 66 -41.34 -2.86 31.61
CA GLU A 66 -42.04 -3.97 32.25
C GLU A 66 -43.02 -4.67 31.31
N LEU A 67 -43.61 -3.93 30.37
CA LEU A 67 -44.50 -4.56 29.40
C LEU A 67 -43.76 -5.62 28.61
N ILE A 68 -42.48 -5.36 28.32
CA ILE A 68 -41.66 -6.32 27.59
C ILE A 68 -41.09 -7.45 28.48
N ARG A 69 -40.71 -7.12 29.71
CA ARG A 69 -40.23 -8.15 30.64
C ARG A 69 -41.33 -9.17 30.96
N LYS A 70 -42.56 -8.69 31.01
CA LYS A 70 -43.71 -9.53 31.34
C LYS A 70 -44.16 -10.42 30.18
N SER A 71 -43.72 -10.09 28.97
CA SER A 71 -44.06 -10.87 27.78
C SER A 71 -43.17 -12.10 27.71
N ASN A 72 -43.31 -12.88 26.64
CA ASN A 72 -42.45 -14.05 26.43
C ASN A 72 -41.19 -13.75 25.61
N PHE A 73 -40.86 -12.47 25.48
CA PHE A 73 -39.71 -12.04 24.69
C PHE A 73 -38.41 -12.77 25.05
N PHE A 74 -38.04 -12.74 26.34
CA PHE A 74 -36.81 -13.43 26.77
C PHE A 74 -36.81 -14.93 26.42
N GLN A 75 -37.92 -15.59 26.72
CA GLN A 75 -38.06 -17.01 26.38
C GLN A 75 -37.86 -17.25 24.89
N LEU A 76 -38.52 -16.44 24.05
CA LEU A 76 -38.46 -16.63 22.61
C LEU A 76 -37.07 -16.41 22.05
N VAL A 77 -36.36 -15.44 22.61
CA VAL A 77 -34.99 -15.13 22.21
C VAL A 77 -34.05 -16.31 22.54
N ALA A 78 -34.20 -16.86 23.75
CA ALA A 78 -33.39 -18.01 24.14
C ALA A 78 -33.65 -19.20 23.22
N GLU A 79 -34.91 -19.39 22.83
CA GLU A 79 -35.27 -20.51 21.96
C GLU A 79 -34.62 -20.41 20.57
N ASP A 80 -34.23 -19.21 20.17
CA ASP A 80 -33.48 -19.03 18.92
C ASP A 80 -31.97 -19.20 19.13
N GLY A 81 -31.55 -19.42 20.37
CA GLY A 81 -30.15 -19.69 20.65
C GLY A 81 -29.31 -18.48 21.03
N ILE A 82 -29.97 -17.35 21.28
CA ILE A 82 -29.28 -16.14 21.68
C ILE A 82 -29.23 -16.01 23.21
N GLN A 83 -28.05 -15.68 23.72
CA GLN A 83 -27.87 -15.44 25.15
C GLN A 83 -28.14 -13.97 25.45
N LEU A 84 -29.27 -13.68 26.09
CA LEU A 84 -29.69 -12.32 26.37
C LEU A 84 -29.54 -12.00 27.85
N THR A 85 -28.74 -10.98 28.17
CA THR A 85 -28.50 -10.57 29.55
C THR A 85 -29.31 -9.34 29.93
N ASP A 86 -30.15 -9.46 30.96
CA ASP A 86 -30.91 -8.32 31.46
C ASP A 86 -30.03 -7.39 32.31
N CYS A 87 -29.70 -6.24 31.75
CA CYS A 87 -28.83 -5.28 32.43
C CYS A 87 -29.59 -4.31 33.34
N GLY A 88 -30.87 -4.56 33.55
CA GLY A 88 -31.66 -3.74 34.47
C GLY A 88 -32.23 -2.48 33.83
N ASP A 89 -32.53 -1.49 34.66
CA ASP A 89 -33.14 -0.24 34.21
C ASP A 89 -32.23 0.93 34.57
N ILE A 90 -32.23 1.96 33.74
CA ILE A 90 -31.69 3.24 34.14
C ILE A 90 -32.76 3.98 34.95
N ILE A 91 -32.36 4.67 36.01
CA ILE A 91 -33.29 5.48 36.79
C ILE A 91 -33.26 6.90 36.25
N PRO A 92 -34.38 7.36 35.68
CA PRO A 92 -34.35 8.74 35.16
C PRO A 92 -34.29 9.72 36.32
N VAL A 93 -33.73 10.90 36.06
CA VAL A 93 -33.79 11.98 37.04
C VAL A 93 -35.07 12.76 36.84
N GLU A 94 -35.91 12.78 37.87
CA GLU A 94 -37.20 13.47 37.81
C GLU A 94 -37.25 14.53 38.91
N LEU A 95 -37.00 15.78 38.53
CA LEU A 95 -36.98 16.89 39.48
C LEU A 95 -38.39 17.35 39.75
N ASN A 96 -38.58 18.11 40.83
CA ASN A 96 -39.90 18.69 41.07
C ASN A 96 -40.05 20.00 40.32
N GLU A 97 -41.26 20.52 40.25
CA GLU A 97 -41.53 21.70 39.44
C GLU A 97 -40.66 22.90 39.83
N ALA A 98 -40.43 23.05 41.14
CA ALA A 98 -39.66 24.20 41.63
C ALA A 98 -38.23 24.17 41.15
N GLU A 99 -37.65 22.98 41.10
CA GLU A 99 -36.27 22.81 40.64
C GLU A 99 -36.13 22.86 39.11
N ASP A 100 -37.25 22.74 38.39
CA ASP A 100 -37.17 22.54 36.93
C ASP A 100 -38.28 23.35 36.27
N PRO A 101 -38.18 24.70 36.33
CA PRO A 101 -39.18 25.53 35.67
C PRO A 101 -38.98 25.52 34.15
N GLN A 102 -39.98 25.98 33.41
CA GLN A 102 -39.84 26.09 31.97
C GLN A 102 -38.66 26.99 31.64
N ARG A 103 -37.92 26.60 30.62
CA ARG A 103 -36.86 27.44 30.08
C ARG A 103 -36.92 27.34 28.57
N PHE A 104 -37.04 28.50 27.92
CA PHE A 104 -37.22 28.56 26.48
C PHE A 104 -38.40 27.71 26.06
N GLY A 105 -39.41 27.68 26.93
CA GLY A 105 -40.66 26.97 26.64
C GLY A 105 -40.58 25.45 26.83
N MET A 106 -39.38 24.95 27.10
CA MET A 106 -39.19 23.51 27.32
C MET A 106 -39.75 23.07 28.67
N LYS A 107 -40.44 21.94 28.67
CA LYS A 107 -40.96 21.36 29.90
C LYS A 107 -40.02 20.30 30.44
N TRP A 108 -39.62 20.47 31.70
CA TRP A 108 -38.75 19.52 32.37
C TRP A 108 -37.38 19.42 31.69
N SER A 109 -36.84 20.55 31.26
CA SER A 109 -35.55 20.54 30.56
C SER A 109 -34.32 20.15 31.41
N ARG A 110 -34.35 20.40 32.72
CA ARG A 110 -33.20 20.04 33.55
C ARG A 110 -33.27 18.56 33.95
N SER A 111 -34.49 18.07 34.17
CA SER A 111 -34.70 16.63 34.29
C SER A 111 -34.12 15.94 33.05
N PHE A 112 -34.35 16.55 31.88
CA PHE A 112 -33.88 16.00 30.60
C PHE A 112 -32.35 15.99 30.49
N SER A 113 -31.70 17.11 30.80
CA SER A 113 -30.25 17.19 30.65
C SER A 113 -29.54 16.23 31.61
N LEU A 114 -30.01 16.16 32.85
CA LEU A 114 -29.43 15.25 33.84
C LEU A 114 -29.69 13.78 33.46
N THR A 115 -30.91 13.49 33.01
CA THR A 115 -31.24 12.14 32.58
C THR A 115 -30.42 11.76 31.36
N THR A 116 -30.27 12.69 30.42
CA THR A 116 -29.49 12.44 29.21
C THR A 116 -28.07 11.99 29.53
N LEU A 117 -27.43 12.69 30.46
CA LEU A 117 -26.06 12.37 30.85
C LEU A 117 -25.98 11.04 31.59
N ARG A 118 -26.94 10.76 32.47
CA ARG A 118 -26.98 9.45 33.14
C ARG A 118 -27.14 8.30 32.14
N ILE A 119 -28.05 8.46 31.19
CA ILE A 119 -28.26 7.46 30.15
C ILE A 119 -26.97 7.23 29.35
N ALA A 120 -26.38 8.31 28.85
CA ALA A 120 -25.18 8.23 28.03
C ALA A 120 -24.03 7.50 28.74
N GLU A 121 -23.86 7.78 30.03
CA GLU A 121 -22.78 7.13 30.76
C GLU A 121 -22.97 5.63 30.80
N ARG A 122 -24.19 5.19 31.07
CA ARG A 122 -24.52 3.78 31.17
C ARG A 122 -24.41 3.05 29.82
N VAL A 123 -24.96 3.66 28.77
CA VAL A 123 -24.87 3.10 27.44
C VAL A 123 -23.42 3.02 26.95
N GLU A 124 -22.64 4.06 27.21
CA GLU A 124 -21.23 4.04 26.81
C GLU A 124 -20.50 2.87 27.49
N GLU A 125 -20.73 2.73 28.80
CA GLU A 125 -20.18 1.63 29.58
C GLU A 125 -20.48 0.27 28.96
N LEU A 126 -21.75 0.06 28.64
CA LEU A 126 -22.19 -1.20 28.05
C LEU A 126 -21.57 -1.48 26.70
N MET A 127 -21.53 -0.47 25.83
CA MET A 127 -21.03 -0.66 24.48
C MET A 127 -19.51 -0.87 24.47
N LYS A 128 -18.82 -0.36 25.47
CA LYS A 128 -17.36 -0.49 25.51
C LYS A 128 -16.92 -1.83 26.10
N GLN A 129 -17.70 -2.38 27.01
CA GLN A 129 -17.42 -3.72 27.51
C GLN A 129 -17.69 -4.71 26.38
N SER A 130 -18.47 -4.28 25.40
CA SER A 130 -18.83 -5.10 24.25
C SER A 130 -17.85 -4.88 23.10
N ASN A 131 -17.06 -3.81 23.18
CA ASN A 131 -16.02 -3.54 22.21
C ASN A 131 -14.83 -4.46 22.41
N LYS A 141 -18.65 -11.90 16.47
CA LYS A 141 -20.05 -11.51 16.50
C LYS A 141 -20.26 -10.45 17.57
N SER A 142 -20.46 -9.20 17.15
CA SER A 142 -20.70 -8.09 18.07
C SER A 142 -21.94 -8.37 18.92
N THR A 143 -22.05 -7.64 20.03
CA THR A 143 -23.13 -7.84 20.99
C THR A 143 -24.08 -6.63 21.00
N PRO A 144 -25.23 -6.76 20.32
CA PRO A 144 -26.21 -5.67 20.22
C PRO A 144 -26.83 -5.34 21.58
N LEU A 145 -27.14 -4.07 21.78
CA LEU A 145 -27.83 -3.66 22.98
C LEU A 145 -29.27 -3.35 22.60
N VAL A 146 -30.20 -4.00 23.30
CA VAL A 146 -31.62 -3.76 23.09
C VAL A 146 -32.14 -2.86 24.21
N ILE A 147 -32.69 -1.71 23.86
CA ILE A 147 -33.20 -0.76 24.83
C ILE A 147 -34.70 -0.59 24.70
N VAL A 148 -35.42 -0.74 25.80
CA VAL A 148 -36.87 -0.51 25.79
C VAL A 148 -37.22 0.73 26.62
N GLY A 149 -37.93 1.68 26.02
CA GLY A 149 -38.38 2.87 26.73
C GLY A 149 -39.75 2.68 27.35
N GLY A 150 -40.32 3.74 27.93
CA GLY A 150 -39.71 5.05 27.96
C GLY A 150 -40.09 5.89 26.76
N ASP A 151 -40.36 7.17 26.97
CA ASP A 151 -40.70 8.05 25.86
C ASP A 151 -39.43 8.38 25.06
N HIS A 152 -39.60 8.90 23.84
CA HIS A 152 -38.48 9.03 22.91
C HIS A 152 -37.40 10.07 23.29
N SER A 153 -37.62 10.85 24.34
CA SER A 153 -36.59 11.80 24.78
C SER A 153 -35.31 11.07 25.20
N MET A 154 -35.43 9.79 25.53
CA MET A 154 -34.24 9.00 25.91
C MET A 154 -33.18 8.92 24.80
N ALA A 155 -33.59 9.17 23.55
CA ALA A 155 -32.70 9.00 22.41
C ALA A 155 -31.48 9.91 22.44
N THR A 156 -31.63 11.10 23.03
CA THR A 156 -30.50 12.00 23.08
C THR A 156 -29.35 11.35 23.87
N GLY A 157 -29.70 10.69 24.96
CA GLY A 157 -28.72 10.02 25.80
C GLY A 157 -28.17 8.73 25.22
N THR A 158 -29.06 7.90 24.64
CA THR A 158 -28.60 6.61 24.10
C THR A 158 -27.66 6.83 22.93
N ILE A 159 -27.97 7.81 22.08
CA ILE A 159 -27.14 8.07 20.91
C ILE A 159 -25.82 8.72 21.34
N LEU A 160 -25.90 9.65 22.29
CA LEU A 160 -24.70 10.30 22.84
C LEU A 160 -23.72 9.25 23.37
N GLY A 161 -24.22 8.36 24.23
CA GLY A 161 -23.37 7.33 24.80
C GLY A 161 -22.86 6.33 23.78
N HIS A 162 -23.74 5.97 22.86
CA HIS A 162 -23.39 5.02 21.79
C HIS A 162 -22.27 5.60 20.93
N ALA A 163 -22.42 6.86 20.54
CA ALA A 163 -21.42 7.55 19.70
C ALA A 163 -20.05 7.67 20.39
N GLU A 164 -20.06 7.74 21.72
CA GLU A 164 -18.82 7.77 22.48
C GLU A 164 -18.05 6.47 22.24
N ALA A 165 -18.77 5.36 22.23
CA ALA A 165 -18.18 4.07 21.93
C ALA A 165 -17.92 3.88 20.43
N LYS A 166 -18.81 4.42 19.59
CA LYS A 166 -18.67 4.24 18.14
C LYS A 166 -18.95 5.54 17.38
N PRO A 167 -17.94 6.40 17.28
CA PRO A 167 -18.10 7.78 16.78
C PRO A 167 -18.62 7.87 15.35
N ASP A 168 -18.40 6.85 14.53
CA ASP A 168 -18.81 6.94 13.12
C ASP A 168 -20.18 6.29 12.82
N LEU A 169 -20.98 6.08 13.85
CA LEU A 169 -22.24 5.35 13.67
C LEU A 169 -23.23 6.08 12.73
N CYS A 170 -24.24 5.36 12.26
CA CYS A 170 -25.34 6.02 11.54
C CYS A 170 -26.60 5.75 12.32
N VAL A 171 -27.63 6.55 12.06
CA VAL A 171 -28.90 6.46 12.79
C VAL A 171 -30.04 6.20 11.81
N LEU A 172 -30.83 5.16 12.07
CA LEU A 172 -32.03 4.90 11.28
C LEU A 172 -33.22 5.19 12.20
N TRP A 173 -34.03 6.17 11.85
CA TRP A 173 -35.04 6.68 12.78
C TRP A 173 -36.41 6.34 12.23
N ILE A 174 -37.08 5.39 12.87
CA ILE A 174 -38.35 4.87 12.36
C ILE A 174 -39.45 5.48 13.20
N ASP A 175 -40.27 6.34 12.59
CA ASP A 175 -41.15 7.18 13.40
C ASP A 175 -42.19 7.85 12.51
N ALA A 176 -43.39 8.08 13.03
CA ALA A 176 -44.37 8.91 12.34
C ALA A 176 -43.93 10.38 12.40
N HIS A 177 -43.06 10.70 13.37
CA HIS A 177 -42.65 12.09 13.67
C HIS A 177 -41.14 12.32 13.48
N GLY A 178 -40.75 13.59 13.26
CA GLY A 178 -39.35 13.92 13.05
C GLY A 178 -38.51 14.01 14.32
N ASP A 179 -39.16 14.32 15.44
CA ASP A 179 -38.49 14.44 16.74
C ASP A 179 -37.23 15.31 16.66
N ILE A 180 -37.30 16.35 15.85
CA ILE A 180 -36.14 17.19 15.57
C ILE A 180 -36.48 18.67 15.66
N ASN A 181 -37.56 18.99 16.36
CA ASN A 181 -37.87 20.37 16.68
C ASN A 181 -36.79 21.01 17.55
N THR A 182 -36.38 22.22 17.19
CA THR A 182 -35.52 23.01 18.09
C THR A 182 -36.43 23.72 19.10
N PRO A 183 -35.90 24.05 20.28
CA PRO A 183 -36.76 24.49 21.39
C PRO A 183 -37.72 25.66 21.10
N LEU A 184 -37.29 26.67 20.36
CA LEU A 184 -38.15 27.81 20.16
C LEU A 184 -39.18 27.61 19.05
N ASN A 185 -39.09 26.49 18.36
CA ASN A 185 -40.07 26.14 17.34
C ASN A 185 -41.08 25.13 17.84
N SER A 186 -40.85 24.59 19.02
CA SER A 186 -41.74 23.56 19.55
C SER A 186 -43.02 24.18 20.08
N ALA A 187 -44.16 23.76 19.54
CA ALA A 187 -45.43 24.25 20.02
C ALA A 187 -45.79 23.67 21.38
N SER A 188 -45.28 22.49 21.69
CA SER A 188 -45.70 21.79 22.91
C SER A 188 -44.75 21.95 24.08
N GLY A 189 -43.47 22.19 23.80
CA GLY A 189 -42.46 22.16 24.85
C GLY A 189 -42.08 20.76 25.31
N ASN A 190 -42.64 19.74 24.68
CA ASN A 190 -42.37 18.35 25.08
C ASN A 190 -41.04 17.84 24.53
N MET A 191 -40.15 17.44 25.43
CA MET A 191 -38.80 17.03 25.06
C MET A 191 -38.74 15.84 24.09
N HIS A 192 -39.73 14.95 24.14
CA HIS A 192 -39.74 13.78 23.24
C HIS A 192 -39.91 14.18 21.77
N GLY A 193 -40.21 15.46 21.53
CA GLY A 193 -40.30 15.98 20.18
C GLY A 193 -39.05 16.73 19.72
N MET A 194 -38.00 16.70 20.55
CA MET A 194 -36.76 17.43 20.27
C MET A 194 -35.47 16.62 20.33
N PRO A 195 -35.54 15.30 20.60
CA PRO A 195 -34.29 14.64 20.97
C PRO A 195 -33.16 14.75 19.94
N LEU A 196 -33.45 14.71 18.65
CA LEU A 196 -32.37 14.75 17.65
C LEU A 196 -31.74 16.13 17.49
N SER A 197 -32.48 17.19 17.79
CA SER A 197 -31.97 18.53 17.50
C SER A 197 -30.70 18.85 18.29
N PHE A 198 -30.63 18.37 19.53
CA PHE A 198 -29.43 18.58 20.35
C PHE A 198 -28.21 17.80 19.85
N LEU A 199 -28.44 16.85 18.95
CA LEU A 199 -27.35 15.99 18.49
C LEU A 199 -26.80 16.38 17.13
N VAL A 200 -27.59 17.10 16.34
CA VAL A 200 -27.22 17.36 14.95
C VAL A 200 -26.39 18.63 14.85
N LYS A 201 -25.14 18.49 14.41
CA LYS A 201 -24.20 19.60 14.36
C LYS A 201 -24.74 20.80 13.57
N GLU A 202 -25.34 20.53 12.43
CA GLU A 202 -25.82 21.59 11.55
C GLU A 202 -26.91 22.47 12.18
N LEU A 203 -27.51 22.01 13.26
CA LEU A 203 -28.66 22.71 13.86
C LEU A 203 -28.28 23.59 15.05
N GLN A 204 -27.00 23.65 15.39
CA GLN A 204 -26.61 24.22 16.68
C GLN A 204 -26.74 25.74 16.80
N ASP A 205 -26.93 26.44 15.68
CA ASP A 205 -27.21 27.87 15.71
C ASP A 205 -28.68 28.15 16.01
N GLN A 206 -29.45 27.09 16.24
CA GLN A 206 -30.88 27.22 16.48
C GLN A 206 -31.25 26.67 17.86
N ILE A 207 -30.24 26.16 18.57
CA ILE A 207 -30.42 25.66 19.91
C ILE A 207 -29.95 26.71 20.92
N PRO A 208 -30.82 27.12 21.84
CA PRO A 208 -30.39 28.07 22.88
C PRO A 208 -29.32 27.45 23.75
N TRP A 209 -28.31 28.24 24.12
CA TRP A 209 -27.28 27.76 25.04
C TRP A 209 -27.84 27.62 26.45
N LEU A 210 -27.54 26.49 27.09
CA LEU A 210 -27.87 26.28 28.49
C LEU A 210 -26.70 25.59 29.17
N ASP A 211 -26.27 26.12 30.32
CA ASP A 211 -25.11 25.58 31.03
C ASP A 211 -25.22 24.08 31.29
N ASP A 212 -26.38 23.63 31.75
CA ASP A 212 -26.54 22.21 32.06
C ASP A 212 -26.61 21.30 30.82
N PHE A 213 -26.60 21.91 29.63
CA PHE A 213 -26.61 21.15 28.38
C PHE A 213 -25.20 21.04 27.78
N GLU A 214 -24.21 21.65 28.43
CA GLU A 214 -22.88 21.69 27.87
C GLU A 214 -22.33 20.30 27.54
N GLY A 215 -22.53 19.34 28.45
CA GLY A 215 -22.04 17.99 28.25
C GLY A 215 -22.78 17.21 27.18
N ILE A 216 -23.87 17.77 26.67
CA ILE A 216 -24.61 17.17 25.58
C ILE A 216 -23.99 17.67 24.27
N LYS A 217 -22.94 17.01 23.83
CA LYS A 217 -22.21 17.46 22.65
C LYS A 217 -22.80 16.87 21.38
N PRO A 218 -23.06 17.72 20.38
CA PRO A 218 -23.63 17.25 19.12
C PRO A 218 -22.65 16.26 18.49
N CYS A 219 -23.11 15.06 18.20
CA CYS A 219 -22.24 13.99 17.74
C CYS A 219 -22.67 13.42 16.39
N LEU A 220 -23.71 13.99 15.79
CA LEU A 220 -24.21 13.52 14.50
C LEU A 220 -24.09 14.58 13.42
N ASN A 221 -23.66 14.19 12.24
CA ASN A 221 -23.89 15.01 11.07
C ASN A 221 -25.23 14.68 10.43
N ALA A 222 -25.84 15.68 9.80
CA ALA A 222 -27.11 15.49 9.12
C ALA A 222 -27.02 14.32 8.14
N SER A 223 -25.82 14.10 7.59
CA SER A 223 -25.62 13.05 6.60
C SER A 223 -25.62 11.63 7.20
N ASN A 224 -25.65 11.52 8.53
CA ASN A 224 -25.61 10.23 9.22
C ASN A 224 -26.99 9.69 9.61
N ILE A 225 -28.06 10.43 9.32
CA ILE A 225 -29.40 10.08 9.77
C ILE A 225 -30.31 9.80 8.58
N ALA A 226 -31.11 8.74 8.68
CA ALA A 226 -32.20 8.51 7.71
C ALA A 226 -33.50 8.19 8.45
N TYR A 227 -34.60 8.79 8.00
CA TYR A 227 -35.91 8.50 8.54
C TYR A 227 -36.71 7.55 7.66
N ILE A 228 -37.51 6.71 8.30
CA ILE A 228 -38.53 5.93 7.60
C ILE A 228 -39.85 6.00 8.38
N GLY A 229 -40.95 6.32 7.72
CA GLY A 229 -42.27 6.16 8.31
C GLY A 229 -42.99 7.47 8.59
N LEU A 230 -42.34 8.58 8.26
CA LEU A 230 -42.85 9.92 8.59
C LEU A 230 -44.22 10.20 7.98
N ARG A 231 -45.09 10.83 8.78
CA ARG A 231 -46.38 11.27 8.27
C ARG A 231 -46.97 12.44 9.03
N ASP A 232 -46.27 12.94 10.06
CA ASP A 232 -46.74 14.08 10.83
C ASP A 232 -45.60 15.04 11.22
N LEU A 233 -44.92 15.60 10.23
CA LEU A 233 -43.86 16.58 10.46
C LEU A 233 -44.42 17.98 10.73
N ASP A 234 -43.86 18.65 11.71
CA ASP A 234 -44.12 20.08 11.89
C ASP A 234 -43.39 20.86 10.80
N ALA A 235 -43.94 22.00 10.40
CA ALA A 235 -43.38 22.79 9.30
C ALA A 235 -41.90 23.12 9.48
N HIS A 236 -41.49 23.49 10.69
CA HIS A 236 -40.09 23.81 10.91
C HIS A 236 -39.15 22.61 10.84
N GLU A 237 -39.66 21.42 11.18
CA GLU A 237 -38.90 20.19 10.96
C GLU A 237 -38.67 19.93 9.47
N THR A 238 -39.73 20.09 8.69
CA THR A 238 -39.64 19.92 7.25
C THR A 238 -38.60 20.87 6.68
N HIS A 239 -38.66 22.13 7.07
CA HIS A 239 -37.65 23.09 6.66
C HIS A 239 -36.22 22.62 6.97
N ASP A 240 -35.95 22.21 8.22
CA ASP A 240 -34.59 21.80 8.61
C ASP A 240 -34.11 20.51 7.92
N ILE A 241 -34.98 19.53 7.85
CA ILE A 241 -34.69 18.28 7.16
C ILE A 241 -34.31 18.53 5.69
N ARG A 242 -35.07 19.35 4.99
CA ARG A 242 -34.76 19.64 3.59
C ARG A 242 -33.53 20.52 3.46
N LYS A 243 -33.43 21.54 4.32
CA LYS A 243 -32.31 22.47 4.24
C LYS A 243 -30.96 21.75 4.42
N HIS A 244 -30.90 20.82 5.36
CA HIS A 244 -29.62 20.17 5.66
C HIS A 244 -29.43 18.81 5.01
N GLY A 245 -30.35 18.44 4.13
CA GLY A 245 -30.22 17.25 3.32
C GLY A 245 -30.29 15.95 4.11
N ILE A 246 -31.09 15.92 5.17
CA ILE A 246 -31.29 14.69 5.90
C ILE A 246 -32.13 13.72 5.06
N ALA A 247 -31.64 12.50 4.86
CA ALA A 247 -32.38 11.52 4.05
C ALA A 247 -33.68 11.15 4.75
N TYR A 248 -34.79 11.16 4.02
CA TYR A 248 -36.06 10.84 4.67
C TYR A 248 -37.05 10.14 3.74
N PHE A 249 -37.73 9.13 4.28
CA PHE A 249 -38.72 8.38 3.50
C PHE A 249 -40.04 8.37 4.26
N THR A 250 -40.97 9.17 3.77
CA THR A 250 -42.26 9.31 4.46
C THR A 250 -43.19 8.16 4.04
N MET A 251 -44.38 8.11 4.60
CA MET A 251 -45.34 7.08 4.20
C MET A 251 -45.73 7.24 2.72
N LEU A 252 -45.64 8.45 2.18
CA LEU A 252 -45.89 8.66 0.76
C LEU A 252 -44.83 7.93 -0.06
N ASP A 253 -43.59 8.03 0.38
CA ASP A 253 -42.49 7.29 -0.27
C ASP A 253 -42.67 5.78 -0.15
N VAL A 254 -43.09 5.32 1.03
CA VAL A 254 -43.35 3.89 1.22
C VAL A 254 -44.46 3.42 0.24
N ASP A 255 -45.53 4.21 0.12
CA ASP A 255 -46.62 3.90 -0.82
C ASP A 255 -46.14 3.83 -2.27
N ARG A 256 -45.36 4.81 -2.73
CA ARG A 256 -44.93 4.86 -4.12
C ARG A 256 -43.75 3.93 -4.46
N MET A 257 -42.81 3.77 -3.52
CA MET A 257 -41.61 2.97 -3.78
C MET A 257 -41.74 1.53 -3.31
N GLY A 258 -42.56 1.29 -2.29
CA GLY A 258 -42.58 -0.01 -1.63
C GLY A 258 -41.51 -0.03 -0.55
N ILE A 259 -41.77 -0.74 0.55
CA ILE A 259 -40.85 -0.78 1.69
C ILE A 259 -39.48 -1.39 1.35
N GLU A 260 -39.44 -2.39 0.46
CA GLU A 260 -38.16 -2.98 0.06
C GLU A 260 -37.21 -1.94 -0.51
N ALA A 261 -37.69 -1.12 -1.45
CA ALA A 261 -36.86 -0.05 -2.02
C ALA A 261 -36.50 1.05 -1.02
N VAL A 262 -37.44 1.39 -0.15
CA VAL A 262 -37.17 2.38 0.89
C VAL A 262 -36.02 1.95 1.81
N ILE A 263 -36.06 0.71 2.29
CA ILE A 263 -35.00 0.19 3.16
C ILE A 263 -33.65 0.24 2.45
N LYS A 264 -33.62 -0.27 1.23
CA LYS A 264 -32.39 -0.23 0.42
C LYS A 264 -31.85 1.20 0.27
N GLU A 265 -32.74 2.15 -0.07
CA GLU A 265 -32.29 3.54 -0.25
C GLU A 265 -31.85 4.21 1.06
N ALA A 266 -32.53 3.91 2.16
CA ALA A 266 -32.14 4.47 3.46
C ALA A 266 -30.76 3.97 3.87
N LEU A 267 -30.50 2.68 3.70
CA LEU A 267 -29.18 2.12 4.02
C LEU A 267 -28.11 2.65 3.08
N LEU A 268 -28.47 2.85 1.81
CA LEU A 268 -27.55 3.42 0.83
C LEU A 268 -27.16 4.84 1.24
N ALA A 269 -28.14 5.61 1.71
CA ALA A 269 -27.89 7.00 2.08
C ALA A 269 -26.91 7.16 3.24
N VAL A 270 -27.04 6.34 4.28
CA VAL A 270 -26.23 6.56 5.49
C VAL A 270 -25.21 5.47 5.80
N ASN A 271 -25.27 4.35 5.10
CA ASN A 271 -24.34 3.24 5.35
C ASN A 271 -24.03 2.45 4.07
N PRO A 272 -23.52 3.14 3.04
CA PRO A 272 -23.42 2.65 1.65
C PRO A 272 -22.73 1.30 1.50
N ARG A 273 -21.74 1.02 2.34
CA ARG A 273 -20.97 -0.21 2.18
C ARG A 273 -20.96 -0.97 3.49
N LEU A 274 -21.98 -0.73 4.30
CA LEU A 274 -22.12 -1.42 5.59
C LEU A 274 -20.84 -1.32 6.42
N GLU A 275 -20.15 -0.18 6.34
CA GLU A 275 -18.96 0.06 7.14
C GLU A 275 -19.31 0.56 8.56
N LYS A 276 -20.49 1.14 8.73
CA LYS A 276 -20.83 1.84 9.98
C LYS A 276 -21.73 1.03 10.91
N ALA A 277 -21.51 1.18 12.22
CA ALA A 277 -22.41 0.64 13.22
C ALA A 277 -23.77 1.33 13.06
N ILE A 278 -24.85 0.61 13.34
CA ILE A 278 -26.19 1.18 13.18
C ILE A 278 -26.89 1.38 14.52
N HIS A 279 -27.40 2.59 14.75
CA HIS A 279 -28.29 2.87 15.88
C HIS A 279 -29.70 2.91 15.32
N LEU A 280 -30.50 1.89 15.61
CA LEU A 280 -31.88 1.82 15.12
C LEU A 280 -32.82 2.36 16.18
N SER A 281 -33.41 3.52 15.93
CA SER A 281 -34.31 4.14 16.90
C SER A 281 -35.74 3.97 16.41
N PHE A 282 -36.45 3.04 17.02
CA PHE A 282 -37.79 2.65 16.54
C PHE A 282 -38.88 3.13 17.48
N ASP A 283 -39.63 4.14 17.04
CA ASP A 283 -40.79 4.63 17.79
C ASP A 283 -41.95 3.70 17.47
N ILE A 284 -42.57 3.10 18.48
CA ILE A 284 -43.66 2.19 18.21
C ILE A 284 -44.78 2.86 17.41
N ASP A 285 -44.91 4.19 17.52
CA ASP A 285 -45.95 4.90 16.77
C ASP A 285 -45.70 5.04 15.26
N ALA A 286 -44.54 4.57 14.80
CA ALA A 286 -44.30 4.39 13.37
C ALA A 286 -45.30 3.38 12.79
N LEU A 287 -45.65 2.37 13.58
CA LEU A 287 -46.62 1.35 13.17
C LEU A 287 -48.05 1.90 13.21
N ASP A 288 -48.90 1.39 12.32
CA ASP A 288 -50.29 1.81 12.30
C ASP A 288 -50.94 1.60 13.66
N PRO A 289 -51.77 2.56 14.09
CA PRO A 289 -52.57 2.42 15.32
C PRO A 289 -53.37 1.11 15.42
N LEU A 290 -53.72 0.50 14.28
CA LEU A 290 -54.43 -0.78 14.32
C LEU A 290 -53.58 -1.89 14.94
N VAL A 291 -52.26 -1.79 14.84
CA VAL A 291 -51.40 -2.79 15.49
C VAL A 291 -50.61 -2.31 16.70
N ALA A 292 -50.49 -0.99 16.88
CA ALA A 292 -49.86 -0.44 18.09
C ALA A 292 -50.67 0.72 18.63
N PRO A 293 -51.87 0.44 19.15
CA PRO A 293 -52.76 1.49 19.67
C PRO A 293 -52.27 2.15 20.96
N SER A 294 -51.51 1.44 21.80
CA SER A 294 -51.13 1.95 23.12
C SER A 294 -49.86 2.80 23.12
N THR A 295 -50.01 4.03 22.62
CA THR A 295 -48.90 4.95 22.48
C THR A 295 -49.52 6.36 22.45
N GLY A 296 -48.78 7.37 22.90
CA GLY A 296 -49.37 8.68 23.16
C GLY A 296 -49.69 9.58 21.99
N THR A 297 -48.95 9.44 20.89
CA THR A 297 -49.20 10.28 19.71
C THR A 297 -49.40 9.39 18.48
N ALA A 298 -50.52 8.69 18.46
CA ALA A 298 -50.85 7.77 17.38
C ALA A 298 -51.27 8.54 16.12
N VAL A 299 -50.83 8.07 14.96
CA VAL A 299 -51.22 8.69 13.70
C VAL A 299 -51.66 7.63 12.68
N PRO A 300 -52.87 7.76 12.15
CA PRO A 300 -53.42 6.79 11.19
C PRO A 300 -52.56 6.66 9.93
N GLY A 301 -52.63 5.52 9.26
CA GLY A 301 -51.92 5.32 8.01
C GLY A 301 -50.44 5.01 8.19
N GLY A 302 -50.11 4.20 9.20
CA GLY A 302 -48.71 3.91 9.46
C GLY A 302 -48.23 2.62 8.81
N LEU A 303 -47.01 2.21 9.17
CA LEU A 303 -46.43 0.98 8.67
C LEU A 303 -47.27 -0.21 9.15
N THR A 304 -47.49 -1.20 8.29
CA THR A 304 -48.06 -2.46 8.77
C THR A 304 -47.02 -3.17 9.63
N LEU A 305 -47.42 -4.18 10.40
CA LEU A 305 -46.44 -4.93 11.17
C LEU A 305 -45.40 -5.57 10.26
N ARG A 306 -45.85 -6.10 9.13
CA ARG A 306 -44.97 -6.73 8.15
C ARG A 306 -43.94 -5.74 7.60
N GLU A 307 -44.35 -4.52 7.29
CA GLU A 307 -43.37 -3.51 6.85
C GLU A 307 -42.34 -3.20 7.96
N GLY A 308 -42.82 -3.06 9.19
CA GLY A 308 -41.92 -2.89 10.32
C GLY A 308 -40.94 -4.05 10.47
N LEU A 309 -41.44 -5.29 10.37
CA LEU A 309 -40.57 -6.47 10.41
C LEU A 309 -39.51 -6.45 9.31
N ARG A 310 -39.88 -6.04 8.10
CA ARG A 310 -38.91 -6.00 7.00
C ARG A 310 -37.78 -5.01 7.29
N ILE A 311 -38.11 -3.87 7.88
CA ILE A 311 -37.06 -2.90 8.22
C ILE A 311 -36.08 -3.54 9.21
N CYS A 312 -36.63 -4.14 10.26
CA CYS A 312 -35.80 -4.76 11.28
C CYS A 312 -35.00 -5.98 10.78
N GLU A 313 -35.63 -6.80 9.94
CA GLU A 313 -34.94 -7.96 9.37
C GLU A 313 -33.74 -7.53 8.52
N GLU A 314 -33.93 -6.52 7.68
CA GLU A 314 -32.85 -6.06 6.80
C GLU A 314 -31.73 -5.39 7.61
N VAL A 315 -32.11 -4.60 8.60
CA VAL A 315 -31.10 -3.97 9.47
C VAL A 315 -30.29 -5.03 10.22
N SER A 316 -30.99 -5.99 10.81
CA SER A 316 -30.33 -7.08 11.51
C SER A 316 -29.35 -7.83 10.60
N ALA A 317 -29.79 -8.12 9.38
CA ALA A 317 -28.99 -8.92 8.45
C ALA A 317 -27.72 -8.22 7.93
N THR A 318 -27.62 -6.90 8.12
CA THR A 318 -26.38 -6.24 7.74
C THR A 318 -25.21 -6.71 8.60
N GLY A 319 -25.49 -7.26 9.77
CA GLY A 319 -24.47 -7.59 10.75
C GLY A 319 -23.95 -6.37 11.52
N LYS A 320 -24.51 -5.19 11.23
CA LYS A 320 -24.06 -3.94 11.87
C LYS A 320 -25.00 -3.36 12.92
N LEU A 321 -26.02 -4.10 13.31
CA LEU A 321 -26.95 -3.60 14.32
C LEU A 321 -26.21 -3.51 15.64
N SER A 322 -26.04 -2.29 16.15
CA SER A 322 -25.26 -2.06 17.36
C SER A 322 -26.17 -1.73 18.54
N VAL A 323 -27.10 -0.80 18.33
CA VAL A 323 -28.15 -0.52 19.31
C VAL A 323 -29.51 -0.50 18.60
N VAL A 324 -30.50 -1.14 19.20
CA VAL A 324 -31.88 -0.89 18.82
C VAL A 324 -32.62 -0.43 20.06
N GLU A 325 -33.33 0.69 19.95
CA GLU A 325 -34.19 1.13 21.03
C GLU A 325 -35.63 1.18 20.54
N LEU A 326 -36.56 0.84 21.41
CA LEU A 326 -37.99 0.82 21.09
C LEU A 326 -38.71 1.77 22.05
N ALA A 327 -39.26 2.85 21.51
CA ALA A 327 -39.76 3.96 22.32
C ALA A 327 -41.27 4.14 22.27
N GLU A 328 -41.81 4.81 23.29
CA GLU A 328 -43.20 5.27 23.33
C GLU A 328 -44.28 4.23 23.62
N LEU A 329 -43.90 3.03 24.05
CA LEU A 329 -44.90 2.11 24.58
C LEU A 329 -45.57 2.74 25.82
N ASN A 330 -46.90 2.73 25.87
CA ASN A 330 -47.62 3.20 27.04
C ASN A 330 -48.78 2.28 27.39
N PRO A 331 -48.53 1.32 28.28
CA PRO A 331 -49.52 0.32 28.72
C PRO A 331 -50.69 0.94 29.49
N LEU A 332 -50.64 2.23 29.80
CA LEU A 332 -51.77 2.86 30.48
C LEU A 332 -52.77 3.46 29.49
N LEU A 333 -52.48 3.33 28.20
CA LEU A 333 -53.37 3.85 27.18
C LEU A 333 -54.11 2.73 26.50
N GLY A 334 -55.42 2.92 26.29
CA GLY A 334 -56.24 1.96 25.58
C GLY A 334 -56.76 0.81 26.41
N SER A 335 -57.48 -0.10 25.75
CA SER A 335 -58.08 -1.25 26.41
C SER A 335 -57.03 -2.32 26.71
N GLN A 336 -57.44 -3.31 27.50
CA GLN A 336 -56.59 -4.45 27.78
C GLN A 336 -56.12 -5.14 26.49
N GLU A 337 -57.04 -5.31 25.54
CA GLU A 337 -56.69 -5.90 24.24
C GLU A 337 -55.77 -4.99 23.41
N ASP A 338 -55.99 -3.68 23.50
CA ASP A 338 -55.08 -2.71 22.89
C ASP A 338 -53.64 -2.89 23.36
N VAL A 339 -53.46 -3.01 24.68
CA VAL A 339 -52.15 -3.20 25.27
C VAL A 339 -51.52 -4.53 24.80
N LEU A 340 -52.32 -5.58 24.74
CA LEU A 340 -51.80 -6.87 24.28
C LEU A 340 -51.33 -6.80 22.82
N LYS A 341 -52.10 -6.10 21.98
CA LYS A 341 -51.74 -5.93 20.58
C LYS A 341 -50.41 -5.18 20.48
N THR A 342 -50.28 -4.12 21.28
CA THR A 342 -49.09 -3.30 21.25
C THR A 342 -47.86 -4.08 21.75
N GLN A 343 -48.05 -4.83 22.83
CA GLN A 343 -46.99 -5.67 23.39
C GLN A 343 -46.53 -6.69 22.35
N SER A 344 -47.51 -7.33 21.71
CA SER A 344 -47.25 -8.34 20.70
C SER A 344 -46.45 -7.77 19.52
N SER A 345 -46.88 -6.63 18.98
CA SER A 345 -46.14 -5.99 17.89
C SER A 345 -44.69 -5.70 18.31
N ALA A 346 -44.52 -5.13 19.49
CA ALA A 346 -43.18 -4.78 19.99
C ALA A 346 -42.28 -6.01 20.10
N VAL A 347 -42.83 -7.11 20.59
CA VAL A 347 -42.06 -8.34 20.75
C VAL A 347 -41.60 -8.88 19.39
N HIS A 348 -42.51 -8.94 18.43
CA HIS A 348 -42.17 -9.38 17.08
C HIS A 348 -41.11 -8.50 16.45
N ILE A 349 -41.23 -7.20 16.63
CA ILE A 349 -40.24 -6.25 16.14
C ILE A 349 -38.84 -6.50 16.75
N LEU A 350 -38.76 -6.59 18.06
CA LEU A 350 -37.48 -6.77 18.75
C LEU A 350 -36.84 -8.12 18.38
N ARG A 351 -37.68 -9.16 18.24
CA ARG A 351 -37.18 -10.46 17.83
C ARG A 351 -36.54 -10.39 16.45
N ALA A 352 -37.19 -9.69 15.53
CA ALA A 352 -36.63 -9.53 14.19
C ALA A 352 -35.27 -8.83 14.23
N CYS A 353 -35.16 -7.81 15.09
CA CYS A 353 -33.91 -7.06 15.20
C CYS A 353 -32.75 -7.97 15.61
N LEU A 354 -33.05 -8.97 16.45
CA LEU A 354 -32.03 -9.88 16.95
C LEU A 354 -31.76 -11.06 16.00
N GLY A 355 -32.51 -11.15 14.90
CA GLY A 355 -32.23 -12.13 13.88
C GLY A 355 -33.27 -13.22 13.72
N HIS A 356 -34.42 -13.07 14.36
CA HIS A 356 -35.46 -14.08 14.15
C HIS A 356 -35.93 -14.07 12.70
N CYS A 357 -36.07 -15.27 12.15
CA CYS A 357 -36.43 -15.46 10.74
CA CYS A 357 -36.46 -15.42 10.76
C CYS A 357 -37.82 -16.06 10.62
N ARG A 358 -38.70 -15.38 9.88
CA ARG A 358 -40.07 -15.85 9.67
C ARG A 358 -40.11 -17.09 8.78
N SER A 359 -39.03 -17.33 8.06
CA SER A 359 -38.93 -18.51 7.20
C SER A 359 -38.40 -19.73 7.95
N GLY A 360 -38.21 -19.59 9.26
CA GLY A 360 -37.83 -20.71 10.10
C GLY A 360 -36.36 -20.78 10.47
N HIS A 361 -36.07 -21.55 11.52
CA HIS A 361 -34.70 -21.80 11.98
C HIS A 361 -34.48 -23.31 12.05
N LEU A 362 -33.24 -23.75 11.86
CA LEU A 362 -32.93 -25.17 11.95
C LEU A 362 -32.67 -25.60 13.38
N PRO A 363 -32.98 -26.86 13.71
CA PRO A 363 -32.79 -27.33 15.09
C PRO A 363 -31.31 -27.35 15.40
N PHE A 364 -30.95 -27.15 16.67
CA PHE A 364 -29.55 -27.25 17.07
C PHE A 364 -29.12 -28.72 17.07
N LYS A 365 -30.02 -29.61 17.49
CA LYS A 365 -29.79 -31.04 17.34
C LYS A 365 -30.99 -31.72 16.72
N VAL A 366 -30.76 -32.48 15.66
CA VAL A 366 -31.84 -33.18 14.98
C VAL A 366 -32.16 -34.52 15.65
N ARG A 367 -33.41 -34.70 16.04
CA ARG A 367 -33.84 -35.90 16.74
CA ARG A 367 -33.86 -35.89 16.74
C ARG A 367 -34.09 -37.06 15.78
N ASN A 368 -33.84 -38.28 16.26
CA ASN A 368 -34.02 -39.48 15.45
C ASN A 368 -34.68 -40.62 16.25
N LEU A 369 -35.71 -41.22 15.64
CA LEU A 369 -36.50 -42.26 16.29
C LEU A 369 -35.71 -43.41 16.88
N THR A 370 -34.79 -43.96 16.10
CA THR A 370 -34.00 -45.12 16.51
C THR A 370 -33.23 -44.92 17.81
N ASP A 371 -32.70 -43.71 18.00
CA ASP A 371 -31.93 -43.39 19.20
C ASP A 371 -32.72 -43.70 20.46
N GLN A 372 -34.04 -43.69 20.35
CA GLN A 372 -34.89 -43.92 21.51
C GLN A 372 -35.29 -45.39 21.63
N GLY A 373 -34.90 -46.18 20.64
CA GLY A 373 -35.30 -47.57 20.61
C GLY A 373 -36.77 -47.69 20.25
N ILE A 374 -37.23 -46.82 19.35
CA ILE A 374 -38.62 -46.82 18.88
C ILE A 374 -38.73 -47.31 17.44
N MET A 375 -39.77 -48.09 17.16
CA MET A 375 -40.01 -48.65 15.82
C MET A 375 -40.81 -47.72 14.92
N SER A 376 -40.25 -47.38 13.77
CA SER A 376 -40.91 -46.46 12.84
C SER A 376 -41.86 -47.20 11.90
N ARG A 377 -42.73 -46.46 11.23
CA ARG A 377 -43.61 -47.07 10.25
C ARG A 377 -42.80 -47.66 9.12
N ALA A 378 -41.83 -46.88 8.62
CA ALA A 378 -40.97 -47.34 7.54
C ALA A 378 -40.28 -48.64 7.93
N ALA A 379 -39.73 -48.70 9.15
CA ALA A 379 -39.02 -49.89 9.60
C ALA A 379 -39.95 -51.07 9.71
N HIS A 380 -41.11 -50.86 10.33
CA HIS A 380 -42.10 -51.92 10.47
C HIS A 380 -42.51 -52.48 9.12
N MET A 381 -42.68 -51.60 8.15
CA MET A 381 -43.16 -52.00 6.83
C MET A 381 -42.17 -52.94 6.12
N GLN A 382 -40.94 -53.00 6.63
CA GLN A 382 -39.98 -54.00 6.17
C GLN A 382 -40.11 -55.27 6.98
N THR A 383 -39.99 -55.14 8.29
CA THR A 383 -40.08 -56.26 9.23
C THR A 383 -38.93 -57.24 9.06
N LYS B 39 -13.77 11.28 -2.27
CA LYS B 39 -14.76 11.39 -3.34
C LYS B 39 -14.60 10.24 -4.35
N LEU B 40 -13.42 9.61 -4.33
CA LEU B 40 -13.21 8.41 -5.13
C LEU B 40 -13.07 7.20 -4.22
N LEU B 41 -13.80 6.13 -4.54
CA LEU B 41 -13.69 4.88 -3.82
C LEU B 41 -12.31 4.26 -4.03
N TYR B 42 -11.82 4.32 -5.26
CA TYR B 42 -10.48 3.85 -5.59
C TYR B 42 -9.71 4.99 -6.26
N THR B 43 -8.60 5.40 -5.64
CA THR B 43 -7.82 6.53 -6.17
C THR B 43 -6.61 6.06 -6.96
N SER B 44 -6.25 4.79 -6.83
CA SER B 44 -5.25 4.22 -7.72
C SER B 44 -5.57 2.79 -8.11
N ALA B 45 -4.93 2.31 -9.18
CA ALA B 45 -5.14 0.94 -9.65
C ALA B 45 -3.93 0.47 -10.43
N ASN B 46 -3.79 -0.84 -10.54
CA ASN B 46 -2.76 -1.49 -11.34
C ASN B 46 -3.35 -2.11 -12.61
N PHE B 47 -2.56 -2.15 -13.68
CA PHE B 47 -2.99 -2.73 -14.96
C PHE B 47 -1.98 -3.80 -15.38
N LEU B 48 -2.48 -4.98 -15.75
CA LEU B 48 -1.63 -6.11 -16.11
C LEU B 48 -2.18 -6.84 -17.33
N GLY B 49 -1.33 -7.09 -18.32
CA GLY B 49 -1.74 -7.84 -19.49
C GLY B 49 -1.35 -9.30 -19.38
N ILE B 50 -2.23 -10.21 -19.81
CA ILE B 50 -1.90 -11.64 -19.84
C ILE B 50 -2.35 -12.22 -21.18
N PRO B 51 -1.42 -12.30 -22.15
CA PRO B 51 -1.80 -12.66 -23.52
C PRO B 51 -1.95 -14.17 -23.75
N THR B 52 -2.67 -14.87 -22.88
CA THR B 52 -2.89 -16.30 -23.08
C THR B 52 -3.58 -16.59 -24.41
N ASN B 53 -3.14 -17.65 -25.08
CA ASN B 53 -3.72 -18.04 -26.35
C ASN B 53 -3.67 -19.56 -26.53
N ARG B 54 -3.20 -20.28 -25.50
CA ARG B 54 -3.14 -21.74 -25.56
C ARG B 54 -4.33 -22.40 -24.88
N GLY B 55 -5.30 -21.58 -24.47
CA GLY B 55 -6.51 -22.13 -23.89
C GLY B 55 -7.57 -22.44 -24.93
N GLN B 56 -7.33 -21.99 -26.16
CA GLN B 56 -8.31 -22.17 -27.24
C GLN B 56 -7.64 -21.97 -28.60
N PRO B 57 -8.22 -22.55 -29.66
CA PRO B 57 -7.54 -22.72 -30.95
C PRO B 57 -7.42 -21.47 -31.84
N LYS B 58 -8.23 -20.43 -31.63
CA LYS B 58 -8.20 -19.29 -32.53
C LYS B 58 -7.10 -18.30 -32.17
N ILE B 59 -6.19 -18.08 -33.10
CA ILE B 59 -5.11 -17.12 -32.89
C ILE B 59 -5.71 -15.73 -32.70
N GLY B 60 -5.20 -14.98 -31.73
CA GLY B 60 -5.57 -13.58 -31.62
C GLY B 60 -5.85 -13.07 -30.23
N THR B 61 -6.21 -13.95 -29.29
CA THR B 61 -6.41 -13.50 -27.93
C THR B 61 -5.14 -12.92 -27.33
N TYR B 62 -3.98 -13.30 -27.89
CA TYR B 62 -2.72 -12.73 -27.40
C TYR B 62 -2.66 -11.22 -27.65
N GLN B 63 -3.50 -10.72 -28.54
CA GLN B 63 -3.53 -9.27 -28.82
C GLN B 63 -4.52 -8.49 -27.95
N GLY B 64 -5.20 -9.17 -27.04
CA GLY B 64 -6.16 -8.51 -26.16
C GLY B 64 -5.58 -7.34 -25.36
N PRO B 65 -4.47 -7.57 -24.65
CA PRO B 65 -3.90 -6.49 -23.87
C PRO B 65 -3.56 -5.25 -24.72
N GLU B 66 -3.02 -5.47 -25.91
CA GLU B 66 -2.67 -4.34 -26.79
C GLU B 66 -3.90 -3.58 -27.33
N LEU B 67 -5.00 -4.31 -27.53
CA LEU B 67 -6.24 -3.67 -27.97
C LEU B 67 -6.68 -2.63 -26.95
N ILE B 68 -6.47 -2.92 -25.68
CA ILE B 68 -6.85 -1.99 -24.62
C ILE B 68 -5.78 -0.90 -24.41
N ARG B 69 -4.51 -1.26 -24.50
CA ARG B 69 -3.45 -0.27 -24.45
C ARG B 69 -3.52 0.77 -25.58
N LYS B 70 -3.88 0.32 -26.78
CA LYS B 70 -4.06 1.23 -27.92
C LYS B 70 -5.30 2.12 -27.85
N SER B 71 -6.22 1.81 -26.95
CA SER B 71 -7.44 2.60 -26.83
C SER B 71 -7.16 3.83 -25.99
N ASN B 72 -8.19 4.61 -25.70
CA ASN B 72 -8.05 5.76 -24.80
C ASN B 72 -8.36 5.43 -23.33
N PHE B 73 -8.40 4.15 -22.99
CA PHE B 73 -8.66 3.72 -21.61
C PHE B 73 -7.80 4.42 -20.56
N PHE B 74 -6.49 4.44 -20.75
CA PHE B 74 -5.60 5.08 -19.75
C PHE B 74 -5.91 6.57 -19.58
N GLN B 75 -6.07 7.27 -20.70
CA GLN B 75 -6.41 8.68 -20.69
C GLN B 75 -7.72 8.94 -19.95
N LEU B 76 -8.74 8.13 -20.24
CA LEU B 76 -10.06 8.34 -19.61
C LEU B 76 -10.04 8.07 -18.11
N VAL B 77 -9.24 7.10 -17.69
CA VAL B 77 -9.13 6.79 -16.26
C VAL B 77 -8.39 7.93 -15.53
N ALA B 78 -7.29 8.38 -16.11
CA ALA B 78 -6.61 9.56 -15.58
C ALA B 78 -7.57 10.74 -15.41
N GLU B 79 -8.45 10.94 -16.41
CA GLU B 79 -9.38 12.07 -16.36
C GLU B 79 -10.42 11.99 -15.24
N ASP B 80 -10.76 10.78 -14.82
CA ASP B 80 -11.63 10.62 -13.65
C ASP B 80 -10.85 10.73 -12.34
N GLY B 81 -9.54 10.93 -12.45
CA GLY B 81 -8.71 11.23 -11.29
C GLY B 81 -8.08 10.01 -10.64
N ILE B 82 -8.07 8.90 -11.36
CA ILE B 82 -7.46 7.68 -10.84
C ILE B 82 -6.02 7.52 -11.36
N GLN B 83 -5.10 7.21 -10.47
CA GLN B 83 -3.73 6.91 -10.90
C GLN B 83 -3.56 5.44 -11.27
N LEU B 84 -3.41 5.18 -12.56
CA LEU B 84 -3.30 3.81 -13.07
C LEU B 84 -1.86 3.49 -13.44
N THR B 85 -1.32 2.45 -12.81
CA THR B 85 0.05 2.04 -13.05
C THR B 85 0.10 0.80 -13.93
N ASP B 86 0.78 0.91 -15.07
CA ASP B 86 0.95 -0.23 -15.96
C ASP B 86 2.02 -1.17 -15.41
N CYS B 87 1.64 -2.41 -15.13
CA CYS B 87 2.57 -3.37 -14.56
C CYS B 87 3.10 -4.37 -15.59
N GLY B 88 2.94 -4.05 -16.86
CA GLY B 88 3.49 -4.85 -17.94
C GLY B 88 2.60 -6.03 -18.32
N ASP B 89 3.19 -7.02 -18.98
CA ASP B 89 2.50 -8.23 -19.38
C ASP B 89 3.18 -9.42 -18.75
N ILE B 90 2.41 -10.43 -18.40
CA ILE B 90 2.97 -11.73 -18.06
C ILE B 90 3.33 -12.42 -19.38
N ILE B 91 4.42 -13.16 -19.40
CA ILE B 91 4.81 -13.95 -20.57
C ILE B 91 4.31 -15.38 -20.36
N PRO B 92 3.30 -15.81 -21.13
CA PRO B 92 2.77 -17.16 -20.92
C PRO B 92 3.81 -18.20 -21.33
N VAL B 93 3.73 -19.40 -20.78
CA VAL B 93 4.61 -20.48 -21.20
C VAL B 93 3.95 -21.19 -22.37
N GLU B 94 4.58 -21.11 -23.54
CA GLU B 94 4.03 -21.75 -24.74
C GLU B 94 4.98 -22.82 -25.26
N LEU B 95 4.75 -24.05 -24.82
CA LEU B 95 5.64 -25.15 -25.19
C LEU B 95 5.51 -25.49 -26.67
N ASN B 96 6.54 -26.17 -27.19
CA ASN B 96 6.48 -26.69 -28.54
C ASN B 96 5.48 -27.85 -28.56
N GLU B 97 4.82 -28.09 -29.68
CA GLU B 97 3.82 -29.16 -29.72
C GLU B 97 4.41 -30.49 -29.24
N ALA B 98 5.67 -30.76 -29.60
CA ALA B 98 6.30 -32.04 -29.23
C ALA B 98 6.49 -32.17 -27.72
N GLU B 99 6.62 -31.04 -27.04
CA GLU B 99 6.79 -30.99 -25.59
C GLU B 99 5.48 -31.15 -24.81
N ASP B 100 4.35 -31.02 -25.50
CA ASP B 100 3.07 -30.88 -24.81
C ASP B 100 1.98 -31.66 -25.52
N PRO B 101 2.08 -33.00 -25.54
CA PRO B 101 1.05 -33.79 -26.22
C PRO B 101 -0.23 -33.83 -25.40
N GLN B 102 -1.32 -34.29 -26.02
CA GLN B 102 -2.59 -34.39 -25.31
C GLN B 102 -2.50 -35.37 -24.15
N ARG B 103 -3.04 -34.96 -23.00
CA ARG B 103 -3.18 -35.83 -21.86
C ARG B 103 -4.62 -35.73 -21.35
N PHE B 104 -5.27 -36.88 -21.22
CA PHE B 104 -6.68 -36.94 -20.85
C PHE B 104 -7.54 -36.06 -21.75
N GLY B 105 -7.19 -36.01 -23.03
CA GLY B 105 -7.93 -35.22 -24.00
C GLY B 105 -7.65 -33.73 -23.96
N MET B 106 -6.93 -33.27 -22.94
CA MET B 106 -6.61 -31.85 -22.80
C MET B 106 -5.58 -31.40 -23.83
N LYS B 107 -5.84 -30.23 -24.41
CA LYS B 107 -4.91 -29.64 -25.36
C LYS B 107 -4.02 -28.61 -24.67
N TRP B 108 -2.71 -28.74 -24.87
CA TRP B 108 -1.73 -27.84 -24.27
C TRP B 108 -1.79 -27.79 -22.75
N SER B 109 -1.94 -28.95 -22.11
CA SER B 109 -2.13 -28.99 -20.66
C SER B 109 -0.89 -28.66 -19.83
N ARG B 110 0.31 -28.89 -20.37
CA ARG B 110 1.53 -28.56 -19.61
C ARG B 110 1.90 -27.09 -19.79
N SER B 111 1.61 -26.53 -20.96
CA SER B 111 1.72 -25.08 -21.13
C SER B 111 0.80 -24.40 -20.11
N PHE B 112 -0.37 -25.00 -19.90
CA PHE B 112 -1.36 -24.48 -18.94
C PHE B 112 -0.89 -24.56 -17.50
N SER B 113 -0.35 -25.70 -17.07
CA SER B 113 0.08 -25.81 -15.68
C SER B 113 1.22 -24.84 -15.39
N LEU B 114 2.19 -24.77 -16.29
CA LEU B 114 3.33 -23.86 -16.13
C LEU B 114 2.92 -22.38 -16.20
N THR B 115 2.04 -22.05 -17.13
CA THR B 115 1.50 -20.69 -17.21
C THR B 115 0.73 -20.32 -15.94
N THR B 116 -0.10 -21.24 -15.46
CA THR B 116 -0.90 -21.00 -14.27
C THR B 116 -0.04 -20.63 -13.05
N LEU B 117 1.03 -21.39 -12.83
CA LEU B 117 1.93 -21.10 -11.73
C LEU B 117 2.65 -19.77 -11.88
N ARG B 118 3.06 -19.43 -13.10
CA ARG B 118 3.73 -18.16 -13.36
C ARG B 118 2.77 -16.98 -13.13
N ILE B 119 1.53 -17.13 -13.57
CA ILE B 119 0.53 -16.08 -13.37
C ILE B 119 0.26 -15.88 -11.87
N ALA B 120 0.07 -16.99 -11.16
CA ALA B 120 -0.28 -16.92 -9.75
C ALA B 120 0.79 -16.22 -8.93
N GLU B 121 2.05 -16.49 -9.26
CA GLU B 121 3.17 -15.87 -8.58
C GLU B 121 3.14 -14.36 -8.72
N ARG B 122 2.94 -13.89 -9.96
CA ARG B 122 2.93 -12.45 -10.24
C ARG B 122 1.70 -11.76 -9.64
N VAL B 123 0.55 -12.43 -9.70
CA VAL B 123 -0.65 -11.83 -9.13
C VAL B 123 -0.55 -11.75 -7.61
N GLU B 124 -0.03 -12.80 -6.98
CA GLU B 124 0.14 -12.79 -5.54
C GLU B 124 1.03 -11.62 -5.11
N GLU B 125 2.11 -11.41 -5.85
CA GLU B 125 3.05 -10.33 -5.55
C GLU B 125 2.37 -8.98 -5.66
N LEU B 126 1.64 -8.76 -6.75
CA LEU B 126 0.92 -7.51 -6.95
C LEU B 126 -0.09 -7.27 -5.85
N MET B 127 -0.78 -8.32 -5.42
CA MET B 127 -1.83 -8.18 -4.41
C MET B 127 -1.25 -7.93 -3.01
N LYS B 128 -0.13 -8.57 -2.70
CA LYS B 128 0.50 -8.44 -1.39
C LYS B 128 1.13 -7.07 -1.17
N GLN B 129 1.60 -6.44 -2.24
CA GLN B 129 2.15 -5.10 -2.12
C GLN B 129 1.00 -4.11 -1.91
N SER B 130 -0.22 -4.54 -2.22
CA SER B 130 -1.42 -3.71 -2.12
C SER B 130 -2.09 -3.87 -0.75
N ASN B 131 -1.57 -4.80 0.05
CA ASN B 131 -2.07 -5.02 1.41
C ASN B 131 -1.18 -4.34 2.44
N LYS B 141 -8.72 3.18 1.06
CA LYS B 141 -8.92 2.94 -0.36
C LYS B 141 -7.95 1.87 -0.85
N SER B 142 -8.46 0.66 -1.10
CA SER B 142 -7.67 -0.42 -1.64
C SER B 142 -7.30 -0.13 -3.10
N THR B 143 -6.37 -0.90 -3.65
CA THR B 143 -5.88 -0.70 -5.01
C THR B 143 -6.26 -1.87 -5.91
N PRO B 144 -7.31 -1.72 -6.73
CA PRO B 144 -7.75 -2.81 -7.60
C PRO B 144 -6.71 -3.15 -8.66
N LEU B 145 -6.63 -4.43 -9.01
CA LEU B 145 -5.81 -4.87 -10.14
C LEU B 145 -6.72 -5.17 -11.33
N VAL B 146 -6.46 -4.50 -12.45
CA VAL B 146 -7.19 -4.71 -13.69
C VAL B 146 -6.35 -5.60 -14.59
N ILE B 147 -6.91 -6.74 -15.00
CA ILE B 147 -6.19 -7.70 -15.83
C ILE B 147 -6.88 -7.85 -17.17
N VAL B 148 -6.14 -7.69 -18.26
CA VAL B 148 -6.72 -7.90 -19.59
C VAL B 148 -6.11 -9.13 -20.27
N GLY B 149 -6.95 -10.09 -20.65
CA GLY B 149 -6.50 -11.26 -21.38
C GLY B 149 -6.44 -11.01 -22.87
N GLY B 150 -6.13 -12.02 -23.67
CA GLY B 150 -5.92 -13.37 -23.17
C GLY B 150 -7.20 -14.18 -23.09
N ASP B 151 -7.11 -15.48 -23.41
CA ASP B 151 -8.25 -16.36 -23.26
C ASP B 151 -8.49 -16.71 -21.79
N HIS B 152 -9.66 -17.25 -21.50
CA HIS B 152 -10.12 -17.39 -20.13
C HIS B 152 -9.36 -18.43 -19.28
N SER B 153 -8.49 -19.20 -19.91
CA SER B 153 -7.70 -20.18 -19.15
C SER B 153 -6.80 -19.50 -18.11
N MET B 154 -6.54 -18.21 -18.29
CA MET B 154 -5.70 -17.45 -17.37
C MET B 154 -6.33 -17.38 -15.98
N ALA B 155 -7.65 -17.59 -15.89
CA ALA B 155 -8.36 -17.45 -14.62
C ALA B 155 -7.89 -18.41 -13.55
N THR B 156 -7.42 -19.59 -13.94
CA THR B 156 -6.96 -20.52 -12.91
C THR B 156 -5.78 -19.89 -12.17
N GLY B 157 -4.89 -19.26 -12.92
CA GLY B 157 -3.72 -18.62 -12.33
C GLY B 157 -4.02 -17.33 -11.58
N THR B 158 -4.89 -16.49 -12.13
CA THR B 158 -5.17 -15.22 -11.48
C THR B 158 -5.89 -15.43 -10.16
N ILE B 159 -6.81 -16.39 -10.12
CA ILE B 159 -7.56 -16.63 -8.90
C ILE B 159 -6.67 -17.34 -7.87
N LEU B 160 -5.83 -18.27 -8.34
CA LEU B 160 -4.89 -18.94 -7.43
C LEU B 160 -3.99 -17.93 -6.71
N GLY B 161 -3.39 -17.03 -7.49
CA GLY B 161 -2.54 -15.98 -6.94
C GLY B 161 -3.28 -15.00 -6.05
N HIS B 162 -4.46 -14.59 -6.50
CA HIS B 162 -5.32 -13.70 -5.73
C HIS B 162 -5.70 -14.31 -4.36
N ALA B 163 -6.15 -15.55 -4.36
CA ALA B 163 -6.58 -16.21 -3.13
C ALA B 163 -5.42 -16.46 -2.18
N GLU B 164 -4.21 -16.48 -2.72
CA GLU B 164 -3.02 -16.65 -1.89
C GLU B 164 -2.85 -15.38 -1.03
N ALA B 165 -3.10 -14.22 -1.61
CA ALA B 165 -3.09 -12.99 -0.84
C ALA B 165 -4.38 -12.83 -0.02
N LYS B 166 -5.50 -13.24 -0.58
CA LYS B 166 -6.80 -13.04 0.09
C LYS B 166 -7.63 -14.31 0.07
N PRO B 167 -7.39 -15.21 1.02
CA PRO B 167 -7.95 -16.57 1.02
C PRO B 167 -9.47 -16.62 1.14
N ASP B 168 -10.08 -15.56 1.68
CA ASP B 168 -11.53 -15.55 1.90
C ASP B 168 -12.35 -14.90 0.75
N LEU B 169 -11.70 -14.62 -0.38
CA LEU B 169 -12.34 -13.89 -1.47
C LEU B 169 -13.56 -14.61 -2.06
N CYS B 170 -14.36 -13.87 -2.82
CA CYS B 170 -15.43 -14.49 -3.58
C CYS B 170 -15.23 -14.21 -5.08
N VAL B 171 -15.87 -15.00 -5.92
CA VAL B 171 -15.73 -14.88 -7.38
C VAL B 171 -17.10 -14.60 -8.02
N LEU B 172 -17.17 -13.55 -8.83
CA LEU B 172 -18.33 -13.32 -9.65
C LEU B 172 -17.91 -13.59 -11.09
N TRP B 173 -18.51 -14.60 -11.70
CA TRP B 173 -18.07 -15.06 -13.01
C TRP B 173 -19.13 -14.66 -14.05
N ILE B 174 -18.80 -13.68 -14.89
CA ILE B 174 -19.74 -13.16 -15.87
C ILE B 174 -19.42 -13.75 -17.24
N ASP B 175 -20.30 -14.58 -17.77
CA ASP B 175 -19.92 -15.41 -18.90
C ASP B 175 -21.15 -16.07 -19.52
N ALA B 176 -21.13 -16.28 -20.82
CA ALA B 176 -22.16 -17.08 -21.47
C ALA B 176 -21.95 -18.55 -21.10
N HIS B 177 -20.74 -18.90 -20.69
CA HIS B 177 -20.35 -20.30 -20.45
C HIS B 177 -19.95 -20.58 -18.99
N GLY B 178 -20.02 -21.85 -18.59
CA GLY B 178 -19.65 -22.26 -17.23
C GLY B 178 -18.14 -22.30 -16.98
N ASP B 179 -17.36 -22.58 -18.02
CA ASP B 179 -15.90 -22.70 -17.89
C ASP B 179 -15.51 -23.62 -16.72
N ILE B 180 -16.31 -24.66 -16.48
CA ILE B 180 -16.12 -25.51 -15.32
C ILE B 180 -16.20 -26.98 -15.69
N ASN B 181 -15.99 -27.29 -16.96
CA ASN B 181 -15.86 -28.69 -17.38
C ASN B 181 -14.65 -29.30 -16.71
N THR B 182 -14.79 -30.54 -16.23
CA THR B 182 -13.64 -31.32 -15.79
C THR B 182 -13.05 -32.02 -17.02
N PRO B 183 -11.74 -32.34 -16.99
CA PRO B 183 -11.07 -32.81 -18.22
C PRO B 183 -11.74 -33.97 -18.94
N LEU B 184 -12.20 -34.98 -18.22
CA LEU B 184 -12.78 -36.14 -18.90
C LEU B 184 -14.17 -35.90 -19.48
N ASN B 185 -14.78 -34.76 -19.16
CA ASN B 185 -16.09 -34.42 -19.71
C ASN B 185 -16.03 -33.39 -20.85
N SER B 186 -14.85 -32.81 -21.07
CA SER B 186 -14.70 -31.76 -22.07
C SER B 186 -14.71 -32.33 -23.47
N ALA B 187 -15.69 -31.94 -24.27
CA ALA B 187 -15.77 -32.39 -25.65
C ALA B 187 -14.64 -31.80 -26.51
N SER B 188 -14.18 -30.60 -26.16
CA SER B 188 -13.21 -29.88 -26.98
C SER B 188 -11.75 -30.12 -26.59
N GLY B 189 -11.49 -30.33 -25.30
CA GLY B 189 -10.14 -30.36 -24.78
C GLY B 189 -9.52 -28.97 -24.65
N ASN B 190 -10.32 -27.94 -24.86
CA ASN B 190 -9.82 -26.56 -24.75
C ASN B 190 -9.75 -26.10 -23.30
N MET B 191 -8.58 -25.69 -22.84
CA MET B 191 -8.39 -25.36 -21.43
C MET B 191 -9.24 -24.15 -20.99
N HIS B 192 -9.55 -23.25 -21.91
CA HIS B 192 -10.38 -22.09 -21.55
C HIS B 192 -11.79 -22.50 -21.13
N GLY B 193 -12.14 -23.76 -21.38
CA GLY B 193 -13.42 -24.29 -20.94
C GLY B 193 -13.37 -24.99 -19.60
N MET B 194 -12.20 -24.98 -18.94
CA MET B 194 -11.99 -25.73 -17.70
C MET B 194 -11.41 -24.97 -16.49
N PRO B 195 -11.18 -23.64 -16.60
CA PRO B 195 -10.35 -23.03 -15.55
C PRO B 195 -10.90 -23.16 -14.13
N LEU B 196 -12.23 -23.17 -13.95
CA LEU B 196 -12.79 -23.26 -12.61
C LEU B 196 -12.72 -24.65 -11.97
N SER B 197 -12.74 -25.72 -12.78
CA SER B 197 -12.76 -27.06 -12.19
C SER B 197 -11.51 -27.40 -11.36
N PHE B 198 -10.37 -26.81 -11.73
CA PHE B 198 -9.12 -27.03 -10.98
C PHE B 198 -9.09 -26.29 -9.64
N LEU B 199 -9.98 -25.31 -9.49
CA LEU B 199 -9.96 -24.45 -8.32
C LEU B 199 -11.00 -24.85 -7.28
N VAL B 200 -12.07 -25.53 -7.71
CA VAL B 200 -13.20 -25.78 -6.83
C VAL B 200 -13.00 -27.06 -6.03
N LYS B 201 -12.91 -26.91 -4.71
CA LYS B 201 -12.60 -28.04 -3.84
C LYS B 201 -13.56 -29.21 -4.01
N GLU B 202 -14.84 -28.91 -4.24
CA GLU B 202 -15.84 -29.96 -4.34
C GLU B 202 -15.69 -30.85 -5.58
N LEU B 203 -14.90 -30.40 -6.56
CA LEU B 203 -14.75 -31.15 -7.81
C LEU B 203 -13.45 -31.96 -7.93
N GLN B 204 -12.68 -32.07 -6.85
CA GLN B 204 -11.34 -32.63 -6.96
C GLN B 204 -11.27 -34.13 -7.23
N ASP B 205 -12.34 -34.86 -6.91
CA ASP B 205 -12.40 -36.27 -7.29
C ASP B 205 -12.74 -36.46 -8.78
N GLN B 206 -12.88 -35.35 -9.52
CA GLN B 206 -13.15 -35.44 -10.95
C GLN B 206 -11.99 -34.93 -11.80
N ILE B 207 -10.93 -34.48 -11.14
CA ILE B 207 -9.72 -34.04 -11.82
C ILE B 207 -8.67 -35.14 -11.80
N PRO B 208 -8.25 -35.60 -12.99
CA PRO B 208 -7.21 -36.65 -13.06
C PRO B 208 -5.90 -36.17 -12.46
N TRP B 209 -5.24 -37.04 -11.70
CA TRP B 209 -3.96 -36.66 -11.13
C TRP B 209 -2.89 -36.55 -12.21
N LEU B 210 -2.17 -35.42 -12.21
CA LEU B 210 -1.02 -35.25 -13.09
C LEU B 210 0.05 -34.53 -12.28
N ASP B 211 1.28 -35.02 -12.34
CA ASP B 211 2.36 -34.49 -11.50
C ASP B 211 2.57 -32.99 -11.64
N ASP B 212 2.58 -32.48 -12.86
CA ASP B 212 2.85 -31.07 -13.06
C ASP B 212 1.72 -30.18 -12.55
N PHE B 213 0.58 -30.78 -12.20
CA PHE B 213 -0.56 -30.03 -11.66
C PHE B 213 -0.53 -29.95 -10.13
N GLU B 214 0.48 -30.53 -9.49
CA GLU B 214 0.52 -30.58 -8.04
C GLU B 214 0.46 -29.21 -7.36
N GLY B 215 1.12 -28.21 -7.92
CA GLY B 215 1.12 -26.88 -7.34
C GLY B 215 -0.16 -26.08 -7.53
N ILE B 216 -1.05 -26.59 -8.36
CA ILE B 216 -2.32 -25.93 -8.57
C ILE B 216 -3.31 -26.44 -7.54
N LYS B 217 -3.36 -25.78 -6.39
CA LYS B 217 -4.19 -26.25 -5.30
C LYS B 217 -5.55 -25.56 -5.31
N PRO B 218 -6.61 -26.34 -5.21
CA PRO B 218 -8.00 -25.87 -5.16
C PRO B 218 -8.18 -24.90 -4.01
N CYS B 219 -8.60 -23.68 -4.31
CA CYS B 219 -8.66 -22.63 -3.30
C CYS B 219 -10.05 -22.01 -3.15
N LEU B 220 -11.04 -22.58 -3.85
CA LEU B 220 -12.41 -22.05 -3.81
C LEU B 220 -13.40 -23.10 -3.34
N ASN B 221 -14.30 -22.71 -2.45
CA ASN B 221 -15.46 -23.54 -2.18
C ASN B 221 -16.58 -23.16 -3.15
N ALA B 222 -17.41 -24.13 -3.48
CA ALA B 222 -18.54 -23.90 -4.38
C ALA B 222 -19.40 -22.73 -3.89
N SER B 223 -19.47 -22.56 -2.57
CA SER B 223 -20.25 -21.49 -1.97
C SER B 223 -19.69 -20.08 -2.21
N ASN B 224 -18.51 -19.98 -2.79
CA ASN B 224 -17.85 -18.67 -2.98
C ASN B 224 -17.99 -18.11 -4.40
N ILE B 225 -18.65 -18.84 -5.28
CA ILE B 225 -18.74 -18.46 -6.69
C ILE B 225 -20.19 -18.17 -7.10
N ALA B 226 -20.41 -17.11 -7.86
CA ALA B 226 -21.73 -16.86 -8.49
C ALA B 226 -21.54 -16.50 -9.95
N TYR B 227 -22.38 -17.08 -10.80
CA TYR B 227 -22.37 -16.82 -12.23
C TYR B 227 -23.45 -15.83 -12.62
N ILE B 228 -23.15 -14.97 -13.58
CA ILE B 228 -24.19 -14.18 -14.22
C ILE B 228 -24.01 -14.24 -15.73
N GLY B 229 -25.09 -14.49 -16.46
CA GLY B 229 -25.11 -14.33 -17.90
C GLY B 229 -25.11 -15.62 -18.70
N LEU B 230 -25.17 -16.76 -18.00
CA LEU B 230 -25.04 -18.07 -18.65
C LEU B 230 -26.15 -18.33 -19.68
N ARG B 231 -25.77 -18.91 -20.81
CA ARG B 231 -26.74 -19.32 -21.82
C ARG B 231 -26.27 -20.50 -22.69
N ASP B 232 -25.09 -21.05 -22.41
CA ASP B 232 -24.58 -22.19 -23.20
C ASP B 232 -23.78 -23.17 -22.34
N LEU B 233 -24.44 -23.73 -21.32
CA LEU B 233 -23.85 -24.71 -20.42
C LEU B 233 -23.82 -26.11 -21.03
N ASP B 234 -22.71 -26.83 -20.87
CA ASP B 234 -22.70 -28.25 -21.22
C ASP B 234 -23.43 -29.00 -20.10
N ALA B 235 -23.99 -30.16 -20.43
CA ALA B 235 -24.81 -30.92 -19.47
C ALA B 235 -24.07 -31.29 -18.20
N HIS B 236 -22.81 -31.66 -18.33
CA HIS B 236 -22.05 -32.02 -17.14
C HIS B 236 -21.74 -30.82 -16.26
N GLU B 237 -21.63 -29.63 -16.85
CA GLU B 237 -21.49 -28.41 -16.06
C GLU B 237 -22.76 -28.13 -15.26
N THR B 238 -23.90 -28.20 -15.93
CA THR B 238 -25.19 -28.05 -15.26
C THR B 238 -25.29 -29.00 -14.08
N HIS B 239 -24.86 -30.24 -14.29
CA HIS B 239 -24.93 -31.23 -13.22
C HIS B 239 -24.11 -30.83 -11.98
N ASP B 240 -22.84 -30.52 -12.21
CA ASP B 240 -21.94 -30.10 -11.13
C ASP B 240 -22.36 -28.79 -10.44
N ILE B 241 -22.87 -27.85 -11.22
CA ILE B 241 -23.32 -26.57 -10.65
C ILE B 241 -24.50 -26.78 -9.71
N ARG B 242 -25.47 -27.58 -10.14
CA ARG B 242 -26.62 -27.87 -9.30
C ARG B 242 -26.24 -28.80 -8.14
N LYS B 243 -25.45 -29.83 -8.42
CA LYS B 243 -25.07 -30.78 -7.38
C LYS B 243 -24.42 -30.07 -6.19
N HIS B 244 -23.49 -29.16 -6.47
CA HIS B 244 -22.71 -28.52 -5.40
C HIS B 244 -23.23 -27.15 -4.98
N GLY B 245 -24.40 -26.78 -5.49
CA GLY B 245 -25.08 -25.55 -5.05
C GLY B 245 -24.34 -24.26 -5.39
N ILE B 246 -23.72 -24.21 -6.57
CA ILE B 246 -23.09 -22.96 -7.00
C ILE B 246 -24.18 -21.99 -7.41
N ALA B 247 -24.15 -20.77 -6.88
CA ALA B 247 -25.16 -19.79 -7.25
C ALA B 247 -25.00 -19.45 -8.73
N TYR B 248 -26.10 -19.43 -9.46
CA TYR B 248 -26.02 -19.12 -10.89
C TYR B 248 -27.27 -18.41 -11.40
N PHE B 249 -27.03 -17.38 -12.21
CA PHE B 249 -28.11 -16.59 -12.81
C PHE B 249 -27.93 -16.52 -14.32
N THR B 250 -28.75 -17.26 -15.03
CA THR B 250 -28.63 -17.39 -16.48
C THR B 250 -29.37 -16.24 -17.16
N MET B 251 -29.30 -16.18 -18.49
CA MET B 251 -30.05 -15.15 -19.22
C MET B 251 -31.57 -15.27 -18.99
N LEU B 252 -32.03 -16.50 -18.74
CA LEU B 252 -33.43 -16.68 -18.39
C LEU B 252 -33.78 -15.97 -17.07
N ASP B 253 -32.92 -16.11 -16.06
CA ASP B 253 -33.09 -15.38 -14.81
C ASP B 253 -33.02 -13.87 -15.01
N VAL B 254 -32.07 -13.43 -15.83
CA VAL B 254 -31.97 -12.00 -16.17
C VAL B 254 -33.27 -11.50 -16.84
N ASP B 255 -33.81 -12.27 -17.78
CA ASP B 255 -35.09 -11.93 -18.41
C ASP B 255 -36.25 -11.88 -17.40
N ARG B 256 -36.36 -12.88 -16.55
CA ARG B 256 -37.48 -12.94 -15.60
CA ARG B 256 -37.47 -12.94 -15.60
C ARG B 256 -37.32 -12.00 -14.40
N MET B 257 -36.10 -11.87 -13.89
CA MET B 257 -35.87 -11.08 -12.67
C MET B 257 -35.44 -9.64 -12.91
N GLY B 258 -34.82 -9.39 -14.06
CA GLY B 258 -34.21 -8.09 -14.30
C GLY B 258 -32.80 -8.09 -13.75
N ILE B 259 -31.88 -7.38 -14.40
CA ILE B 259 -30.48 -7.40 -13.98
C ILE B 259 -30.27 -6.80 -12.57
N GLU B 260 -31.10 -5.83 -12.18
CA GLU B 260 -30.92 -5.21 -10.86
C GLU B 260 -31.09 -6.25 -9.74
N ALA B 261 -32.15 -7.06 -9.83
CA ALA B 261 -32.35 -8.12 -8.84
C ALA B 261 -31.30 -9.23 -8.95
N VAL B 262 -30.87 -9.54 -10.17
CA VAL B 262 -29.84 -10.57 -10.35
C VAL B 262 -28.53 -10.16 -9.66
N ILE B 263 -28.12 -8.92 -9.87
CA ILE B 263 -26.90 -8.41 -9.22
C ILE B 263 -27.02 -8.49 -7.70
N LYS B 264 -28.14 -8.04 -7.18
CA LYS B 264 -28.38 -8.07 -5.73
C LYS B 264 -28.33 -9.49 -5.15
N GLU B 265 -29.00 -10.44 -5.80
CA GLU B 265 -29.04 -11.83 -5.35
C GLU B 265 -27.68 -12.52 -5.47
N ALA B 266 -26.92 -12.19 -6.52
CA ALA B 266 -25.60 -12.77 -6.69
C ALA B 266 -24.67 -12.31 -5.55
N LEU B 267 -24.72 -11.03 -5.21
CA LEU B 267 -23.89 -10.51 -4.13
C LEU B 267 -24.36 -11.03 -2.77
N LEU B 268 -25.67 -11.13 -2.58
CA LEU B 268 -26.20 -11.75 -1.37
C LEU B 268 -25.70 -13.19 -1.21
N ALA B 269 -25.72 -13.95 -2.30
CA ALA B 269 -25.26 -15.34 -2.27
C ALA B 269 -23.80 -15.55 -1.86
N VAL B 270 -22.88 -14.71 -2.34
CA VAL B 270 -21.46 -14.96 -2.06
C VAL B 270 -20.77 -13.90 -1.21
N ASN B 271 -21.39 -12.74 -1.04
CA ASN B 271 -20.78 -11.66 -0.27
C ASN B 271 -21.83 -10.86 0.52
N PRO B 272 -22.60 -11.55 1.38
CA PRO B 272 -23.85 -11.05 1.97
C PRO B 272 -23.72 -9.73 2.77
N ARG B 273 -22.57 -9.51 3.37
CA ARG B 273 -22.38 -8.30 4.19
C ARG B 273 -21.18 -7.50 3.71
N LEU B 274 -20.80 -7.73 2.44
CA LEU B 274 -19.68 -7.03 1.82
C LEU B 274 -18.39 -7.18 2.64
N GLU B 275 -18.21 -8.35 3.22
CA GLU B 275 -17.04 -8.64 4.04
C GLU B 275 -15.88 -9.17 3.21
N LYS B 276 -16.16 -9.69 2.03
CA LYS B 276 -15.12 -10.36 1.23
C LYS B 276 -14.60 -9.54 0.06
N ALA B 277 -13.31 -9.68 -0.22
CA ALA B 277 -12.74 -9.15 -1.46
C ALA B 277 -13.42 -9.84 -2.64
N ILE B 278 -13.61 -9.13 -3.74
CA ILE B 278 -14.26 -9.69 -4.92
C ILE B 278 -13.28 -9.85 -6.08
N HIS B 279 -13.29 -11.04 -6.67
CA HIS B 279 -12.61 -11.29 -7.93
C HIS B 279 -13.68 -11.30 -9.01
N LEU B 280 -13.69 -10.29 -9.86
CA LEU B 280 -14.68 -10.20 -10.92
C LEU B 280 -14.08 -10.76 -12.21
N SER B 281 -14.55 -11.91 -12.67
CA SER B 281 -14.01 -12.49 -13.89
C SER B 281 -15.02 -12.31 -15.03
N PHE B 282 -14.70 -11.40 -15.95
CA PHE B 282 -15.64 -10.96 -16.98
C PHE B 282 -15.18 -11.44 -18.36
N ASP B 283 -15.89 -12.43 -18.90
CA ASP B 283 -15.67 -12.89 -20.28
C ASP B 283 -16.43 -11.92 -21.19
N ILE B 284 -15.73 -11.31 -22.13
CA ILE B 284 -16.39 -10.38 -23.03
C ILE B 284 -17.57 -11.06 -23.77
N ASP B 285 -17.53 -12.37 -23.94
CA ASP B 285 -18.63 -13.07 -24.62
C ASP B 285 -19.92 -13.20 -23.79
N ALA B 286 -19.88 -12.71 -22.56
CA ALA B 286 -21.12 -12.60 -21.79
C ALA B 286 -22.04 -11.56 -22.44
N LEU B 287 -21.44 -10.56 -23.07
CA LEU B 287 -22.18 -9.50 -23.77
C LEU B 287 -22.72 -10.04 -25.09
N ASP B 288 -23.82 -9.49 -25.56
CA ASP B 288 -24.38 -9.92 -26.83
C ASP B 288 -23.38 -9.68 -27.93
N PRO B 289 -23.33 -10.60 -28.92
CA PRO B 289 -22.45 -10.46 -30.09
C PRO B 289 -22.69 -9.16 -30.90
N LEU B 290 -23.86 -8.55 -30.77
CA LEU B 290 -24.08 -7.25 -31.42
C LEU B 290 -23.15 -6.16 -30.89
N VAL B 291 -22.73 -6.26 -29.63
CA VAL B 291 -21.83 -5.26 -29.08
C VAL B 291 -20.40 -5.76 -28.85
N ALA B 292 -20.23 -7.08 -28.84
CA ALA B 292 -18.89 -7.64 -28.65
C ALA B 292 -18.68 -8.81 -29.61
N PRO B 293 -18.67 -8.51 -30.93
CA PRO B 293 -18.57 -9.58 -31.93
C PRO B 293 -17.19 -10.23 -32.03
N SER B 294 -16.12 -9.55 -31.63
CA SER B 294 -14.76 -10.07 -31.85
C SER B 294 -14.29 -10.94 -30.68
N THR B 295 -14.83 -12.14 -30.59
CA THR B 295 -14.52 -13.05 -29.52
C THR B 295 -14.75 -14.44 -30.07
N GLY B 296 -14.07 -15.45 -29.55
CA GLY B 296 -14.04 -16.76 -30.20
C GLY B 296 -15.27 -17.66 -30.11
N THR B 297 -16.03 -17.55 -29.03
CA THR B 297 -17.20 -18.39 -28.84
C THR B 297 -18.44 -17.52 -28.53
N ALA B 298 -18.89 -16.78 -29.54
CA ALA B 298 -19.99 -15.84 -29.39
C ALA B 298 -21.31 -16.59 -29.28
N VAL B 299 -22.20 -16.14 -28.39
CA VAL B 299 -23.53 -16.75 -28.25
C VAL B 299 -24.63 -15.66 -28.25
N PRO B 300 -25.59 -15.75 -29.19
CA PRO B 300 -26.64 -14.73 -29.30
C PRO B 300 -27.52 -14.67 -28.05
N GLY B 301 -28.22 -13.54 -27.85
CA GLY B 301 -29.08 -13.35 -26.71
C GLY B 301 -28.34 -13.07 -25.40
N GLY B 302 -27.27 -12.28 -25.48
CA GLY B 302 -26.46 -11.96 -24.31
C GLY B 302 -26.86 -10.71 -23.57
N LEU B 303 -26.04 -10.32 -22.59
CA LEU B 303 -26.25 -9.07 -21.87
C LEU B 303 -26.13 -7.90 -22.82
N THR B 304 -26.98 -6.88 -22.66
CA THR B 304 -26.77 -5.62 -23.36
C THR B 304 -25.54 -4.95 -22.75
N LEU B 305 -24.96 -3.96 -23.43
CA LEU B 305 -23.86 -3.22 -22.81
C LEU B 305 -24.31 -2.61 -21.49
N ARG B 306 -25.52 -2.04 -21.47
CA ARG B 306 -26.07 -1.44 -20.26
C ARG B 306 -26.18 -2.41 -19.08
N GLU B 307 -26.63 -3.63 -19.32
CA GLU B 307 -26.66 -4.64 -18.25
C GLU B 307 -25.24 -4.99 -17.77
N GLY B 308 -24.29 -5.08 -18.70
CA GLY B 308 -22.91 -5.31 -18.31
C GLY B 308 -22.38 -4.18 -17.44
N LEU B 309 -22.68 -2.95 -17.84
CA LEU B 309 -22.29 -1.77 -17.06
C LEU B 309 -22.89 -1.79 -15.66
N ARG B 310 -24.16 -2.17 -15.53
CA ARG B 310 -24.80 -2.22 -14.22
C ARG B 310 -24.09 -3.21 -13.30
N ILE B 311 -23.73 -4.37 -13.84
CA ILE B 311 -23.00 -5.37 -13.03
C ILE B 311 -21.70 -4.76 -12.51
N CYS B 312 -20.94 -4.16 -13.41
CA CYS B 312 -19.65 -3.56 -13.04
C CYS B 312 -19.81 -2.35 -12.11
N GLU B 313 -20.83 -1.54 -12.34
CA GLU B 313 -21.10 -0.40 -11.47
C GLU B 313 -21.42 -0.82 -10.04
N GLU B 314 -22.25 -1.84 -9.88
CA GLU B 314 -22.63 -2.31 -8.54
C GLU B 314 -21.44 -2.98 -7.84
N VAL B 315 -20.70 -3.81 -8.57
CA VAL B 315 -19.53 -4.45 -7.98
C VAL B 315 -18.52 -3.41 -7.54
N SER B 316 -18.25 -2.44 -8.40
CA SER B 316 -17.34 -1.36 -8.06
C SER B 316 -17.77 -0.65 -6.77
N ALA B 317 -19.06 -0.33 -6.68
CA ALA B 317 -19.59 0.46 -5.57
C ALA B 317 -19.57 -0.26 -4.21
N THR B 318 -19.33 -1.56 -4.20
CA THR B 318 -19.21 -2.26 -2.91
C THR B 318 -17.98 -1.77 -2.18
N GLY B 319 -17.00 -1.27 -2.93
CA GLY B 319 -15.72 -0.95 -2.35
C GLY B 319 -14.85 -2.18 -2.14
N LYS B 320 -15.33 -3.34 -2.56
CA LYS B 320 -14.59 -4.60 -2.38
C LYS B 320 -14.00 -5.19 -3.66
N LEU B 321 -14.02 -4.43 -4.75
CA LEU B 321 -13.44 -4.93 -5.99
C LEU B 321 -11.94 -5.02 -5.83
N SER B 322 -11.40 -6.23 -5.86
CA SER B 322 -9.97 -6.43 -5.62
C SER B 322 -9.24 -6.78 -6.93
N VAL B 323 -9.83 -7.67 -7.71
CA VAL B 323 -9.34 -7.95 -9.05
C VAL B 323 -10.49 -7.97 -10.05
N VAL B 324 -10.31 -7.30 -11.18
CA VAL B 324 -11.21 -7.51 -12.32
C VAL B 324 -10.38 -7.98 -13.49
N GLU B 325 -10.80 -9.08 -14.11
CA GLU B 325 -10.13 -9.55 -15.33
C GLU B 325 -11.13 -9.60 -16.46
N LEU B 326 -10.67 -9.21 -17.63
CA LEU B 326 -11.49 -9.21 -18.83
C LEU B 326 -10.89 -10.14 -19.86
N ALA B 327 -11.60 -11.23 -20.16
CA ALA B 327 -11.08 -12.30 -20.99
C ALA B 327 -11.71 -12.37 -22.38
N GLU B 328 -11.01 -13.01 -23.30
CA GLU B 328 -11.53 -13.45 -24.62
C GLU B 328 -11.69 -12.37 -25.69
N LEU B 329 -11.07 -11.21 -25.50
CA LEU B 329 -10.95 -10.27 -26.60
C LEU B 329 -10.09 -10.92 -27.68
N ASN B 330 -10.54 -10.89 -28.93
CA ASN B 330 -9.72 -11.36 -30.04
C ASN B 330 -9.88 -10.43 -31.25
N PRO B 331 -8.96 -9.46 -31.37
CA PRO B 331 -9.01 -8.47 -32.45
C PRO B 331 -8.68 -9.03 -33.84
N LEU B 332 -8.35 -10.31 -33.94
CA LEU B 332 -8.16 -10.91 -35.25
C LEU B 332 -9.46 -11.51 -35.79
N LEU B 333 -10.55 -11.38 -35.03
CA LEU B 333 -11.84 -11.90 -35.48
C LEU B 333 -12.76 -10.77 -35.88
N GLY B 334 -13.48 -10.95 -36.98
CA GLY B 334 -14.44 -9.98 -37.48
C GLY B 334 -13.85 -8.84 -38.29
N SER B 335 -14.70 -7.92 -38.71
CA SER B 335 -14.29 -6.78 -39.52
C SER B 335 -13.58 -5.75 -38.65
N GLN B 336 -13.02 -4.73 -39.28
CA GLN B 336 -12.44 -3.61 -38.55
C GLN B 336 -13.50 -2.97 -37.63
N GLU B 337 -14.71 -2.81 -38.15
CA GLU B 337 -15.77 -2.21 -37.34
C GLU B 337 -16.16 -3.10 -36.15
N ASP B 338 -16.19 -4.41 -36.37
CA ASP B 338 -16.41 -5.36 -35.28
C ASP B 338 -15.39 -5.18 -34.17
N VAL B 339 -14.12 -5.07 -34.54
CA VAL B 339 -13.06 -4.90 -33.55
C VAL B 339 -13.23 -3.61 -32.74
N LEU B 340 -13.55 -2.51 -33.43
CA LEU B 340 -13.80 -1.22 -32.79
C LEU B 340 -14.98 -1.27 -31.81
N LYS B 341 -16.05 -1.95 -32.20
CA LYS B 341 -17.20 -2.17 -31.32
C LYS B 341 -16.80 -2.94 -30.08
N THR B 342 -15.99 -3.97 -30.27
CA THR B 342 -15.60 -4.84 -29.16
C THR B 342 -14.66 -4.09 -28.22
N GLN B 343 -13.71 -3.37 -28.79
CA GLN B 343 -12.79 -2.55 -28.02
C GLN B 343 -13.55 -1.51 -27.19
N SER B 344 -14.51 -0.82 -27.82
CA SER B 344 -15.31 0.19 -27.13
C SER B 344 -16.12 -0.41 -25.97
N SER B 345 -16.77 -1.54 -26.20
CA SER B 345 -17.51 -2.21 -25.12
C SER B 345 -16.58 -2.54 -23.95
N ALA B 346 -15.41 -3.09 -24.26
CA ALA B 346 -14.43 -3.43 -23.23
C ALA B 346 -13.99 -2.21 -22.42
N VAL B 347 -13.73 -1.10 -23.09
CA VAL B 347 -13.30 0.12 -22.40
C VAL B 347 -14.37 0.68 -21.45
N HIS B 348 -15.62 0.74 -21.91
CA HIS B 348 -16.71 1.21 -21.05
C HIS B 348 -16.89 0.30 -19.83
N ILE B 349 -16.77 -1.01 -20.05
CA ILE B 349 -16.88 -2.00 -18.98
C ILE B 349 -15.77 -1.81 -17.93
N LEU B 350 -14.52 -1.71 -18.39
CA LEU B 350 -13.39 -1.54 -17.46
C LEU B 350 -13.45 -0.20 -16.72
N ARG B 351 -13.88 0.86 -17.41
CA ARG B 351 -14.06 2.15 -16.74
C ARG B 351 -15.10 2.09 -15.62
N ALA B 352 -16.21 1.38 -15.89
CA ALA B 352 -17.25 1.20 -14.88
C ALA B 352 -16.69 0.48 -13.64
N CYS B 353 -15.86 -0.54 -13.87
CA CYS B 353 -15.26 -1.30 -12.78
C CYS B 353 -14.43 -0.41 -11.85
N LEU B 354 -13.78 0.59 -12.43
CA LEU B 354 -12.91 1.45 -11.63
C LEU B 354 -13.65 2.64 -11.01
N GLY B 355 -14.94 2.78 -11.32
CA GLY B 355 -15.77 3.78 -10.65
C GLY B 355 -16.35 4.85 -11.55
N HIS B 356 -16.16 4.76 -12.86
CA HIS B 356 -16.74 5.78 -13.72
C HIS B 356 -18.26 5.77 -13.58
N CYS B 357 -18.85 6.95 -13.47
CA CYS B 357 -20.30 7.09 -13.27
CA CYS B 357 -20.29 7.01 -13.31
C CYS B 357 -20.95 7.72 -14.49
N ARG B 358 -22.01 7.10 -15.00
CA ARG B 358 -22.69 7.61 -16.19
C ARG B 358 -23.48 8.88 -15.87
N SER B 359 -23.78 9.10 -14.59
CA SER B 359 -24.51 10.30 -14.19
C SER B 359 -23.58 11.50 -13.98
N GLY B 360 -22.29 11.32 -14.32
CA GLY B 360 -21.36 12.43 -14.29
C GLY B 360 -20.44 12.48 -13.09
N HIS B 361 -19.35 13.23 -13.23
CA HIS B 361 -18.38 13.44 -12.15
C HIS B 361 -18.18 14.94 -11.97
N LEU B 362 -17.92 15.38 -10.74
CA LEU B 362 -17.66 16.78 -10.43
C LEU B 362 -16.22 17.16 -10.77
N PRO B 363 -15.98 18.45 -11.09
CA PRO B 363 -14.62 18.89 -11.43
C PRO B 363 -13.77 18.87 -10.17
N PHE B 364 -12.47 18.62 -10.31
CA PHE B 364 -11.59 18.66 -9.16
C PHE B 364 -11.35 20.10 -8.74
N LYS B 365 -11.43 21.01 -9.71
CA LYS B 365 -11.44 22.44 -9.42
C LYS B 365 -12.48 23.17 -10.29
N VAL B 366 -13.45 23.78 -9.62
CA VAL B 366 -14.48 24.54 -10.32
C VAL B 366 -13.90 25.81 -10.93
N ARG B 367 -14.17 26.01 -12.22
CA ARG B 367 -13.74 27.22 -12.91
C ARG B 367 -14.77 28.33 -12.75
N ASN B 368 -14.29 29.57 -12.63
CA ASN B 368 -15.16 30.72 -12.43
C ASN B 368 -14.71 31.87 -13.32
N LEU B 369 -15.61 32.30 -14.20
CA LEU B 369 -15.29 33.29 -15.22
C LEU B 369 -14.61 34.54 -14.65
N THR B 370 -15.10 35.04 -13.53
CA THR B 370 -14.57 36.27 -12.94
C THR B 370 -13.17 36.09 -12.37
N ASP B 371 -12.74 34.84 -12.21
CA ASP B 371 -11.40 34.55 -11.73
C ASP B 371 -10.38 34.64 -12.87
N GLN B 372 -10.87 34.83 -14.09
CA GLN B 372 -10.00 34.99 -15.24
C GLN B 372 -10.02 36.44 -15.72
N GLY B 373 -10.67 37.30 -14.92
CA GLY B 373 -10.76 38.71 -15.24
C GLY B 373 -11.50 38.98 -16.54
N ILE B 374 -12.51 38.17 -16.82
CA ILE B 374 -13.28 38.30 -18.05
C ILE B 374 -14.69 38.81 -17.78
N MET B 375 -15.07 39.86 -18.49
CA MET B 375 -16.39 40.46 -18.32
C MET B 375 -17.50 39.49 -18.73
N SER B 376 -18.39 39.16 -17.80
CA SER B 376 -19.48 38.26 -18.11
C SER B 376 -20.66 39.05 -18.63
N ARG B 377 -21.61 38.37 -19.28
CA ARG B 377 -22.80 39.04 -19.77
C ARG B 377 -23.62 39.59 -18.61
N ALA B 378 -23.74 38.78 -17.55
CA ALA B 378 -24.49 39.21 -16.38
C ALA B 378 -23.84 40.47 -15.79
N ALA B 379 -22.51 40.50 -15.82
CA ALA B 379 -21.76 41.63 -15.28
C ALA B 379 -21.88 42.86 -16.18
N HIS B 380 -21.92 42.63 -17.48
CA HIS B 380 -22.02 43.74 -18.42
C HIS B 380 -23.38 44.43 -18.35
N MET B 381 -24.44 43.66 -18.12
CA MET B 381 -25.79 44.21 -18.13
C MET B 381 -26.09 45.01 -16.87
N GLN B 382 -25.19 44.95 -15.90
CA GLN B 382 -25.37 45.68 -14.65
C GLN B 382 -24.22 46.65 -14.41
N LYS C 39 -2.09 14.75 34.92
CA LYS C 39 -1.23 13.88 35.71
C LYS C 39 -0.16 13.21 34.85
N LEU C 40 -0.56 12.67 33.70
CA LEU C 40 0.33 11.83 32.91
C LEU C 40 1.56 12.55 32.37
N LEU C 41 2.73 11.98 32.60
CA LEU C 41 3.99 12.52 32.09
C LEU C 41 4.04 12.44 30.57
N TYR C 42 3.43 11.39 30.03
CA TYR C 42 3.33 11.20 28.59
C TYR C 42 1.87 10.91 28.24
N THR C 43 1.27 11.73 27.38
CA THR C 43 -0.13 11.54 27.00
C THR C 43 -0.28 10.89 25.62
N SER C 44 0.76 11.02 24.79
CA SER C 44 0.77 10.35 23.49
C SER C 44 2.09 9.62 23.28
N ALA C 45 2.08 8.63 22.39
CA ALA C 45 3.28 7.87 22.09
C ALA C 45 3.21 7.28 20.68
N ASN C 46 4.37 6.99 20.10
CA ASN C 46 4.44 6.35 18.80
C ASN C 46 4.91 4.91 18.96
N PHE C 47 4.45 4.04 18.06
CA PHE C 47 4.84 2.64 18.05
C PHE C 47 5.43 2.30 16.68
N LEU C 48 6.57 1.61 16.69
CA LEU C 48 7.27 1.28 15.45
C LEU C 48 7.86 -0.12 15.52
N GLY C 49 7.57 -0.95 14.53
CA GLY C 49 8.13 -2.28 14.46
C GLY C 49 9.37 -2.33 13.58
N ILE C 50 10.40 -3.01 14.03
CA ILE C 50 11.59 -3.21 13.18
C ILE C 50 11.99 -4.68 13.21
N PRO C 51 11.64 -5.40 12.15
CA PRO C 51 11.79 -6.87 12.11
C PRO C 51 13.17 -7.37 11.70
N THR C 52 14.25 -6.76 12.21
CA THR C 52 15.60 -7.23 11.88
C THR C 52 15.82 -8.70 12.24
N ASN C 53 16.49 -9.42 11.36
CA ASN C 53 16.77 -10.85 11.58
C ASN C 53 18.11 -11.25 10.96
N ARG C 54 18.81 -10.28 10.38
CA ARG C 54 20.12 -10.52 9.78
C ARG C 54 21.28 -10.17 10.72
N GLY C 55 20.96 -9.82 11.97
CA GLY C 55 21.99 -9.55 12.96
C GLY C 55 22.37 -10.79 13.76
N GLN C 56 21.64 -11.88 13.53
CA GLN C 56 21.92 -13.16 14.19
C GLN C 56 21.26 -14.32 13.42
N PRO C 57 21.75 -15.55 13.62
CA PRO C 57 21.41 -16.68 12.74
C PRO C 57 20.05 -17.33 12.98
N LYS C 58 19.46 -17.17 14.16
CA LYS C 58 18.18 -17.83 14.46
C LYS C 58 16.98 -17.10 13.86
N ILE C 59 16.28 -17.77 12.94
CA ILE C 59 15.09 -17.18 12.31
C ILE C 59 13.99 -16.97 13.34
N GLY C 60 13.33 -15.82 13.31
CA GLY C 60 12.17 -15.61 14.17
C GLY C 60 12.06 -14.25 14.85
N THR C 61 13.17 -13.53 14.94
CA THR C 61 13.14 -12.20 15.55
C THR C 61 12.37 -11.24 14.65
N TYR C 62 12.15 -11.63 13.40
CA TYR C 62 11.36 -10.81 12.50
C TYR C 62 9.89 -10.80 12.91
N GLN C 63 9.50 -11.77 13.74
CA GLN C 63 8.12 -11.88 14.21
C GLN C 63 7.92 -11.18 15.56
N GLY C 64 8.97 -10.54 16.07
CA GLY C 64 8.88 -9.81 17.32
C GLY C 64 7.76 -8.77 17.35
N PRO C 65 7.75 -7.84 16.38
CA PRO C 65 6.71 -6.79 16.39
C PRO C 65 5.28 -7.35 16.43
N GLU C 66 5.03 -8.39 15.64
CA GLU C 66 3.71 -9.03 15.62
C GLU C 66 3.35 -9.66 16.96
N LEU C 67 4.36 -10.16 17.67
CA LEU C 67 4.14 -10.75 18.99
C LEU C 67 3.53 -9.73 19.95
N ILE C 68 3.91 -8.47 19.78
CA ILE C 68 3.37 -7.39 20.61
C ILE C 68 2.07 -6.85 20.06
N ARG C 69 1.98 -6.71 18.74
CA ARG C 69 0.73 -6.30 18.11
C ARG C 69 -0.41 -7.30 18.38
N LYS C 70 -0.07 -8.58 18.51
CA LYS C 70 -1.07 -9.61 18.81
C LYS C 70 -1.47 -9.64 20.28
N SER C 71 -0.68 -8.99 21.13
CA SER C 71 -0.98 -8.96 22.55
C SER C 71 -2.05 -7.91 22.83
N ASN C 72 -2.36 -7.71 24.10
CA ASN C 72 -3.30 -6.67 24.50
C ASN C 72 -2.56 -5.39 24.90
N PHE C 73 -1.33 -5.24 24.43
CA PHE C 73 -0.52 -4.07 24.74
C PHE C 73 -1.22 -2.75 24.34
N PHE C 74 -1.70 -2.69 23.11
CA PHE C 74 -2.38 -1.48 22.64
C PHE C 74 -3.62 -1.13 23.47
N GLN C 75 -4.42 -2.12 23.80
CA GLN C 75 -5.59 -1.91 24.64
C GLN C 75 -5.21 -1.38 26.02
N LEU C 76 -4.24 -2.02 26.66
CA LEU C 76 -3.81 -1.63 28.00
C LEU C 76 -3.27 -0.21 28.02
N VAL C 77 -2.54 0.17 26.97
CA VAL C 77 -2.02 1.53 26.87
C VAL C 77 -3.16 2.53 26.71
N ALA C 78 -4.14 2.19 25.88
CA ALA C 78 -5.31 3.04 25.69
C ALA C 78 -6.06 3.26 26.99
N GLU C 79 -6.08 2.22 27.83
CA GLU C 79 -6.78 2.28 29.11
C GLU C 79 -6.02 3.07 30.16
N ASP C 80 -4.71 3.24 29.97
CA ASP C 80 -3.92 4.07 30.87
C ASP C 80 -4.18 5.54 30.53
N GLY C 81 -4.80 5.77 29.38
CA GLY C 81 -5.13 7.11 28.94
C GLY C 81 -4.13 7.67 27.95
N ILE C 82 -3.38 6.79 27.30
CA ILE C 82 -2.36 7.21 26.35
C ILE C 82 -2.81 6.95 24.92
N GLN C 83 -2.65 7.96 24.07
CA GLN C 83 -2.96 7.84 22.66
C GLN C 83 -1.76 7.27 21.89
N LEU C 84 -1.81 5.97 21.59
CA LEU C 84 -0.71 5.29 20.91
C LEU C 84 -0.95 5.23 19.41
N THR C 85 -0.06 5.83 18.64
CA THR C 85 -0.15 5.81 17.18
C THR C 85 0.78 4.76 16.58
N ASP C 86 0.21 3.77 15.89
CA ASP C 86 0.99 2.73 15.25
C ASP C 86 1.59 3.27 13.96
N CYS C 87 2.90 3.44 13.92
CA CYS C 87 3.58 4.05 12.79
C CYS C 87 4.12 3.04 11.78
N GLY C 88 3.64 1.80 11.86
CA GLY C 88 4.03 0.77 10.91
C GLY C 88 5.33 0.04 11.25
N ASP C 89 5.91 -0.61 10.24
CA ASP C 89 7.17 -1.32 10.39
C ASP C 89 8.22 -0.76 9.44
N ILE C 90 9.49 -0.84 9.83
CA ILE C 90 10.59 -0.63 8.89
C ILE C 90 10.75 -1.90 8.06
N ILE C 91 11.06 -1.74 6.78
CA ILE C 91 11.38 -2.88 5.94
C ILE C 91 12.90 -3.02 5.84
N PRO C 92 13.47 -4.03 6.53
CA PRO C 92 14.93 -4.21 6.54
C PRO C 92 15.44 -4.61 5.16
N VAL C 93 16.67 -4.24 4.84
CA VAL C 93 17.31 -4.67 3.60
C VAL C 93 17.97 -6.03 3.82
N GLU C 94 17.49 -7.06 3.12
CA GLU C 94 18.04 -8.40 3.28
C GLU C 94 18.59 -8.94 1.95
N LEU C 95 19.88 -8.68 1.73
CA LEU C 95 20.55 -9.09 0.50
C LEU C 95 20.79 -10.61 0.49
N ASN C 96 21.09 -11.15 -0.69
CA ASN C 96 21.44 -12.57 -0.76
C ASN C 96 22.94 -12.75 -0.59
N GLU C 97 23.38 -14.00 -0.39
CA GLU C 97 24.78 -14.29 -0.06
C GLU C 97 25.78 -13.74 -1.08
N ALA C 98 25.44 -13.82 -2.36
CA ALA C 98 26.32 -13.33 -3.41
C ALA C 98 26.55 -11.84 -3.28
N GLU C 99 25.49 -11.10 -2.97
CA GLU C 99 25.57 -9.65 -2.85
C GLU C 99 26.20 -9.22 -1.53
N ASP C 100 26.09 -10.08 -0.51
CA ASP C 100 26.47 -9.70 0.85
C ASP C 100 27.32 -10.79 1.51
N PRO C 101 28.56 -11.00 1.02
CA PRO C 101 29.46 -12.02 1.59
C PRO C 101 30.21 -11.50 2.80
N GLN C 102 30.85 -12.39 3.55
CA GLN C 102 31.63 -11.99 4.72
C GLN C 102 32.67 -10.92 4.37
N ARG C 103 32.76 -9.91 5.24
CA ARG C 103 33.81 -8.89 5.15
C ARG C 103 34.32 -8.61 6.56
N PHE C 104 35.63 -8.68 6.74
CA PHE C 104 36.26 -8.57 8.06
C PHE C 104 35.54 -9.41 9.12
N GLY C 105 35.12 -10.61 8.73
CA GLY C 105 34.51 -11.54 9.66
C GLY C 105 33.01 -11.34 9.89
N MET C 106 32.51 -10.16 9.55
CA MET C 106 31.10 -9.82 9.76
C MET C 106 30.17 -10.58 8.83
N LYS C 107 29.06 -11.08 9.37
CA LYS C 107 28.03 -11.72 8.55
C LYS C 107 26.90 -10.75 8.21
N TRP C 108 26.59 -10.64 6.93
CA TRP C 108 25.50 -9.78 6.46
C TRP C 108 25.75 -8.30 6.74
N SER C 109 26.97 -7.85 6.48
CA SER C 109 27.37 -6.49 6.83
C SER C 109 26.79 -5.42 5.91
N ARG C 110 26.52 -5.77 4.65
CA ARG C 110 25.94 -4.79 3.73
C ARG C 110 24.43 -4.65 3.96
N SER C 111 23.79 -5.75 4.29
CA SER C 111 22.41 -5.70 4.75
C SER C 111 22.33 -4.82 6.01
N PHE C 112 23.31 -4.94 6.88
CA PHE C 112 23.41 -4.09 8.07
C PHE C 112 23.51 -2.61 7.74
N SER C 113 24.51 -2.22 6.94
CA SER C 113 24.73 -0.80 6.68
C SER C 113 23.51 -0.16 6.00
N LEU C 114 22.93 -0.85 5.04
CA LEU C 114 21.75 -0.35 4.36
C LEU C 114 20.54 -0.24 5.30
N THR C 115 20.32 -1.28 6.10
CA THR C 115 19.20 -1.28 7.04
C THR C 115 19.37 -0.21 8.11
N THR C 116 20.61 -0.03 8.57
CA THR C 116 20.92 0.98 9.57
C THR C 116 20.49 2.37 9.09
N LEU C 117 20.92 2.74 7.89
CA LEU C 117 20.64 4.06 7.33
C LEU C 117 19.14 4.25 7.13
N ARG C 118 18.46 3.19 6.72
CA ARG C 118 17.02 3.23 6.54
C ARG C 118 16.29 3.44 7.88
N ILE C 119 16.70 2.67 8.89
CA ILE C 119 16.16 2.83 10.23
C ILE C 119 16.37 4.26 10.71
N ALA C 120 17.61 4.75 10.62
CA ALA C 120 17.96 6.06 11.13
C ALA C 120 17.12 7.16 10.51
N GLU C 121 16.81 7.02 9.22
CA GLU C 121 16.04 8.04 8.51
C GLU C 121 14.61 8.13 9.05
N ARG C 122 13.98 6.99 9.25
CA ARG C 122 12.61 6.93 9.75
C ARG C 122 12.55 7.40 11.20
N VAL C 123 13.52 6.99 12.00
CA VAL C 123 13.54 7.35 13.41
C VAL C 123 13.76 8.85 13.60
N GLU C 124 14.68 9.42 12.83
CA GLU C 124 14.93 10.86 12.86
C GLU C 124 13.66 11.64 12.54
N GLU C 125 12.97 11.21 11.50
CA GLU C 125 11.71 11.82 11.07
C GLU C 125 10.67 11.81 12.18
N LEU C 126 10.45 10.65 12.78
CA LEU C 126 9.46 10.50 13.84
C LEU C 126 9.78 11.39 15.04
N MET C 127 11.05 11.46 15.41
CA MET C 127 11.48 12.23 16.57
C MET C 127 11.48 13.74 16.32
N LYS C 128 11.47 14.14 15.05
CA LYS C 128 11.44 15.56 14.73
C LYS C 128 10.02 16.09 14.56
N GLN C 129 9.09 15.20 14.21
CA GLN C 129 7.69 15.58 14.19
C GLN C 129 7.21 15.65 15.63
N SER C 130 7.94 14.96 16.51
CA SER C 130 7.71 15.03 17.95
C SER C 130 8.12 16.39 18.49
N ASN C 131 9.35 16.80 18.19
CA ASN C 131 9.89 18.06 18.69
C ASN C 131 9.25 19.27 18.01
N LYS C 141 4.25 18.03 26.95
CA LYS C 141 4.79 16.71 27.28
C LYS C 141 5.41 16.07 26.04
N SER C 142 6.54 15.40 26.22
CA SER C 142 7.22 14.73 25.12
C SER C 142 6.45 13.48 24.67
N THR C 143 6.65 13.10 23.40
CA THR C 143 6.00 11.93 22.82
C THR C 143 7.02 10.80 22.65
N PRO C 144 7.00 9.81 23.56
CA PRO C 144 7.96 8.71 23.50
C PRO C 144 7.76 7.87 22.25
N LEU C 145 8.85 7.37 21.68
CA LEU C 145 8.77 6.41 20.59
C LEU C 145 9.10 5.02 21.12
N VAL C 146 8.14 4.10 20.99
CA VAL C 146 8.30 2.71 21.40
C VAL C 146 8.65 1.85 20.18
N ILE C 147 9.80 1.17 20.24
CA ILE C 147 10.29 0.36 19.14
C ILE C 147 10.40 -1.11 19.52
N VAL C 148 9.78 -1.98 18.71
CA VAL C 148 9.91 -3.41 18.96
C VAL C 148 10.71 -4.10 17.86
N GLY C 149 11.77 -4.81 18.24
CA GLY C 149 12.56 -5.57 17.29
C GLY C 149 12.01 -6.98 17.11
N GLY C 150 12.71 -7.81 16.33
CA GLY C 150 13.97 -7.45 15.71
C GLY C 150 15.14 -7.76 16.63
N ASP C 151 16.22 -8.29 16.06
CA ASP C 151 17.43 -8.51 16.86
C ASP C 151 18.11 -7.17 17.16
N HIS C 152 19.07 -7.18 18.07
CA HIS C 152 19.63 -5.93 18.59
C HIS C 152 20.49 -5.14 17.61
N SER C 153 20.79 -5.73 16.45
CA SER C 153 21.57 -5.02 15.44
C SER C 153 20.89 -3.70 15.05
N MET C 154 19.57 -3.64 15.25
CA MET C 154 18.79 -2.45 14.88
C MET C 154 19.19 -1.19 15.66
N ALA C 155 19.85 -1.37 16.80
CA ALA C 155 20.15 -0.23 17.69
C ALA C 155 21.10 0.78 17.07
N THR C 156 21.98 0.33 16.18
CA THR C 156 22.86 1.27 15.50
C THR C 156 22.03 2.30 14.72
N GLY C 157 20.98 1.83 14.07
CA GLY C 157 20.10 2.70 13.30
C GLY C 157 19.19 3.56 14.16
N THR C 158 18.59 2.96 15.19
CA THR C 158 17.67 3.69 16.07
C THR C 158 18.39 4.81 16.82
N ILE C 159 19.58 4.52 17.34
CA ILE C 159 20.33 5.53 18.07
C ILE C 159 20.88 6.62 17.15
N LEU C 160 21.38 6.21 15.99
CA LEU C 160 21.84 7.17 14.98
C LEU C 160 20.73 8.17 14.64
N GLY C 161 19.55 7.63 14.29
CA GLY C 161 18.42 8.46 13.93
C GLY C 161 17.94 9.31 15.09
N HIS C 162 17.98 8.72 16.30
CA HIS C 162 17.56 9.43 17.51
C HIS C 162 18.47 10.60 17.79
N ALA C 163 19.78 10.37 17.68
CA ALA C 163 20.79 11.38 17.96
C ALA C 163 20.73 12.55 16.97
N GLU C 164 20.21 12.30 15.79
CA GLU C 164 20.04 13.37 14.82
C GLU C 164 19.02 14.39 15.34
N ALA C 165 17.95 13.89 15.95
CA ALA C 165 16.93 14.78 16.51
C ALA C 165 17.30 15.28 17.90
N LYS C 166 18.12 14.51 18.62
CA LYS C 166 18.54 14.89 19.98
C LYS C 166 20.00 14.52 20.21
N PRO C 167 20.92 15.42 19.82
CA PRO C 167 22.35 15.09 19.76
C PRO C 167 22.96 14.79 21.12
N ASP C 168 22.39 15.34 22.18
CA ASP C 168 22.96 15.22 23.52
C ASP C 168 22.32 14.13 24.37
N LEU C 169 21.63 13.20 23.72
CA LEU C 169 20.93 12.13 24.43
C LEU C 169 21.86 11.25 25.26
N CYS C 170 21.29 10.47 26.17
CA CYS C 170 22.05 9.44 26.86
C CYS C 170 21.43 8.08 26.54
N VAL C 171 22.23 7.02 26.71
CA VAL C 171 21.77 5.67 26.40
C VAL C 171 21.82 4.79 27.65
N LEU C 172 20.72 4.11 27.95
CA LEU C 172 20.71 3.11 29.01
C LEU C 172 20.52 1.75 28.35
N TRP C 173 21.54 0.91 28.45
CA TRP C 173 21.57 -0.38 27.77
C TRP C 173 21.35 -1.52 28.76
N ILE C 174 20.17 -2.12 28.71
CA ILE C 174 19.77 -3.21 29.60
C ILE C 174 19.94 -4.53 28.85
N ASP C 175 20.85 -5.37 29.32
CA ASP C 175 21.30 -6.48 28.48
C ASP C 175 22.21 -7.43 29.25
N ALA C 176 22.13 -8.72 28.94
CA ALA C 176 23.08 -9.67 29.49
C ALA C 176 24.43 -9.48 28.82
N HIS C 177 24.43 -8.85 27.64
CA HIS C 177 25.62 -8.74 26.81
C HIS C 177 26.04 -7.29 26.54
N GLY C 178 27.32 -7.10 26.22
CA GLY C 178 27.84 -5.78 25.92
C GLY C 178 27.42 -5.22 24.56
N ASP C 179 27.29 -6.10 23.57
CA ASP C 179 26.92 -5.68 22.22
C ASP C 179 27.84 -4.58 21.69
N ILE C 180 29.11 -4.64 22.09
CA ILE C 180 30.05 -3.59 21.75
C ILE C 180 31.36 -4.16 21.16
N ASN C 181 31.28 -5.40 20.68
CA ASN C 181 32.42 -5.98 19.98
C ASN C 181 32.75 -5.18 18.73
N THR C 182 34.02 -4.90 18.53
CA THR C 182 34.48 -4.32 17.26
C THR C 182 34.71 -5.45 16.25
N PRO C 183 34.41 -5.20 14.97
CA PRO C 183 34.31 -6.27 13.98
C PRO C 183 35.42 -7.32 14.05
N LEU C 184 36.67 -6.89 14.14
CA LEU C 184 37.74 -7.86 14.07
C LEU C 184 37.93 -8.69 15.35
N ASN C 185 37.24 -8.29 16.42
CA ASN C 185 37.31 -9.05 17.67
C ASN C 185 36.13 -9.99 17.88
N SER C 186 35.13 -9.88 17.01
CA SER C 186 33.93 -10.73 17.13
C SER C 186 34.24 -12.18 16.77
N ALA C 187 34.03 -13.07 17.73
CA ALA C 187 34.22 -14.50 17.46
C ALA C 187 33.11 -15.02 16.56
N SER C 188 31.93 -14.42 16.66
CA SER C 188 30.76 -14.94 15.95
C SER C 188 30.54 -14.35 14.56
N GLY C 189 30.94 -13.10 14.36
CA GLY C 189 30.57 -12.38 13.15
C GLY C 189 29.12 -11.92 13.11
N ASN C 190 28.39 -12.14 14.21
CA ASN C 190 26.99 -11.75 14.30
C ASN C 190 26.84 -10.25 14.63
N MET C 191 26.18 -9.51 13.73
CA MET C 191 26.06 -8.05 13.87
C MET C 191 25.36 -7.58 15.17
N HIS C 192 24.44 -8.38 15.70
CA HIS C 192 23.71 -7.97 16.90
C HIS C 192 24.62 -7.91 18.14
N GLY C 193 25.88 -8.30 17.97
CA GLY C 193 26.86 -8.23 19.05
C GLY C 193 27.83 -7.07 18.88
N MET C 194 27.59 -6.25 17.86
CA MET C 194 28.47 -5.12 17.54
C MET C 194 27.79 -3.74 17.44
N PRO C 195 26.47 -3.64 17.71
CA PRO C 195 25.81 -2.38 17.32
C PRO C 195 26.39 -1.11 17.95
N LEU C 196 26.91 -1.22 19.17
CA LEU C 196 27.44 -0.05 19.87
C LEU C 196 28.82 0.40 19.38
N SER C 197 29.62 -0.53 18.86
CA SER C 197 30.99 -0.20 18.48
C SER C 197 31.04 0.85 17.37
N PHE C 198 30.07 0.81 16.46
CA PHE C 198 30.02 1.75 15.35
C PHE C 198 29.56 3.14 15.78
N LEU C 199 29.01 3.24 16.99
CA LEU C 199 28.42 4.49 17.49
C LEU C 199 29.35 5.27 18.43
N VAL C 200 30.23 4.55 19.12
CA VAL C 200 31.06 5.16 20.17
C VAL C 200 32.32 5.80 19.61
N LYS C 201 32.42 7.11 19.77
CA LYS C 201 33.52 7.89 19.22
C LYS C 201 34.90 7.35 19.59
N GLU C 202 35.04 6.96 20.86
CA GLU C 202 36.34 6.51 21.38
C GLU C 202 36.83 5.20 20.75
N LEU C 203 35.95 4.50 20.05
CA LEU C 203 36.26 3.20 19.48
C LEU C 203 36.58 3.24 17.98
N GLN C 204 36.52 4.43 17.37
CA GLN C 204 36.59 4.52 15.91
C GLN C 204 37.91 4.07 15.27
N ASP C 205 39.00 4.02 16.03
CA ASP C 205 40.24 3.47 15.48
C ASP C 205 40.25 1.94 15.48
N GLN C 206 39.17 1.32 15.95
CA GLN C 206 39.06 -0.13 15.92
C GLN C 206 38.02 -0.58 14.90
N ILE C 207 37.42 0.38 14.19
CA ILE C 207 36.45 0.06 13.16
C ILE C 207 37.11 0.08 11.78
N PRO C 208 37.08 -1.05 11.08
CA PRO C 208 37.73 -1.12 9.76
C PRO C 208 36.95 -0.30 8.75
N TRP C 209 37.66 0.38 7.85
CA TRP C 209 36.99 1.20 6.86
C TRP C 209 36.28 0.38 5.79
N LEU C 210 35.00 0.64 5.61
CA LEU C 210 34.24 0.10 4.47
C LEU C 210 33.43 1.25 3.90
N ASP C 211 33.42 1.39 2.58
CA ASP C 211 32.78 2.53 1.94
CA ASP C 211 32.77 2.51 1.91
C ASP C 211 31.29 2.67 2.27
N ASP C 212 30.57 1.56 2.32
CA ASP C 212 29.14 1.62 2.64
C ASP C 212 28.85 1.97 4.11
N PHE C 213 29.90 1.98 4.94
CA PHE C 213 29.75 2.37 6.34
C PHE C 213 30.09 3.84 6.59
N GLU C 214 30.24 4.61 5.52
CA GLU C 214 30.62 6.02 5.65
C GLU C 214 29.52 6.89 6.28
N GLY C 215 28.27 6.59 5.97
CA GLY C 215 27.14 7.34 6.51
C GLY C 215 26.72 6.91 7.90
N ILE C 216 27.46 5.97 8.48
CA ILE C 216 27.22 5.54 9.85
C ILE C 216 28.17 6.29 10.77
N LYS C 217 27.74 7.49 11.17
CA LYS C 217 28.58 8.42 11.94
C LYS C 217 28.53 8.12 13.43
N PRO C 218 29.70 8.00 14.07
CA PRO C 218 29.78 7.79 15.52
C PRO C 218 29.14 8.98 16.22
N CYS C 219 28.11 8.75 17.02
CA CYS C 219 27.37 9.87 17.61
C CYS C 219 27.32 9.86 19.14
N LEU C 220 27.94 8.85 19.77
CA LEU C 220 27.98 8.75 21.22
C LEU C 220 29.39 8.91 21.78
N ASN C 221 29.50 9.59 22.91
CA ASN C 221 30.71 9.53 23.72
C ASN C 221 30.54 8.42 24.74
N ALA C 222 31.65 7.75 25.09
CA ALA C 222 31.60 6.70 26.10
C ALA C 222 30.95 7.16 27.41
N SER C 223 30.99 8.48 27.67
CA SER C 223 30.41 9.03 28.90
C SER C 223 28.88 9.11 28.88
N ASN C 224 28.29 8.87 27.72
CA ASN C 224 26.84 8.97 27.53
C ASN C 224 26.12 7.63 27.65
N ILE C 225 26.87 6.58 27.98
CA ILE C 225 26.32 5.22 28.01
C ILE C 225 26.44 4.59 29.38
N ALA C 226 25.41 3.87 29.81
CA ALA C 226 25.48 3.07 31.03
C ALA C 226 24.75 1.72 30.82
N TYR C 227 25.41 0.64 31.25
CA TYR C 227 24.83 -0.68 31.14
C TYR C 227 24.23 -1.12 32.48
N ILE C 228 23.14 -1.86 32.41
CA ILE C 228 22.66 -2.62 33.56
C ILE C 228 22.31 -4.04 33.15
N GLY C 229 22.84 -5.02 33.88
CA GLY C 229 22.38 -6.40 33.75
C GLY C 229 23.39 -7.37 33.16
N LEU C 230 24.58 -6.87 32.85
CA LEU C 230 25.61 -7.66 32.19
C LEU C 230 26.01 -8.91 32.96
N ARG C 231 26.19 -10.02 32.24
CA ARG C 231 26.68 -11.26 32.84
C ARG C 231 27.44 -12.14 31.85
N ASP C 232 27.53 -11.71 30.59
CA ASP C 232 28.26 -12.49 29.59
C ASP C 232 29.08 -11.62 28.64
N LEU C 233 30.04 -10.89 29.19
CA LEU C 233 30.95 -10.06 28.40
C LEU C 233 32.08 -10.86 27.76
N ASP C 234 32.40 -10.55 26.51
CA ASP C 234 33.63 -11.03 25.89
C ASP C 234 34.80 -10.21 26.43
N ALA C 235 35.99 -10.83 26.49
CA ALA C 235 37.16 -10.20 27.11
C ALA C 235 37.45 -8.82 26.54
N HIS C 236 37.40 -8.69 25.22
CA HIS C 236 37.71 -7.41 24.58
C HIS C 236 36.63 -6.36 24.80
N GLU C 237 35.39 -6.78 25.03
CA GLU C 237 34.36 -5.83 25.47
C GLU C 237 34.69 -5.29 26.86
N THR C 238 35.10 -6.19 27.76
CA THR C 238 35.52 -5.77 29.11
C THR C 238 36.67 -4.76 29.02
N HIS C 239 37.69 -5.07 28.21
CA HIS C 239 38.81 -4.14 28.00
C HIS C 239 38.34 -2.75 27.55
N ASP C 240 37.53 -2.70 26.51
CA ASP C 240 37.07 -1.43 25.96
C ASP C 240 36.21 -0.64 26.94
N ILE C 241 35.30 -1.34 27.62
CA ILE C 241 34.41 -0.70 28.57
C ILE C 241 35.21 -0.01 29.68
N ARG C 242 36.15 -0.75 30.28
CA ARG C 242 36.96 -0.21 31.37
C ARG C 242 37.96 0.86 30.89
N LYS C 243 38.54 0.65 29.72
CA LYS C 243 39.53 1.60 29.17
C LYS C 243 38.91 2.97 28.89
N HIS C 244 37.67 2.98 28.36
CA HIS C 244 37.04 4.25 28.01
C HIS C 244 36.05 4.73 29.07
N GLY C 245 36.05 4.06 30.22
CA GLY C 245 35.26 4.49 31.34
C GLY C 245 33.76 4.53 31.08
N ILE C 246 33.26 3.59 30.29
CA ILE C 246 31.82 3.41 30.15
C ILE C 246 31.22 2.90 31.47
N ALA C 247 30.20 3.57 31.98
CA ALA C 247 29.54 3.15 33.21
C ALA C 247 28.86 1.80 33.01
N TYR C 248 29.11 0.86 33.91
CA TYR C 248 28.46 -0.44 33.78
C TYR C 248 28.12 -1.08 35.12
N PHE C 249 26.97 -1.72 35.16
CA PHE C 249 26.51 -2.41 36.37
C PHE C 249 26.10 -3.83 36.01
N THR C 250 26.94 -4.80 36.38
CA THR C 250 26.73 -6.19 36.04
C THR C 250 25.77 -6.85 37.03
N MET C 251 25.40 -8.10 36.79
CA MET C 251 24.57 -8.81 37.75
C MET C 251 25.25 -8.94 39.12
N LEU C 252 26.58 -8.94 39.13
CA LEU C 252 27.32 -8.91 40.39
C LEU C 252 27.02 -7.62 41.17
N ASP C 253 27.03 -6.49 40.48
CA ASP C 253 26.69 -5.21 41.07
C ASP C 253 25.23 -5.18 41.55
N VAL C 254 24.32 -5.71 40.73
CA VAL C 254 22.93 -5.81 41.15
C VAL C 254 22.83 -6.61 42.46
N ASP C 255 23.56 -7.72 42.54
CA ASP C 255 23.54 -8.54 43.75
C ASP C 255 24.06 -7.78 44.97
N ARG C 256 25.21 -7.15 44.82
CA ARG C 256 25.86 -6.48 45.95
C ARG C 256 25.18 -5.16 46.34
N MET C 257 24.75 -4.39 45.34
CA MET C 257 24.19 -3.06 45.60
C MET C 257 22.67 -3.04 45.70
N GLY C 258 22.02 -4.01 45.05
CA GLY C 258 20.57 -3.97 44.90
C GLY C 258 20.20 -3.13 43.69
N ILE C 259 19.09 -3.46 43.03
CA ILE C 259 18.66 -2.75 41.83
C ILE C 259 18.36 -1.27 42.07
N GLU C 260 17.85 -0.92 43.25
CA GLU C 260 17.51 0.49 43.52
C GLU C 260 18.75 1.38 43.40
N ALA C 261 19.83 0.99 44.08
CA ALA C 261 21.09 1.73 44.00
C ALA C 261 21.69 1.72 42.59
N VAL C 262 21.60 0.58 41.91
CA VAL C 262 22.12 0.46 40.55
C VAL C 262 21.44 1.47 39.62
N ILE C 263 20.11 1.55 39.68
CA ILE C 263 19.37 2.48 38.84
C ILE C 263 19.79 3.92 39.15
N LYS C 264 19.86 4.26 40.43
CA LYS C 264 20.27 5.60 40.83
C LYS C 264 21.68 5.97 40.34
N GLU C 265 22.61 5.03 40.45
CA GLU C 265 23.99 5.29 40.01
C GLU C 265 24.10 5.40 38.48
N ALA C 266 23.32 4.58 37.78
CA ALA C 266 23.30 4.63 36.32
C ALA C 266 22.81 5.99 35.83
N LEU C 267 21.71 6.48 36.39
CA LEU C 267 21.16 7.77 35.99
C LEU C 267 22.10 8.92 36.38
N LEU C 268 22.74 8.77 37.54
CA LEU C 268 23.70 9.74 38.00
C LEU C 268 24.88 9.82 37.03
N ALA C 269 25.34 8.67 36.55
CA ALA C 269 26.50 8.63 35.66
C ALA C 269 26.25 9.32 34.31
N VAL C 270 25.08 9.10 33.72
CA VAL C 270 24.86 9.60 32.36
C VAL C 270 23.82 10.72 32.23
N ASN C 271 23.06 10.99 33.30
CA ASN C 271 22.02 12.02 33.25
C ASN C 271 21.83 12.65 34.65
N PRO C 272 22.89 13.26 35.18
CA PRO C 272 22.99 13.70 36.58
C PRO C 272 21.83 14.57 37.05
N ARG C 273 21.36 15.45 36.17
CA ARG C 273 20.34 16.42 36.54
C ARG C 273 19.10 16.28 35.66
N LEU C 274 18.95 15.12 35.04
CA LEU C 274 17.80 14.83 34.20
C LEU C 274 17.62 15.85 33.08
N GLU C 275 18.74 16.28 32.51
CA GLU C 275 18.71 17.27 31.44
C GLU C 275 18.67 16.65 30.05
N LYS C 276 19.14 15.42 29.93
CA LYS C 276 19.27 14.77 28.63
C LYS C 276 18.09 13.86 28.31
N ALA C 277 17.69 13.84 27.04
CA ALA C 277 16.73 12.85 26.58
C ALA C 277 17.33 11.45 26.76
N ILE C 278 16.48 10.45 26.98
CA ILE C 278 16.95 9.11 27.26
C ILE C 278 16.59 8.10 26.17
N HIS C 279 17.59 7.34 25.73
CA HIS C 279 17.39 6.21 24.84
C HIS C 279 17.55 4.95 25.68
N LEU C 280 16.44 4.26 25.92
CA LEU C 280 16.45 3.02 26.69
C LEU C 280 16.44 1.83 25.73
N SER C 281 17.57 1.12 25.65
CA SER C 281 17.67 -0.03 24.77
C SER C 281 17.58 -1.30 25.60
N PHE C 282 16.41 -1.94 25.55
CA PHE C 282 16.13 -3.09 26.41
C PHE C 282 16.20 -4.40 25.65
N ASP C 283 17.23 -5.19 25.92
CA ASP C 283 17.30 -6.54 25.37
C ASP C 283 16.49 -7.45 26.30
N ILE C 284 15.49 -8.13 25.75
CA ILE C 284 14.66 -9.02 26.56
C ILE C 284 15.51 -10.07 27.30
N ASP C 285 16.71 -10.38 26.76
CA ASP C 285 17.54 -11.40 27.41
C ASP C 285 18.29 -10.85 28.63
N ALA C 286 18.10 -9.58 28.94
CA ALA C 286 18.53 -9.04 30.22
C ALA C 286 17.78 -9.75 31.34
N LEU C 287 16.52 -10.11 31.08
CA LEU C 287 15.69 -10.80 32.05
C LEU C 287 16.10 -12.27 32.14
N ASP C 288 15.89 -12.87 33.30
CA ASP C 288 16.20 -14.28 33.51
C ASP C 288 15.37 -15.13 32.53
N PRO C 289 15.99 -16.18 31.97
CA PRO C 289 15.33 -17.12 31.05
C PRO C 289 14.04 -17.74 31.62
N LEU C 290 13.87 -17.74 32.93
CA LEU C 290 12.65 -18.27 33.55
C LEU C 290 11.43 -17.42 33.23
N VAL C 291 11.65 -16.15 32.88
CA VAL C 291 10.53 -15.26 32.56
C VAL C 291 10.58 -14.78 31.10
N ALA C 292 11.75 -14.93 30.47
CA ALA C 292 11.88 -14.57 29.07
C ALA C 292 12.64 -15.64 28.28
N PRO C 293 12.09 -16.86 28.24
CA PRO C 293 12.79 -17.98 27.59
C PRO C 293 12.91 -17.85 26.08
N SER C 294 11.94 -17.21 25.42
CA SER C 294 11.92 -17.17 23.95
C SER C 294 12.83 -16.10 23.37
N THR C 295 14.14 -16.35 23.44
CA THR C 295 15.14 -15.41 22.98
C THR C 295 16.40 -16.19 22.56
N GLY C 296 17.15 -15.65 21.59
CA GLY C 296 18.25 -16.37 20.97
C GLY C 296 19.48 -16.68 21.81
N THR C 297 19.89 -15.76 22.67
CA THR C 297 21.07 -15.96 23.49
C THR C 297 20.75 -15.79 24.98
N ALA C 298 20.01 -16.74 25.54
CA ALA C 298 19.59 -16.68 26.93
C ALA C 298 20.76 -16.99 27.86
N VAL C 299 20.83 -16.26 28.97
CA VAL C 299 21.87 -16.47 29.98
C VAL C 299 21.24 -16.57 31.36
N PRO C 300 21.50 -17.69 32.07
CA PRO C 300 20.96 -17.87 33.42
C PRO C 300 21.43 -16.78 34.38
N GLY C 301 20.72 -16.62 35.49
CA GLY C 301 21.09 -15.65 36.51
C GLY C 301 20.79 -14.20 36.13
N GLY C 302 19.63 -13.97 35.51
CA GLY C 302 19.30 -12.65 35.00
C GLY C 302 18.47 -11.80 35.95
N LEU C 303 18.00 -10.65 35.44
CA LEU C 303 17.10 -9.78 36.18
C LEU C 303 15.75 -10.48 36.36
N THR C 304 15.17 -10.37 37.55
CA THR C 304 13.79 -10.80 37.75
C THR C 304 12.90 -9.82 36.99
N LEU C 305 11.65 -10.20 36.74
CA LEU C 305 10.72 -9.26 36.13
C LEU C 305 10.61 -8.01 37.01
N ARG C 306 10.51 -8.19 38.32
CA ARG C 306 10.41 -7.06 39.24
C ARG C 306 11.56 -6.06 39.10
N GLU C 307 12.80 -6.56 39.03
CA GLU C 307 13.95 -5.67 38.81
C GLU C 307 13.87 -4.94 37.47
N GLY C 308 13.48 -5.64 36.42
CA GLY C 308 13.31 -5.01 35.12
C GLY C 308 12.21 -3.96 35.15
N LEU C 309 11.14 -4.24 35.88
CA LEU C 309 10.06 -3.27 36.04
C LEU C 309 10.53 -2.02 36.78
N ARG C 310 11.36 -2.19 37.81
CA ARG C 310 11.90 -1.06 38.55
C ARG C 310 12.75 -0.14 37.68
N ILE C 311 13.55 -0.73 36.80
CA ILE C 311 14.36 0.05 35.86
C ILE C 311 13.47 0.93 34.98
N CYS C 312 12.44 0.32 34.40
CA CYS C 312 11.53 1.02 33.51
C CYS C 312 10.66 2.07 34.21
N GLU C 313 10.21 1.73 35.42
CA GLU C 313 9.42 2.66 36.24
C GLU C 313 10.22 3.93 36.55
N GLU C 314 11.47 3.76 36.99
CA GLU C 314 12.32 4.92 37.30
C GLU C 314 12.69 5.72 36.05
N VAL C 315 13.02 5.04 34.95
CA VAL C 315 13.32 5.76 33.70
C VAL C 315 12.10 6.58 33.26
N SER C 316 10.93 5.95 33.30
CA SER C 316 9.69 6.62 32.91
C SER C 316 9.44 7.87 33.77
N ALA C 317 9.64 7.72 35.08
CA ALA C 317 9.36 8.81 36.01
C ALA C 317 10.29 10.01 35.86
N THR C 318 11.43 9.85 35.20
CA THR C 318 12.29 11.00 34.95
C THR C 318 11.58 12.05 34.08
N GLY C 319 10.61 11.59 33.30
CA GLY C 319 9.98 12.42 32.29
C GLY C 319 10.85 12.63 31.05
N LYS C 320 12.02 12.00 31.01
CA LYS C 320 12.95 12.18 29.89
C LYS C 320 13.02 10.99 28.93
N LEU C 321 12.14 10.02 29.11
CA LEU C 321 12.12 8.87 28.21
C LEU C 321 11.78 9.32 26.80
N SER C 322 12.73 9.17 25.88
CA SER C 322 12.54 9.67 24.53
C SER C 322 12.31 8.51 23.55
N VAL C 323 13.18 7.51 23.61
CA VAL C 323 12.98 6.26 22.88
C VAL C 323 13.14 5.06 23.80
N VAL C 324 12.22 4.12 23.72
CA VAL C 324 12.43 2.80 24.31
C VAL C 324 12.33 1.74 23.21
N GLU C 325 13.35 0.88 23.13
CA GLU C 325 13.32 -0.22 22.19
C GLU C 325 13.50 -1.55 22.91
N LEU C 326 12.75 -2.55 22.47
CA LEU C 326 12.79 -3.88 23.06
C LEU C 326 13.27 -4.88 22.02
N ALA C 327 14.45 -5.45 22.26
CA ALA C 327 15.10 -6.29 21.25
C ALA C 327 15.09 -7.78 21.61
N GLU C 328 15.21 -8.62 20.57
CA GLU C 328 15.55 -10.04 20.70
C GLU C 328 14.39 -10.98 21.08
N LEU C 329 13.15 -10.51 20.97
CA LEU C 329 12.03 -11.42 21.07
C LEU C 329 12.10 -12.39 19.89
N ASN C 330 11.96 -13.68 20.15
CA ASN C 330 11.89 -14.67 19.08
C ASN C 330 10.82 -15.71 19.36
N PRO C 331 9.61 -15.48 18.84
CA PRO C 331 8.42 -16.32 19.06
C PRO C 331 8.58 -17.72 18.47
N LEU C 332 9.63 -17.94 17.69
CA LEU C 332 9.84 -19.26 17.09
C LEU C 332 10.74 -20.14 17.96
N LEU C 333 11.16 -19.61 19.11
CA LEU C 333 11.96 -20.37 20.05
C LEU C 333 11.14 -20.78 21.27
N GLY C 334 11.34 -22.02 21.72
CA GLY C 334 10.70 -22.53 22.92
C GLY C 334 9.29 -23.03 22.68
N SER C 335 8.65 -23.51 23.73
CA SER C 335 7.29 -24.02 23.64
C SER C 335 6.28 -22.88 23.54
N GLN C 336 5.03 -23.24 23.28
CA GLN C 336 3.95 -22.28 23.22
C GLN C 336 3.82 -21.50 24.54
N GLU C 337 3.98 -22.20 25.67
CA GLU C 337 3.93 -21.55 26.97
C GLU C 337 5.14 -20.63 27.16
N ASP C 338 6.30 -21.05 26.67
CA ASP C 338 7.51 -20.23 26.69
C ASP C 338 7.26 -18.90 25.99
N VAL C 339 6.63 -18.97 24.83
CA VAL C 339 6.33 -17.78 24.04
C VAL C 339 5.38 -16.84 24.77
N LEU C 340 4.37 -17.40 25.44
CA LEU C 340 3.40 -16.60 26.19
C LEU C 340 4.05 -15.89 27.39
N LYS C 341 4.95 -16.58 28.07
CA LYS C 341 5.70 -15.99 29.20
C LYS C 341 6.52 -14.81 28.74
N THR C 342 7.23 -14.99 27.63
CA THR C 342 8.08 -13.98 27.05
C THR C 342 7.26 -12.78 26.55
N GLN C 343 6.14 -13.08 25.90
CA GLN C 343 5.23 -12.03 25.43
C GLN C 343 4.71 -11.23 26.63
N SER C 344 4.38 -11.95 27.70
CA SER C 344 3.83 -11.31 28.90
C SER C 344 4.86 -10.38 29.54
N SER C 345 6.07 -10.88 29.74
CA SER C 345 7.14 -10.07 30.33
C SER C 345 7.39 -8.79 29.54
N ALA C 346 7.41 -8.91 28.22
CA ALA C 346 7.64 -7.77 27.34
C ALA C 346 6.54 -6.72 27.43
N VAL C 347 5.28 -7.17 27.51
CA VAL C 347 4.16 -6.24 27.61
C VAL C 347 4.20 -5.46 28.92
N HIS C 348 4.47 -6.16 30.02
CA HIS C 348 4.59 -5.54 31.33
C HIS C 348 5.72 -4.51 31.34
N ILE C 349 6.83 -4.87 30.71
CA ILE C 349 7.98 -3.99 30.61
C ILE C 349 7.64 -2.73 29.84
N LEU C 350 7.10 -2.89 28.63
CA LEU C 350 6.77 -1.74 27.79
C LEU C 350 5.71 -0.85 28.43
N ARG C 351 4.74 -1.49 29.09
CA ARG C 351 3.68 -0.78 29.80
C ARG C 351 4.25 0.15 30.87
N ALA C 352 5.16 -0.37 31.66
CA ALA C 352 5.89 0.41 32.67
C ALA C 352 6.67 1.58 32.09
N CYS C 353 7.33 1.36 30.94
CA CYS C 353 8.08 2.42 30.31
C CYS C 353 7.18 3.62 30.02
N LEU C 354 5.93 3.33 29.64
CA LEU C 354 5.00 4.38 29.25
C LEU C 354 4.30 5.03 30.45
N GLY C 355 4.55 4.50 31.64
CA GLY C 355 4.05 5.14 32.86
C GLY C 355 3.08 4.34 33.71
N HIS C 356 2.80 3.10 33.31
CA HIS C 356 1.92 2.27 34.13
C HIS C 356 2.54 1.97 35.50
N CYS C 357 1.79 2.21 36.56
CA CYS C 357 2.30 2.07 37.93
CA CYS C 357 2.32 2.04 37.90
C CYS C 357 1.71 0.85 38.63
N ARG C 358 2.58 0.08 39.26
CA ARG C 358 2.23 -1.14 40.00
C ARG C 358 1.39 -0.79 41.23
N SER C 359 1.60 0.40 41.78
CA SER C 359 0.91 0.82 42.99
C SER C 359 -0.49 1.38 42.73
N GLY C 360 -0.94 1.33 41.48
CA GLY C 360 -2.29 1.74 41.13
C GLY C 360 -2.42 3.13 40.53
N HIS C 361 -3.52 3.35 39.82
CA HIS C 361 -3.85 4.67 39.26
C HIS C 361 -5.26 5.07 39.73
N LEU C 362 -5.46 6.37 39.92
CA LEU C 362 -6.79 6.89 40.23
C LEU C 362 -7.60 6.94 38.95
N PRO C 363 -8.93 6.87 39.05
CA PRO C 363 -9.81 6.91 37.88
C PRO C 363 -9.72 8.27 37.20
N PHE C 364 -9.93 8.30 35.88
CA PHE C 364 -10.00 9.58 35.17
C PHE C 364 -11.25 10.36 35.58
N LYS C 365 -12.33 9.62 35.82
CA LYS C 365 -13.56 10.21 36.33
C LYS C 365 -14.07 9.34 37.46
N VAL C 366 -14.18 9.92 38.65
CA VAL C 366 -14.61 9.18 39.83
C VAL C 366 -16.10 8.85 39.74
N ARG C 367 -16.44 7.58 39.88
CA ARG C 367 -17.84 7.18 39.86
C ARG C 367 -18.42 7.12 41.26
N ASN C 368 -19.70 7.41 41.37
CA ASN C 368 -20.41 7.28 42.64
C ASN C 368 -21.78 6.65 42.43
N LEU C 369 -22.20 5.81 43.37
CA LEU C 369 -23.52 5.19 43.33
C LEU C 369 -24.62 6.24 43.14
N THR C 370 -24.47 7.42 43.75
CA THR C 370 -25.45 8.50 43.62
C THR C 370 -25.58 9.02 42.19
N ASP C 371 -24.56 8.79 41.37
CA ASP C 371 -24.59 9.21 39.97
C ASP C 371 -25.70 8.48 39.19
N GLN C 372 -26.07 7.30 39.67
CA GLN C 372 -27.07 6.49 38.98
C GLN C 372 -28.41 6.52 39.70
N GLY C 373 -28.51 7.32 40.77
CA GLY C 373 -29.75 7.47 41.50
C GLY C 373 -30.18 6.23 42.25
N ILE C 374 -29.27 5.28 42.40
CA ILE C 374 -29.57 3.99 43.03
C ILE C 374 -29.55 4.08 44.55
N MET C 375 -30.44 3.34 45.18
CA MET C 375 -30.56 3.33 46.64
C MET C 375 -29.47 2.47 47.32
N SER C 376 -28.67 3.08 48.18
CA SER C 376 -27.61 2.35 48.87
C SER C 376 -28.10 1.65 50.14
N ARG C 377 -27.27 0.76 50.68
CA ARG C 377 -27.56 0.13 51.95
C ARG C 377 -27.58 1.17 53.07
N ALA C 378 -26.65 2.12 52.99
CA ALA C 378 -26.56 3.20 53.98
C ALA C 378 -27.84 4.04 54.00
N ALA C 379 -28.27 4.46 52.82
CA ALA C 379 -29.49 5.26 52.69
C ALA C 379 -30.72 4.48 53.10
N HIS C 380 -30.79 3.22 52.68
CA HIS C 380 -31.95 2.39 52.96
C HIS C 380 -32.05 2.05 54.44
N MET C 381 -30.92 2.08 55.15
CA MET C 381 -30.92 1.78 56.58
C MET C 381 -31.46 2.96 57.40
N GLN C 382 -32.59 3.49 56.95
CA GLN C 382 -33.24 4.63 57.59
C GLN C 382 -34.75 4.61 57.35
N LYS D 39 46.71 29.48 -15.65
CA LYS D 39 46.95 29.25 -17.06
C LYS D 39 45.97 28.22 -17.64
N LEU D 40 45.96 27.02 -17.05
CA LEU D 40 45.10 25.93 -17.52
C LEU D 40 43.72 26.41 -17.97
N LEU D 41 43.22 25.85 -19.07
CA LEU D 41 41.86 26.11 -19.52
C LEU D 41 40.86 25.32 -18.67
N TYR D 42 41.29 24.14 -18.22
CA TYR D 42 40.45 23.28 -17.41
C TYR D 42 41.21 22.83 -16.16
N THR D 43 40.72 23.24 -14.99
CA THR D 43 41.40 22.95 -13.74
C THR D 43 40.71 21.84 -12.95
N SER D 44 39.50 21.48 -13.36
CA SER D 44 38.79 20.35 -12.77
C SER D 44 38.07 19.57 -13.86
N ALA D 45 37.83 18.28 -13.60
CA ALA D 45 37.12 17.44 -14.57
C ALA D 45 36.36 16.31 -13.89
N ASN D 46 35.30 15.84 -14.55
CA ASN D 46 34.53 14.70 -14.10
C ASN D 46 34.83 13.46 -14.93
N PHE D 47 34.74 12.29 -14.30
CA PHE D 47 35.01 11.03 -14.98
C PHE D 47 33.85 10.08 -14.75
N LEU D 48 33.27 9.58 -15.84
CA LEU D 48 32.11 8.71 -15.77
C LEU D 48 32.34 7.49 -16.65
N GLY D 49 32.02 6.31 -16.14
CA GLY D 49 32.09 5.10 -16.94
C GLY D 49 30.70 4.64 -17.36
N ILE D 50 30.58 4.17 -18.60
CA ILE D 50 29.33 3.61 -19.10
C ILE D 50 29.61 2.31 -19.84
N PRO D 51 29.54 1.17 -19.12
CA PRO D 51 29.93 -0.15 -19.61
C PRO D 51 28.94 -0.76 -20.61
N THR D 52 28.44 0.03 -21.55
CA THR D 52 27.51 -0.47 -22.56
C THR D 52 28.08 -1.63 -23.35
N ASN D 53 27.32 -2.71 -23.46
CA ASN D 53 27.75 -3.88 -24.23
C ASN D 53 26.60 -4.49 -25.05
N ARG D 54 25.39 -3.97 -24.84
CA ARG D 54 24.23 -4.46 -25.57
C ARG D 54 24.01 -3.71 -26.89
N GLY D 55 25.05 -3.02 -27.36
CA GLY D 55 24.98 -2.31 -28.63
C GLY D 55 25.64 -3.07 -29.75
N GLN D 56 26.44 -4.08 -29.39
CA GLN D 56 27.14 -4.91 -30.35
C GLN D 56 27.45 -6.29 -29.75
N PRO D 57 27.59 -7.31 -30.60
CA PRO D 57 27.65 -8.73 -30.21
C PRO D 57 28.88 -9.16 -29.40
N LYS D 58 30.02 -8.48 -29.60
CA LYS D 58 31.27 -8.92 -28.96
C LYS D 58 31.35 -8.53 -27.47
N ILE D 59 31.46 -9.53 -26.60
CA ILE D 59 31.60 -9.28 -25.16
C ILE D 59 32.93 -8.61 -24.87
N GLY D 60 32.92 -7.63 -23.96
CA GLY D 60 34.15 -7.00 -23.54
C GLY D 60 34.16 -5.48 -23.44
N THR D 61 33.29 -4.82 -24.20
CA THR D 61 33.25 -3.36 -24.12
C THR D 61 32.88 -2.90 -22.72
N TYR D 62 32.25 -3.78 -21.95
CA TYR D 62 31.87 -3.45 -20.57
C TYR D 62 33.09 -3.24 -19.67
N GLN D 63 34.25 -3.74 -20.11
CA GLN D 63 35.49 -3.57 -19.36
C GLN D 63 36.27 -2.32 -19.76
N GLY D 64 35.69 -1.51 -20.65
CA GLY D 64 36.34 -0.30 -21.11
C GLY D 64 36.74 0.66 -20.00
N PRO D 65 35.77 1.05 -19.15
CA PRO D 65 36.05 1.96 -18.04
C PRO D 65 37.15 1.46 -17.10
N GLU D 66 37.17 0.17 -16.80
CA GLU D 66 38.20 -0.39 -15.93
C GLU D 66 39.58 -0.32 -16.57
N LEU D 67 39.63 -0.53 -17.88
CA LEU D 67 40.89 -0.44 -18.62
C LEU D 67 41.58 0.90 -18.38
N ILE D 68 40.78 1.97 -18.29
CA ILE D 68 41.31 3.32 -18.09
C ILE D 68 41.61 3.61 -16.62
N ARG D 69 40.73 3.15 -15.74
CA ARG D 69 40.98 3.30 -14.30
C ARG D 69 42.25 2.54 -13.89
N LYS D 70 42.48 1.38 -14.51
CA LYS D 70 43.66 0.57 -14.22
C LYS D 70 44.94 1.21 -14.75
N SER D 71 44.82 2.01 -15.81
CA SER D 71 45.97 2.72 -16.36
C SER D 71 46.43 3.80 -15.39
N ASN D 72 47.43 4.57 -15.79
CA ASN D 72 47.90 5.69 -14.97
C ASN D 72 47.32 7.02 -15.42
N PHE D 73 46.14 6.97 -16.04
CA PHE D 73 45.46 8.17 -16.51
C PHE D 73 45.22 9.19 -15.39
N PHE D 74 44.57 8.74 -14.32
CA PHE D 74 44.27 9.62 -13.18
C PHE D 74 45.52 10.26 -12.59
N GLN D 75 46.61 9.49 -12.49
CA GLN D 75 47.88 10.01 -12.01
C GLN D 75 48.43 11.10 -12.91
N LEU D 76 48.36 10.86 -14.22
CA LEU D 76 48.85 11.82 -15.21
C LEU D 76 48.06 13.13 -15.17
N VAL D 77 46.74 13.03 -15.19
CA VAL D 77 45.88 14.21 -15.11
C VAL D 77 46.19 15.03 -13.87
N ALA D 78 46.36 14.35 -12.74
CA ALA D 78 46.69 15.02 -11.49
C ALA D 78 48.01 15.79 -11.59
N GLU D 79 49.01 15.16 -12.18
CA GLU D 79 50.33 15.77 -12.29
C GLU D 79 50.35 16.91 -13.31
N ASP D 80 49.25 17.07 -14.03
CA ASP D 80 49.09 18.19 -14.95
C ASP D 80 48.40 19.34 -14.23
N GLY D 81 48.07 19.12 -12.96
CA GLY D 81 47.47 20.14 -12.12
C GLY D 81 45.97 20.19 -12.22
N ILE D 82 45.37 19.08 -12.63
CA ILE D 82 43.92 19.03 -12.81
C ILE D 82 43.23 18.14 -11.78
N GLN D 83 42.19 18.67 -11.16
CA GLN D 83 41.42 17.92 -10.17
C GLN D 83 40.39 17.03 -10.86
N LEU D 84 40.63 15.72 -10.85
CA LEU D 84 39.76 14.76 -11.52
C LEU D 84 38.84 14.08 -10.52
N THR D 85 37.54 14.32 -10.65
CA THR D 85 36.56 13.67 -9.77
C THR D 85 35.90 12.47 -10.45
N ASP D 86 36.15 11.28 -9.90
CA ASP D 86 35.53 10.07 -10.40
C ASP D 86 34.07 10.03 -9.97
N CYS D 87 33.17 9.97 -10.94
CA CYS D 87 31.73 9.98 -10.67
C CYS D 87 31.09 8.59 -10.77
N GLY D 88 31.92 7.55 -10.76
CA GLY D 88 31.43 6.18 -10.81
C GLY D 88 30.97 5.72 -12.19
N ASP D 89 30.16 4.67 -12.21
CA ASP D 89 29.69 4.07 -13.46
C ASP D 89 28.17 4.10 -13.58
N ILE D 90 27.68 4.32 -14.79
CA ILE D 90 26.27 4.11 -15.07
C ILE D 90 26.02 2.60 -15.15
N ILE D 91 24.87 2.17 -14.65
CA ILE D 91 24.50 0.76 -14.70
C ILE D 91 23.56 0.51 -15.86
N PRO D 92 24.05 -0.15 -16.91
CA PRO D 92 23.23 -0.41 -18.10
C PRO D 92 22.04 -1.32 -17.78
N VAL D 93 20.91 -1.07 -18.43
CA VAL D 93 19.76 -1.97 -18.33
C VAL D 93 19.96 -3.09 -19.35
N GLU D 94 20.00 -4.32 -18.87
CA GLU D 94 20.25 -5.47 -19.73
C GLU D 94 19.18 -6.55 -19.57
N LEU D 95 18.10 -6.44 -20.34
CA LEU D 95 17.01 -7.40 -20.26
C LEU D 95 17.42 -8.74 -20.85
N ASN D 96 16.59 -9.76 -20.65
CA ASN D 96 16.81 -11.05 -21.28
C ASN D 96 16.10 -11.12 -22.64
N GLU D 97 16.42 -12.14 -23.43
CA GLU D 97 15.81 -12.30 -24.74
C GLU D 97 14.30 -12.17 -24.69
N ALA D 98 13.68 -12.81 -23.70
CA ALA D 98 12.22 -12.87 -23.61
C ALA D 98 11.61 -11.49 -23.34
N GLU D 99 12.32 -10.69 -22.56
CA GLU D 99 11.88 -9.33 -22.26
C GLU D 99 12.15 -8.37 -23.42
N ASP D 100 13.05 -8.76 -24.32
CA ASP D 100 13.54 -7.83 -25.34
C ASP D 100 13.75 -8.51 -26.69
N PRO D 101 12.65 -8.91 -27.35
CA PRO D 101 12.73 -9.53 -28.68
C PRO D 101 13.08 -8.49 -29.74
N GLN D 102 13.55 -8.95 -30.90
CA GLN D 102 13.85 -8.06 -32.01
C GLN D 102 12.62 -7.30 -32.47
N ARG D 103 12.78 -5.99 -32.66
CA ARG D 103 11.72 -5.16 -33.20
C ARG D 103 12.26 -4.32 -34.37
N PHE D 104 11.60 -4.40 -35.51
CA PHE D 104 12.05 -3.71 -36.72
C PHE D 104 13.48 -4.10 -37.08
N GLY D 105 13.92 -5.27 -36.62
CA GLY D 105 15.26 -5.75 -36.90
C GLY D 105 16.27 -5.38 -35.83
N MET D 106 15.91 -4.40 -34.99
CA MET D 106 16.79 -3.93 -33.93
C MET D 106 17.01 -4.99 -32.86
N LYS D 107 18.26 -5.10 -32.42
CA LYS D 107 18.64 -6.04 -31.36
C LYS D 107 18.83 -5.31 -30.03
N TRP D 108 18.21 -5.84 -28.98
CA TRP D 108 18.26 -5.23 -27.65
C TRP D 108 17.73 -3.80 -27.63
N SER D 109 16.70 -3.54 -28.42
CA SER D 109 16.12 -2.20 -28.52
C SER D 109 15.53 -1.69 -27.20
N ARG D 110 14.83 -2.54 -26.46
CA ARG D 110 14.24 -2.08 -25.20
C ARG D 110 15.31 -1.81 -24.13
N SER D 111 16.35 -2.63 -24.13
CA SER D 111 17.48 -2.40 -23.23
C SER D 111 18.15 -1.07 -23.60
N PHE D 112 18.15 -0.77 -24.90
CA PHE D 112 18.67 0.49 -25.42
C PHE D 112 17.84 1.67 -24.91
N SER D 113 16.52 1.60 -25.10
CA SER D 113 15.62 2.66 -24.66
C SER D 113 15.81 2.99 -23.20
N LEU D 114 15.79 1.96 -22.37
CA LEU D 114 15.92 2.10 -20.92
C LEU D 114 17.30 2.62 -20.51
N THR D 115 18.34 2.09 -21.15
CA THR D 115 19.71 2.52 -20.85
C THR D 115 19.93 3.97 -21.30
N THR D 116 19.41 4.32 -22.46
CA THR D 116 19.55 5.67 -23.01
C THR D 116 19.03 6.73 -22.04
N LEU D 117 17.84 6.51 -21.50
CA LEU D 117 17.24 7.44 -20.55
C LEU D 117 18.01 7.50 -19.25
N ARG D 118 18.51 6.36 -18.78
CA ARG D 118 19.29 6.32 -17.56
C ARG D 118 20.58 7.14 -17.71
N ILE D 119 21.24 6.97 -18.86
CA ILE D 119 22.47 7.71 -19.14
C ILE D 119 22.23 9.22 -19.17
N ALA D 120 21.19 9.63 -19.89
CA ALA D 120 20.91 11.05 -20.10
C ALA D 120 20.63 11.80 -18.79
N GLU D 121 19.83 11.20 -17.91
CA GLU D 121 19.50 11.85 -16.66
C GLU D 121 20.76 12.07 -15.84
N ARG D 122 21.65 11.08 -15.85
CA ARG D 122 22.90 11.15 -15.09
C ARG D 122 23.86 12.20 -15.67
N VAL D 123 23.92 12.28 -17.00
CA VAL D 123 24.78 13.27 -17.65
C VAL D 123 24.23 14.69 -17.46
N GLU D 124 22.94 14.86 -17.69
CA GLU D 124 22.29 16.14 -17.46
C GLU D 124 22.59 16.64 -16.05
N GLU D 125 22.36 15.78 -15.07
CA GLU D 125 22.66 16.10 -13.68
C GLU D 125 24.10 16.59 -13.52
N LEU D 126 25.05 15.78 -13.97
CA LEU D 126 26.47 16.11 -13.85
C LEU D 126 26.83 17.41 -14.58
N MET D 127 26.21 17.63 -15.74
CA MET D 127 26.50 18.80 -16.56
C MET D 127 25.92 20.08 -15.95
N LYS D 128 24.84 19.94 -15.17
CA LYS D 128 24.19 21.09 -14.56
C LYS D 128 24.87 21.54 -13.27
N GLN D 129 25.63 20.66 -12.65
CA GLN D 129 26.29 20.98 -11.38
C GLN D 129 27.49 21.90 -11.59
N SER D 142 34.89 26.21 -16.88
CA SER D 142 34.02 25.07 -17.19
C SER D 142 34.68 23.75 -16.81
N THR D 143 33.87 22.81 -16.34
CA THR D 143 34.37 21.49 -15.96
C THR D 143 33.95 20.43 -17.00
N PRO D 144 34.94 19.92 -17.76
CA PRO D 144 34.67 18.90 -18.79
C PRO D 144 34.27 17.55 -18.19
N LEU D 145 33.33 16.87 -18.84
CA LEU D 145 32.94 15.53 -18.43
C LEU D 145 33.64 14.51 -19.33
N VAL D 146 34.52 13.71 -18.74
CA VAL D 146 35.18 12.63 -19.47
C VAL D 146 34.42 11.32 -19.30
N ILE D 147 33.88 10.81 -20.39
CA ILE D 147 33.14 9.55 -20.37
C ILE D 147 33.93 8.46 -21.09
N VAL D 148 33.92 7.25 -20.51
CA VAL D 148 34.57 6.10 -21.12
C VAL D 148 33.57 4.94 -21.26
N GLY D 149 33.36 4.51 -22.50
CA GLY D 149 32.51 3.36 -22.77
C GLY D 149 33.29 2.06 -22.64
N GLY D 150 32.67 0.95 -23.02
CA GLY D 150 31.30 0.94 -23.52
C GLY D 150 31.25 1.10 -25.03
N ASP D 151 30.33 0.40 -25.67
CA ASP D 151 30.16 0.56 -27.11
C ASP D 151 29.43 1.86 -27.42
N HIS D 152 29.51 2.31 -28.67
CA HIS D 152 29.04 3.65 -29.04
C HIS D 152 27.53 3.91 -28.88
N SER D 153 26.76 2.86 -28.59
CA SER D 153 25.32 3.01 -28.37
C SER D 153 25.01 4.02 -27.28
N MET D 154 25.96 4.20 -26.37
CA MET D 154 25.79 5.12 -25.25
C MET D 154 25.63 6.57 -25.69
N ALA D 155 26.01 6.87 -26.94
CA ALA D 155 26.06 8.25 -27.41
C ALA D 155 24.68 8.92 -27.46
N THR D 156 23.66 8.14 -27.81
CA THR D 156 22.29 8.64 -27.82
C THR D 156 21.98 9.24 -26.45
N GLY D 157 22.42 8.54 -25.41
CA GLY D 157 22.15 8.95 -24.03
C GLY D 157 22.99 10.12 -23.56
N THR D 158 24.27 10.10 -23.89
CA THR D 158 25.17 11.16 -23.46
C THR D 158 24.82 12.49 -24.14
N ILE D 159 24.62 12.47 -25.46
CA ILE D 159 24.24 13.69 -26.17
C ILE D 159 22.88 14.24 -25.70
N LEU D 160 21.92 13.34 -25.50
CA LEU D 160 20.59 13.73 -25.03
C LEU D 160 20.66 14.45 -23.69
N GLY D 161 21.43 13.88 -22.76
CA GLY D 161 21.58 14.47 -21.44
C GLY D 161 22.36 15.77 -21.48
N HIS D 162 23.39 15.78 -22.33
CA HIS D 162 24.24 16.95 -22.50
C HIS D 162 23.44 18.12 -23.06
N ALA D 163 22.62 17.83 -24.07
CA ALA D 163 21.82 18.86 -24.72
C ALA D 163 20.81 19.49 -23.76
N GLU D 164 20.45 18.75 -22.72
CA GLU D 164 19.58 19.29 -21.69
C GLU D 164 20.24 20.45 -20.97
N ALA D 165 21.52 20.29 -20.64
CA ALA D 165 22.28 21.33 -19.98
C ALA D 165 22.72 22.41 -20.97
N LYS D 166 23.15 22.00 -22.16
CA LYS D 166 23.62 22.93 -23.19
C LYS D 166 22.92 22.66 -24.52
N PRO D 167 21.70 23.20 -24.71
CA PRO D 167 20.91 22.94 -25.91
C PRO D 167 21.57 23.42 -27.21
N ASP D 168 22.55 24.30 -27.12
CA ASP D 168 23.19 24.86 -28.32
C ASP D 168 24.49 24.15 -28.73
N LEU D 169 24.83 23.07 -28.03
CA LEU D 169 26.09 22.38 -28.28
C LEU D 169 26.28 21.91 -29.73
N CYS D 170 27.53 21.71 -30.12
CA CYS D 170 27.84 21.09 -31.40
C CYS D 170 28.50 19.74 -31.15
N VAL D 171 28.46 18.88 -32.16
CA VAL D 171 29.00 17.53 -32.01
C VAL D 171 30.10 17.24 -33.03
N LEU D 172 31.27 16.84 -32.53
CA LEU D 172 32.33 16.36 -33.40
C LEU D 172 32.44 14.85 -33.25
N TRP D 173 32.12 14.12 -34.32
CA TRP D 173 32.10 12.67 -34.30
C TRP D 173 33.33 12.08 -35.00
N ILE D 174 34.29 11.63 -34.21
CA ILE D 174 35.52 11.04 -34.72
C ILE D 174 35.35 9.52 -34.81
N ASP D 175 35.44 8.96 -36.01
CA ASP D 175 34.99 7.58 -36.20
C ASP D 175 35.30 7.06 -37.60
N ALA D 176 35.50 5.75 -37.72
CA ALA D 176 35.61 5.13 -39.04
C ALA D 176 34.21 4.96 -39.63
N HIS D 177 33.20 5.05 -38.77
CA HIS D 177 31.82 4.74 -39.15
C HIS D 177 30.88 5.92 -38.91
N GLY D 178 29.78 5.95 -39.66
CA GLY D 178 28.79 7.00 -39.53
C GLY D 178 27.91 6.89 -38.30
N ASP D 179 27.65 5.66 -37.85
CA ASP D 179 26.83 5.42 -36.67
C ASP D 179 25.48 6.13 -36.77
N ILE D 180 24.98 6.27 -38.00
CA ILE D 180 23.77 7.04 -38.24
C ILE D 180 22.76 6.26 -39.09
N ASN D 181 22.86 4.93 -39.05
CA ASN D 181 21.91 4.08 -39.74
C ASN D 181 20.53 4.20 -39.12
N THR D 182 19.49 4.22 -39.97
CA THR D 182 18.12 4.16 -39.48
C THR D 182 17.74 2.71 -39.26
N PRO D 183 16.88 2.44 -38.26
CA PRO D 183 16.52 1.07 -37.90
C PRO D 183 16.23 0.17 -39.10
N LEU D 184 15.38 0.60 -40.02
CA LEU D 184 15.02 -0.24 -41.16
C LEU D 184 16.11 -0.36 -42.24
N ASN D 185 17.13 0.48 -42.16
CA ASN D 185 18.25 0.42 -43.11
C ASN D 185 19.45 -0.33 -42.56
N SER D 186 19.41 -0.66 -41.28
CA SER D 186 20.52 -1.37 -40.63
C SER D 186 20.56 -2.83 -41.05
N ALA D 187 21.64 -3.22 -41.72
CA ALA D 187 21.81 -4.61 -42.14
C ALA D 187 22.17 -5.52 -40.96
N SER D 188 22.67 -4.93 -39.88
CA SER D 188 23.14 -5.72 -38.74
C SER D 188 22.14 -5.79 -37.60
N GLY D 189 21.45 -4.69 -37.35
CA GLY D 189 20.55 -4.60 -36.21
C GLY D 189 21.27 -4.23 -34.94
N ASN D 190 22.57 -3.95 -35.05
CA ASN D 190 23.38 -3.57 -33.90
C ASN D 190 23.20 -2.08 -33.56
N MET D 191 22.79 -1.81 -32.32
CA MET D 191 22.43 -0.45 -31.92
C MET D 191 23.60 0.55 -32.02
N HIS D 192 24.82 0.09 -31.77
CA HIS D 192 25.98 0.99 -31.81
C HIS D 192 26.20 1.59 -33.20
N GLY D 193 25.45 1.10 -34.18
CA GLY D 193 25.52 1.64 -35.53
C GLY D 193 24.38 2.59 -35.86
N MET D 194 23.60 2.93 -34.84
CA MET D 194 22.40 3.75 -35.01
C MET D 194 22.27 4.97 -34.07
N PRO D 195 23.25 5.20 -33.17
CA PRO D 195 23.01 6.16 -32.08
C PRO D 195 22.59 7.55 -32.55
N LEU D 196 23.14 8.02 -33.67
CA LEU D 196 22.84 9.38 -34.13
C LEU D 196 21.47 9.51 -34.79
N SER D 197 21.00 8.44 -35.45
CA SER D 197 19.75 8.51 -36.20
C SER D 197 18.56 8.89 -35.31
N PHE D 198 18.66 8.61 -34.01
CA PHE D 198 17.60 8.94 -33.07
C PHE D 198 17.69 10.39 -32.57
N LEU D 199 18.82 11.05 -32.81
CA LEU D 199 19.03 12.41 -32.31
C LEU D 199 18.79 13.49 -33.36
N VAL D 200 19.00 13.15 -34.63
CA VAL D 200 18.95 14.14 -35.70
C VAL D 200 17.51 14.42 -36.16
N LYS D 201 17.05 15.64 -35.89
CA LYS D 201 15.68 16.04 -36.23
C LYS D 201 15.31 15.74 -37.68
N GLU D 202 16.25 15.99 -38.58
CA GLU D 202 16.00 15.82 -40.01
C GLU D 202 15.75 14.35 -40.40
N LEU D 203 15.96 13.44 -39.46
CA LEU D 203 15.85 12.01 -39.74
C LEU D 203 14.61 11.36 -39.12
N GLN D 204 13.85 12.12 -38.35
CA GLN D 204 12.77 11.56 -37.54
C GLN D 204 11.60 10.97 -38.32
N ASP D 205 11.56 11.20 -39.63
CA ASP D 205 10.55 10.57 -40.48
C ASP D 205 11.07 9.24 -41.01
N GLN D 206 12.26 8.85 -40.55
CA GLN D 206 12.88 7.61 -40.97
C GLN D 206 13.06 6.66 -39.78
N ILE D 207 12.63 7.11 -38.61
CA ILE D 207 12.66 6.29 -37.41
C ILE D 207 11.24 5.81 -37.08
N PRO D 208 11.07 4.50 -36.86
CA PRO D 208 9.78 3.90 -36.53
C PRO D 208 9.37 4.19 -35.09
N TRP D 209 8.13 4.62 -34.89
CA TRP D 209 7.63 4.92 -33.56
C TRP D 209 7.63 3.69 -32.64
N LEU D 210 8.12 3.88 -31.42
CA LEU D 210 8.05 2.86 -30.38
C LEU D 210 7.78 3.56 -29.05
N ASP D 211 6.80 3.04 -28.30
CA ASP D 211 6.37 3.68 -27.06
C ASP D 211 7.52 3.95 -26.10
N ASP D 212 8.45 3.01 -26.01
CA ASP D 212 9.61 3.16 -25.12
C ASP D 212 10.67 4.09 -25.71
N PHE D 213 10.49 4.48 -26.97
CA PHE D 213 11.41 5.41 -27.63
C PHE D 213 10.87 6.84 -27.65
N GLU D 214 9.73 7.05 -27.00
CA GLU D 214 9.10 8.37 -26.98
C GLU D 214 9.88 9.37 -26.13
N GLY D 215 10.52 8.87 -25.07
CA GLY D 215 11.30 9.72 -24.18
C GLY D 215 12.62 10.19 -24.78
N ILE D 216 12.95 9.68 -25.96
CA ILE D 216 14.18 10.06 -26.65
C ILE D 216 13.89 11.16 -27.67
N LYS D 217 14.01 12.41 -27.24
CA LYS D 217 13.67 13.56 -28.07
C LYS D 217 14.85 14.00 -28.94
N PRO D 218 14.62 14.06 -30.27
CA PRO D 218 15.63 14.52 -31.23
C PRO D 218 16.12 15.92 -30.85
N CYS D 219 17.38 16.03 -30.45
CA CYS D 219 17.90 17.28 -29.91
C CYS D 219 19.03 17.85 -30.76
N LEU D 220 19.19 17.33 -31.97
CA LEU D 220 20.29 17.76 -32.84
C LEU D 220 19.80 18.13 -34.24
N ASN D 221 20.31 19.25 -34.74
CA ASN D 221 20.17 19.59 -36.14
C ASN D 221 21.37 19.05 -36.92
N ALA D 222 21.15 18.68 -38.16
CA ALA D 222 22.22 18.13 -39.00
C ALA D 222 23.37 19.12 -39.10
N SER D 223 23.04 20.41 -38.97
CA SER D 223 24.02 21.49 -39.09
C SER D 223 24.92 21.64 -37.87
N ASN D 224 24.70 20.81 -36.85
CA ASN D 224 25.50 20.89 -35.62
C ASN D 224 26.48 19.72 -35.45
N ILE D 225 26.55 18.85 -36.46
CA ILE D 225 27.42 17.67 -36.41
C ILE D 225 28.50 17.72 -37.49
N ALA D 226 29.72 17.32 -37.14
CA ALA D 226 30.78 17.14 -38.15
C ALA D 226 31.56 15.84 -37.89
N TYR D 227 31.79 15.07 -38.96
CA TYR D 227 32.53 13.81 -38.89
C TYR D 227 33.99 13.99 -39.29
N ILE D 228 34.89 13.28 -38.61
CA ILE D 228 36.28 13.15 -39.04
C ILE D 228 36.74 11.69 -38.95
N GLY D 229 37.36 11.18 -40.01
CA GLY D 229 37.96 9.86 -39.98
C GLY D 229 37.20 8.74 -40.68
N LEU D 230 36.06 9.08 -41.28
CA LEU D 230 35.21 8.10 -41.94
C LEU D 230 35.94 7.33 -43.04
N ARG D 231 35.66 6.03 -43.13
CA ARG D 231 36.22 5.18 -44.17
C ARG D 231 35.41 3.90 -44.43
N ASP D 232 34.33 3.70 -43.67
CA ASP D 232 33.49 2.51 -43.83
C ASP D 232 32.00 2.84 -43.71
N LEU D 233 31.51 3.72 -44.57
CA LEU D 233 30.11 4.16 -44.55
C LEU D 233 29.17 3.19 -45.28
N ASP D 234 27.97 3.00 -44.72
CA ASP D 234 26.94 2.27 -45.43
C ASP D 234 26.27 3.22 -46.43
N ALA D 235 25.85 2.69 -47.58
CA ALA D 235 25.33 3.53 -48.66
C ALA D 235 24.18 4.43 -48.21
N HIS D 236 23.33 3.92 -47.34
CA HIS D 236 22.19 4.72 -46.87
C HIS D 236 22.63 5.80 -45.90
N GLU D 237 23.73 5.55 -45.18
CA GLU D 237 24.32 6.59 -44.35
C GLU D 237 24.90 7.69 -45.23
N THR D 238 25.53 7.29 -46.33
CA THR D 238 26.10 8.25 -47.27
C THR D 238 25.00 9.13 -47.85
N HIS D 239 23.86 8.52 -48.18
CA HIS D 239 22.71 9.25 -48.68
C HIS D 239 22.20 10.30 -47.70
N ASP D 240 21.91 9.87 -46.47
CA ASP D 240 21.38 10.78 -45.45
C ASP D 240 22.34 11.92 -45.12
N ILE D 241 23.62 11.58 -44.97
CA ILE D 241 24.64 12.55 -44.65
C ILE D 241 24.75 13.64 -45.71
N ARG D 242 24.71 13.24 -46.98
CA ARG D 242 24.78 14.20 -48.08
C ARG D 242 23.47 14.98 -48.23
N LYS D 243 22.35 14.28 -48.15
CA LYS D 243 21.04 14.88 -48.36
C LYS D 243 20.78 16.04 -47.40
N HIS D 244 21.15 15.84 -46.14
CA HIS D 244 20.85 16.82 -45.10
C HIS D 244 22.02 17.75 -44.79
N GLY D 245 23.06 17.65 -45.61
CA GLY D 245 24.19 18.57 -45.52
C GLY D 245 24.99 18.48 -44.24
N ILE D 246 25.17 17.27 -43.71
CA ILE D 246 26.03 17.10 -42.55
C ILE D 246 27.49 17.22 -42.97
N ALA D 247 28.25 18.06 -42.26
CA ALA D 247 29.67 18.22 -42.57
C ALA D 247 30.42 16.92 -42.31
N TYR D 248 31.22 16.47 -43.26
CA TYR D 248 31.99 15.24 -43.05
C TYR D 248 33.32 15.23 -43.76
N PHE D 249 34.35 14.73 -43.07
CA PHE D 249 35.68 14.63 -43.64
C PHE D 249 36.19 13.21 -43.47
N THR D 250 36.25 12.48 -44.58
CA THR D 250 36.66 11.09 -44.58
C THR D 250 38.18 11.00 -44.61
N MET D 251 38.72 9.78 -44.54
CA MET D 251 40.16 9.60 -44.62
C MET D 251 40.68 10.08 -45.98
N LEU D 252 39.83 10.01 -47.01
CA LEU D 252 40.19 10.58 -48.32
C LEU D 252 40.46 12.08 -48.17
N ASP D 253 39.61 12.74 -47.40
CA ASP D 253 39.76 14.18 -47.17
C ASP D 253 41.00 14.48 -46.34
N VAL D 254 41.26 13.65 -45.34
CA VAL D 254 42.46 13.79 -44.51
C VAL D 254 43.71 13.62 -45.36
N ASP D 255 43.67 12.66 -46.27
CA ASP D 255 44.77 12.43 -47.20
C ASP D 255 45.02 13.64 -48.09
N ARG D 256 43.95 14.21 -48.65
CA ARG D 256 44.10 15.30 -49.63
C ARG D 256 44.33 16.65 -48.97
N MET D 257 43.59 16.93 -47.88
CA MET D 257 43.66 18.22 -47.20
C MET D 257 44.71 18.28 -46.09
N GLY D 258 45.03 17.12 -45.50
CA GLY D 258 45.85 17.09 -44.29
C GLY D 258 44.97 17.37 -43.07
N ILE D 259 45.36 16.83 -41.91
CA ILE D 259 44.53 16.89 -40.71
C ILE D 259 44.35 18.31 -40.14
N GLU D 260 45.36 19.17 -40.29
CA GLU D 260 45.26 20.54 -39.81
C GLU D 260 44.09 21.28 -40.48
N ALA D 261 44.01 21.20 -41.81
CA ALA D 261 42.92 21.82 -42.56
C ALA D 261 41.59 21.16 -42.20
N VAL D 262 41.57 19.84 -42.12
CA VAL D 262 40.35 19.13 -41.75
C VAL D 262 39.80 19.60 -40.40
N ILE D 263 40.67 19.70 -39.40
CA ILE D 263 40.23 20.17 -38.09
C ILE D 263 39.64 21.58 -38.18
N LYS D 264 40.38 22.46 -38.84
CA LYS D 264 39.94 23.85 -39.01
C LYS D 264 38.59 23.96 -39.70
N GLU D 265 38.36 23.13 -40.73
CA GLU D 265 37.11 23.22 -41.50
C GLU D 265 35.94 22.62 -40.75
N ALA D 266 36.22 21.60 -39.94
CA ALA D 266 35.19 20.97 -39.12
C ALA D 266 34.70 21.96 -38.06
N LEU D 267 35.64 22.60 -37.38
CA LEU D 267 35.32 23.61 -36.38
C LEU D 267 34.62 24.83 -36.99
N LEU D 268 35.03 25.23 -38.19
CA LEU D 268 34.35 26.32 -38.88
C LEU D 268 32.89 25.95 -39.16
N ALA D 269 32.69 24.72 -39.64
CA ALA D 269 31.37 24.26 -40.06
C ALA D 269 30.32 24.26 -38.94
N VAL D 270 30.68 23.80 -37.75
CA VAL D 270 29.71 23.64 -36.68
C VAL D 270 29.91 24.55 -35.46
N ASN D 271 31.04 25.26 -35.41
CA ASN D 271 31.35 26.14 -34.28
C ASN D 271 32.18 27.37 -34.73
N PRO D 272 31.65 28.12 -35.70
CA PRO D 272 32.35 29.17 -36.46
C PRO D 272 33.15 30.16 -35.61
N ARG D 273 32.59 30.57 -34.47
CA ARG D 273 33.22 31.58 -33.61
C ARG D 273 33.44 31.06 -32.18
N LEU D 274 33.56 29.75 -32.05
CA LEU D 274 33.78 29.14 -30.73
C LEU D 274 32.74 29.60 -29.72
N GLU D 275 31.50 29.73 -30.17
CA GLU D 275 30.40 30.16 -29.33
C GLU D 275 29.73 28.97 -28.63
N LYS D 276 29.78 27.81 -29.28
CA LYS D 276 29.04 26.62 -28.83
C LYS D 276 29.86 25.67 -27.98
N ALA D 277 29.20 25.06 -26.99
CA ALA D 277 29.81 23.97 -26.22
C ALA D 277 30.09 22.79 -27.15
N ILE D 278 31.17 22.06 -26.89
CA ILE D 278 31.55 20.96 -27.78
C ILE D 278 31.37 19.58 -27.15
N HIS D 279 30.63 18.73 -27.85
CA HIS D 279 30.55 17.31 -27.50
C HIS D 279 31.47 16.52 -28.41
N LEU D 280 32.65 16.16 -27.90
CA LEU D 280 33.61 15.38 -28.68
C LEU D 280 33.35 13.88 -28.53
N SER D 281 32.87 13.25 -29.60
CA SER D 281 32.56 11.82 -29.55
C SER D 281 33.60 11.01 -30.31
N PHE D 282 34.54 10.43 -29.56
CA PHE D 282 35.71 9.77 -30.14
C PHE D 282 35.61 8.24 -30.08
N ASP D 283 35.35 7.62 -31.23
CA ASP D 283 35.37 6.16 -31.32
C ASP D 283 36.82 5.71 -31.53
N ILE D 284 37.32 4.86 -30.64
CA ILE D 284 38.71 4.43 -30.71
C ILE D 284 39.05 3.82 -32.08
N ASP D 285 38.06 3.24 -32.75
CA ASP D 285 38.33 2.61 -34.04
C ASP D 285 38.52 3.62 -35.17
N ALA D 286 38.44 4.90 -34.83
CA ALA D 286 38.83 5.96 -35.76
C ALA D 286 40.33 5.88 -36.01
N LEU D 287 41.09 5.51 -34.97
CA LEU D 287 42.53 5.33 -35.07
C LEU D 287 42.85 4.06 -35.86
N ASP D 288 44.04 4.01 -36.44
CA ASP D 288 44.44 2.84 -37.22
C ASP D 288 44.60 1.62 -36.32
N PRO D 289 44.17 0.44 -36.82
CA PRO D 289 44.27 -0.80 -36.03
C PRO D 289 45.69 -1.07 -35.51
N LEU D 290 46.71 -0.50 -36.15
CA LEU D 290 48.10 -0.68 -35.71
C LEU D 290 48.36 -0.03 -34.34
N VAL D 291 47.53 0.93 -33.97
CA VAL D 291 47.72 1.62 -32.70
C VAL D 291 46.53 1.40 -31.75
N ALA D 292 45.39 0.98 -32.28
CA ALA D 292 44.22 0.68 -31.45
C ALA D 292 43.54 -0.63 -31.88
N PRO D 293 44.27 -1.75 -31.77
CA PRO D 293 43.84 -3.07 -32.27
C PRO D 293 42.64 -3.65 -31.52
N SER D 294 42.51 -3.33 -30.23
CA SER D 294 41.51 -3.97 -29.38
C SER D 294 40.15 -3.29 -29.43
N THR D 295 39.44 -3.46 -30.53
CA THR D 295 38.15 -2.81 -30.73
C THR D 295 37.31 -3.66 -31.69
N GLY D 296 35.99 -3.58 -31.53
CA GLY D 296 35.09 -4.54 -32.16
C GLY D 296 35.06 -4.53 -33.67
N THR D 297 35.14 -3.33 -34.26
CA THR D 297 35.05 -3.18 -35.71
C THR D 297 36.24 -2.39 -36.27
N ALA D 298 37.36 -3.06 -36.40
CA ALA D 298 38.60 -2.45 -36.87
C ALA D 298 38.61 -2.27 -38.39
N VAL D 299 39.09 -1.13 -38.86
CA VAL D 299 39.17 -0.83 -40.29
C VAL D 299 40.53 -0.25 -40.64
N PRO D 300 41.26 -0.90 -41.56
CA PRO D 300 42.63 -0.49 -41.90
C PRO D 300 42.66 0.92 -42.49
N GLY D 301 43.81 1.59 -42.37
CA GLY D 301 44.00 2.90 -42.96
C GLY D 301 43.32 4.02 -42.20
N GLY D 302 43.38 3.96 -40.87
CA GLY D 302 42.76 4.97 -40.03
C GLY D 302 43.70 6.10 -39.65
N LEU D 303 43.26 6.96 -38.73
CA LEU D 303 44.09 8.06 -38.25
C LEU D 303 45.33 7.52 -37.55
N THR D 304 46.46 8.20 -37.74
CA THR D 304 47.63 7.90 -36.90
C THR D 304 47.34 8.43 -35.51
N LEU D 305 48.14 8.03 -34.53
CA LEU D 305 47.94 8.52 -33.17
C LEU D 305 48.16 10.03 -33.15
N ARG D 306 49.14 10.49 -33.93
CA ARG D 306 49.48 11.91 -34.01
C ARG D 306 48.32 12.74 -34.56
N GLU D 307 47.68 12.23 -35.62
CA GLU D 307 46.49 12.89 -36.16
C GLU D 307 45.36 12.93 -35.13
N GLY D 308 45.21 11.83 -34.38
CA GLY D 308 44.23 11.77 -33.31
C GLY D 308 44.53 12.79 -32.22
N LEU D 309 45.81 12.91 -31.88
CA LEU D 309 46.25 13.88 -30.89
C LEU D 309 45.98 15.31 -31.34
N ARG D 310 46.26 15.61 -32.60
CA ARG D 310 46.02 16.95 -33.15
C ARG D 310 44.55 17.36 -33.01
N ILE D 311 43.64 16.46 -33.36
CA ILE D 311 42.22 16.71 -33.19
C ILE D 311 41.91 17.11 -31.74
N CYS D 312 42.36 16.30 -30.80
CA CYS D 312 42.07 16.55 -29.40
C CYS D 312 42.75 17.81 -28.85
N GLU D 313 43.99 18.06 -29.28
CA GLU D 313 44.71 19.25 -28.84
C GLU D 313 43.94 20.50 -29.30
N GLU D 314 43.55 20.50 -30.57
CA GLU D 314 42.81 21.65 -31.13
C GLU D 314 41.47 21.87 -30.45
N VAL D 315 40.66 20.81 -30.36
CA VAL D 315 39.38 20.89 -29.66
C VAL D 315 39.55 21.39 -28.21
N SER D 316 40.57 20.88 -27.52
CA SER D 316 40.84 21.32 -26.15
C SER D 316 41.15 22.81 -26.09
N ALA D 317 42.02 23.27 -26.99
CA ALA D 317 42.47 24.66 -27.01
C ALA D 317 41.38 25.69 -27.27
N THR D 318 40.25 25.26 -27.83
CA THR D 318 39.13 26.18 -28.04
C THR D 318 38.59 26.69 -26.71
N GLY D 319 38.90 25.96 -25.63
CA GLY D 319 38.36 26.27 -24.32
C GLY D 319 36.90 25.85 -24.19
N LYS D 320 36.35 25.27 -25.26
CA LYS D 320 34.92 24.94 -25.30
C LYS D 320 34.58 23.45 -25.15
N LEU D 321 35.58 22.61 -24.83
CA LEU D 321 35.31 21.19 -24.62
C LEU D 321 34.42 21.00 -23.41
N SER D 322 33.25 20.41 -23.62
CA SER D 322 32.24 20.27 -22.57
C SER D 322 32.06 18.81 -22.16
N VAL D 323 31.92 17.93 -23.14
CA VAL D 323 31.92 16.49 -22.92
C VAL D 323 32.87 15.83 -23.93
N VAL D 324 33.68 14.88 -23.45
CA VAL D 324 34.46 14.03 -24.35
C VAL D 324 34.20 12.56 -24.00
N GLU D 325 33.68 11.81 -24.95
CA GLU D 325 33.46 10.37 -24.73
C GLU D 325 34.35 9.51 -25.62
N LEU D 326 34.92 8.47 -25.02
CA LEU D 326 35.77 7.52 -25.75
C LEU D 326 35.07 6.16 -25.79
N ALA D 327 34.70 5.72 -26.98
CA ALA D 327 33.87 4.53 -27.13
C ALA D 327 34.58 3.37 -27.82
N GLU D 328 34.07 2.16 -27.58
CA GLU D 328 34.46 0.96 -28.31
C GLU D 328 35.80 0.31 -27.92
N LEU D 329 36.29 0.65 -26.72
CA LEU D 329 37.40 -0.11 -26.15
C LEU D 329 36.91 -1.52 -25.80
N ASN D 330 37.60 -2.55 -26.27
CA ASN D 330 37.28 -3.92 -25.87
C ASN D 330 38.55 -4.71 -25.52
N PRO D 331 38.88 -4.73 -24.23
CA PRO D 331 40.05 -5.39 -23.64
C PRO D 331 40.05 -6.91 -23.81
N LEU D 332 38.91 -7.47 -24.21
CA LEU D 332 38.81 -8.91 -24.42
C LEU D 332 39.13 -9.29 -25.86
N LEU D 333 39.63 -8.32 -26.64
CA LEU D 333 40.05 -8.59 -28.02
C LEU D 333 41.55 -8.39 -28.18
N GLY D 334 42.15 -9.19 -29.06
CA GLY D 334 43.56 -9.08 -29.38
C GLY D 334 44.46 -9.66 -28.30
N SER D 335 45.77 -9.52 -28.50
CA SER D 335 46.74 -10.05 -27.56
C SER D 335 46.89 -9.15 -26.34
N GLN D 336 47.69 -9.61 -25.38
CA GLN D 336 48.02 -8.78 -24.23
C GLN D 336 48.66 -7.47 -24.70
N GLU D 337 49.54 -7.56 -25.69
CA GLU D 337 50.18 -6.37 -26.26
C GLU D 337 49.20 -5.48 -27.02
N ASP D 338 48.28 -6.11 -27.75
CA ASP D 338 47.22 -5.38 -28.45
C ASP D 338 46.44 -4.49 -27.48
N VAL D 339 46.10 -5.05 -26.33
CA VAL D 339 45.35 -4.32 -25.31
C VAL D 339 46.17 -3.18 -24.72
N LEU D 340 47.44 -3.44 -24.42
CA LEU D 340 48.32 -2.39 -23.91
C LEU D 340 48.43 -1.22 -24.89
N LYS D 341 48.67 -1.54 -26.16
CA LYS D 341 48.71 -0.54 -27.22
C LYS D 341 47.42 0.28 -27.22
N THR D 342 46.28 -0.41 -27.27
CA THR D 342 44.98 0.25 -27.31
C THR D 342 44.77 1.12 -26.08
N GLN D 343 45.15 0.61 -24.91
CA GLN D 343 45.06 1.36 -23.65
C GLN D 343 45.93 2.61 -23.67
N SER D 344 47.18 2.46 -24.11
CA SER D 344 48.11 3.58 -24.26
C SER D 344 47.54 4.66 -25.18
N SER D 345 47.07 4.24 -26.35
CA SER D 345 46.42 5.16 -27.28
C SER D 345 45.28 5.95 -26.63
N ALA D 346 44.44 5.25 -25.88
CA ALA D 346 43.29 5.87 -25.23
C ALA D 346 43.72 6.90 -24.18
N VAL D 347 44.77 6.58 -23.43
CA VAL D 347 45.25 7.45 -22.37
C VAL D 347 45.83 8.75 -22.93
N HIS D 348 46.66 8.62 -23.97
CA HIS D 348 47.24 9.77 -24.64
C HIS D 348 46.15 10.69 -25.20
N ILE D 349 45.15 10.09 -25.85
CA ILE D 349 44.05 10.82 -26.45
C ILE D 349 43.24 11.62 -25.41
N LEU D 350 42.89 10.97 -24.30
CA LEU D 350 42.12 11.61 -23.24
C LEU D 350 42.90 12.72 -22.53
N ARG D 351 44.20 12.50 -22.29
CA ARG D 351 45.05 13.52 -21.71
C ARG D 351 45.07 14.78 -22.57
N ALA D 352 45.29 14.59 -23.87
CA ALA D 352 45.32 15.70 -24.80
C ALA D 352 44.01 16.50 -24.72
N CYS D 353 42.89 15.79 -24.59
CA CYS D 353 41.58 16.43 -24.48
C CYS D 353 41.49 17.36 -23.29
N LEU D 354 42.10 16.98 -22.17
CA LEU D 354 42.01 17.79 -20.97
C LEU D 354 43.06 18.90 -20.95
N GLY D 355 43.99 18.86 -21.90
CA GLY D 355 44.92 19.96 -22.08
C GLY D 355 46.40 19.63 -22.07
N HIS D 356 46.75 18.35 -22.00
CA HIS D 356 48.17 18.00 -21.99
C HIS D 356 48.85 18.40 -23.29
N CYS D 357 50.04 18.97 -23.16
CA CYS D 357 50.79 19.53 -24.28
C CYS D 357 52.05 18.71 -24.56
N ARG D 358 52.18 18.22 -25.79
CA ARG D 358 53.35 17.44 -26.17
C ARG D 358 54.60 18.31 -26.15
N SER D 359 54.39 19.61 -26.32
CA SER D 359 55.48 20.57 -26.40
C SER D 359 55.94 21.06 -25.03
N GLY D 360 55.41 20.47 -23.98
CA GLY D 360 55.88 20.74 -22.64
C GLY D 360 55.03 21.70 -21.82
N HIS D 361 55.13 21.58 -20.50
CA HIS D 361 54.46 22.48 -19.58
C HIS D 361 55.49 23.10 -18.62
N LEU D 362 55.21 24.32 -18.17
CA LEU D 362 56.09 24.98 -17.21
C LEU D 362 55.84 24.43 -15.80
N PRO D 363 56.89 24.41 -14.97
CA PRO D 363 56.78 23.93 -13.59
C PRO D 363 55.81 24.79 -12.79
N PHE D 364 55.11 24.18 -11.82
CA PHE D 364 54.24 24.94 -10.94
C PHE D 364 55.05 25.75 -9.94
N LYS D 365 56.27 25.29 -9.67
CA LYS D 365 57.19 26.03 -8.82
C LYS D 365 58.63 25.76 -9.27
N VAL D 366 59.27 26.79 -9.82
CA VAL D 366 60.63 26.66 -10.32
C VAL D 366 61.61 26.41 -9.19
N ARG D 367 62.22 25.22 -9.21
CA ARG D 367 63.18 24.85 -8.17
C ARG D 367 64.50 25.58 -8.37
N ASN D 368 65.44 25.37 -7.46
CA ASN D 368 66.74 26.04 -7.51
C ASN D 368 67.68 25.55 -6.40
N LEU D 369 68.91 25.21 -6.77
CA LEU D 369 69.86 24.71 -5.79
C LEU D 369 70.48 25.82 -4.94
N THR D 370 70.10 27.06 -5.19
CA THR D 370 70.58 28.18 -4.39
C THR D 370 69.71 28.34 -3.15
N ASP D 371 68.42 28.06 -3.29
CA ASP D 371 67.50 28.14 -2.15
C ASP D 371 67.63 26.89 -1.28
N GLN D 372 68.04 25.78 -1.88
CA GLN D 372 68.26 24.54 -1.14
C GLN D 372 69.62 24.57 -0.46
N GLY D 373 70.41 25.59 -0.77
CA GLY D 373 71.70 25.80 -0.13
C GLY D 373 72.78 24.80 -0.49
N ILE D 374 72.83 24.41 -1.75
CA ILE D 374 73.88 23.51 -2.23
C ILE D 374 74.96 24.27 -2.99
N MET D 375 76.20 23.80 -2.87
CA MET D 375 77.33 24.42 -3.57
C MET D 375 77.34 24.01 -5.04
N SER D 376 77.11 24.98 -5.93
CA SER D 376 77.10 24.70 -7.36
C SER D 376 78.49 24.85 -7.97
N ARG D 377 78.73 24.12 -9.05
CA ARG D 377 79.99 24.21 -9.78
C ARG D 377 80.29 25.65 -10.19
N ALA D 378 79.25 26.36 -10.63
CA ALA D 378 79.37 27.75 -11.04
C ALA D 378 80.00 28.61 -9.94
N ALA D 379 79.55 28.41 -8.71
CA ALA D 379 80.09 29.13 -7.57
C ALA D 379 81.50 28.64 -7.24
N HIS D 380 81.67 27.34 -7.16
CA HIS D 380 82.95 26.73 -6.80
C HIS D 380 84.07 27.13 -7.76
N MET D 381 83.69 27.54 -8.97
CA MET D 381 84.68 27.94 -9.97
C MET D 381 84.78 29.46 -10.09
#